data_6XGL
# 
_entry.id   6XGL 
# 
_audit_conform.dict_name       mmcif_pdbx.dic 
_audit_conform.dict_version    5.380 
_audit_conform.dict_location   http://mmcif.pdb.org/dictionaries/ascii/mmcif_pdbx.dic 
# 
loop_
_database_2.database_id 
_database_2.database_code 
_database_2.pdbx_database_accession 
_database_2.pdbx_DOI 
PDB   6XGL         pdb_00006xgl 10.2210/pdb6xgl/pdb 
WWPDB D_1000249815 ?            ?                   
# 
_pdbx_database_status.status_code                     REL 
_pdbx_database_status.status_code_sf                  REL 
_pdbx_database_status.status_code_mr                  ? 
_pdbx_database_status.entry_id                        6XGL 
_pdbx_database_status.recvd_initial_deposition_date   2020-06-17 
_pdbx_database_status.SG_entry                        N 
_pdbx_database_status.deposit_site                    RCSB 
_pdbx_database_status.process_site                    RCSB 
_pdbx_database_status.status_code_cs                  ? 
_pdbx_database_status.status_code_nmr_data            ? 
_pdbx_database_status.methods_development_category    ? 
_pdbx_database_status.pdb_format_compatible           Y 
# 
loop_
_audit_author.name 
_audit_author.pdbx_ordinal 
_audit_author.identifier_ORCID 
'Simmons, C.R.'      1 0000-0002-2290-6132 
'MacCulloch, T.'     2 0000-0001-5875-3361 
'Stephanopoulos, N.' 3 0000-0001-7859-410X 
'Yan, H.'            4 0000-0001-7397-9852 
# 
_citation.abstract                  ? 
_citation.abstract_id_CAS           ? 
_citation.book_id_ISBN              ? 
_citation.book_publisher            ? 
_citation.book_publisher_city       ? 
_citation.book_title                ? 
_citation.coordinate_linkage        ? 
_citation.country                   UK 
_citation.database_id_Medline       ? 
_citation.details                   ? 
_citation.id                        primary 
_citation.journal_abbrev            'Nat Commun' 
_citation.journal_id_ASTM           ? 
_citation.journal_id_CSD            ? 
_citation.journal_id_ISSN           2041-1723 
_citation.journal_full              ? 
_citation.journal_issue             ? 
_citation.journal_volume            13 
_citation.language                  ? 
_citation.page_first                3112 
_citation.page_last                 3112 
_citation.title                     'The influence of Holliday junction sequence and dynamics on DNA crystal self-assembly.' 
_citation.year                      2022 
_citation.database_id_CSD           ? 
_citation.pdbx_database_id_DOI      10.1038/s41467-022-30779-6 
_citation.pdbx_database_id_PubMed   35662248 
_citation.unpublished_flag          ? 
# 
loop_
_citation_author.citation_id 
_citation_author.name 
_citation_author.ordinal 
_citation_author.identifier_ORCID 
primary 'Simmons, C.R.'      1  ?                   
primary 'MacCulloch, T.'     2  ?                   
primary 'Krepl, M.'          3  0000-0002-9833-4281 
primary 'Matthies, M.'       4  ?                   
primary 'Buchberger, A.'     5  ?                   
primary 'Crawford, I.'       6  ?                   
primary 'Sponer, J.'         7  0000-0001-6558-6186 
primary 'Sulc, P.'           8  0000-0003-1565-6769 
primary 'Stephanopoulos, N.' 9  0000-0001-7859-410X 
primary 'Yan, H.'            10 0000-0001-7397-9852 
# 
_cell.angle_alpha                  90.000 
_cell.angle_alpha_esd              ? 
_cell.angle_beta                   90.000 
_cell.angle_beta_esd               ? 
_cell.angle_gamma                  120.000 
_cell.angle_gamma_esd              ? 
_cell.entry_id                     6XGL 
_cell.details                      ? 
_cell.formula_units_Z              ? 
_cell.length_a                     68.816 
_cell.length_a_esd                 ? 
_cell.length_b                     68.816 
_cell.length_b_esd                 ? 
_cell.length_c                     60.564 
_cell.length_c_esd                 ? 
_cell.volume                       ? 
_cell.volume_esd                   ? 
_cell.Z_PDB                        3 
_cell.reciprocal_angle_alpha       ? 
_cell.reciprocal_angle_beta        ? 
_cell.reciprocal_angle_gamma       ? 
_cell.reciprocal_angle_alpha_esd   ? 
_cell.reciprocal_angle_beta_esd    ? 
_cell.reciprocal_angle_gamma_esd   ? 
_cell.reciprocal_length_a          ? 
_cell.reciprocal_length_b          ? 
_cell.reciprocal_length_c          ? 
_cell.reciprocal_length_a_esd      ? 
_cell.reciprocal_length_b_esd      ? 
_cell.reciprocal_length_c_esd      ? 
_cell.pdbx_unique_axis             ? 
# 
_symmetry.entry_id                         6XGL 
_symmetry.cell_setting                     ? 
_symmetry.Int_Tables_number                145 
_symmetry.space_group_name_Hall            ? 
_symmetry.space_group_name_H-M             'P 32' 
_symmetry.pdbx_full_space_group_name_H-M   ? 
# 
loop_
_entity.id 
_entity.type 
_entity.src_method 
_entity.pdbx_description 
_entity.formula_weight 
_entity.pdbx_number_of_molecules 
_entity.pdbx_ec 
_entity.pdbx_mutation 
_entity.pdbx_fragment 
_entity.details 
1 polymer     syn 
;DNA (5'-D(*GP*AP*GP*CP*AP*GP*AP*CP*GP*TP*G)-3')
;
3423.248 1 ? ? ? ? 
2 polymer     syn 
;DNA (5'-D(P*AP*CP*AP*CP*CP*AP*CP*TP*CP*A)-3')
;
2957.972 1 ? ? ? ? 
3 polymer     syn 
;DNA (5'-D(P*CP*AP*TP*GP*T)-3')
;
1495.023 1 ? ? ? ? 
4 polymer     syn 
;DNA (5'-D(*TP*CP*TP*GP*AP*GP*TP*GP*GP*CP*GP*TP*CP*TP*GP*C)-3')
;
4921.175 1 ? ? ? ? 
5 non-polymer syn 'CACODYLATE ION'                                                 136.989  2 ? ? ? ? 
6 non-polymer syn 'COBALT (II) ION'                                                58.933   1 ? ? ? ? 
# 
loop_
_entity_poly.entity_id 
_entity_poly.type 
_entity_poly.nstd_linkage 
_entity_poly.nstd_monomer 
_entity_poly.pdbx_seq_one_letter_code 
_entity_poly.pdbx_seq_one_letter_code_can 
_entity_poly.pdbx_strand_id 
_entity_poly.pdbx_target_identifier 
1 polydeoxyribonucleotide no no '(DG)(DA)(DG)(DC)(DA)(DG)(DA)(DC)(DG)(DT)(DG)'                     GAGCAGACGTG      A ? 
2 polydeoxyribonucleotide no no '(DA)(DC)(DA)(DC)(DC)(DA)(DC)(DT)(DC)(DA)'                         ACACCACTCA       B ? 
3 polydeoxyribonucleotide no no '(DC)(DA)(DT)(DG)(DT)'                                             CATGT            C ? 
4 polydeoxyribonucleotide no no '(DT)(DC)(DT)(DG)(DA)(DG)(DT)(DG)(DG)(DC)(DG)(DT)(DC)(DT)(DG)(DC)' TCTGAGTGGCGTCTGC D ? 
# 
loop_
_entity_poly_seq.entity_id 
_entity_poly_seq.num 
_entity_poly_seq.mon_id 
_entity_poly_seq.hetero 
1 1  DG n 
1 2  DA n 
1 3  DG n 
1 4  DC n 
1 5  DA n 
1 6  DG n 
1 7  DA n 
1 8  DC n 
1 9  DG n 
1 10 DT n 
1 11 DG n 
2 1  DA n 
2 2  DC n 
2 3  DA n 
2 4  DC n 
2 5  DC n 
2 6  DA n 
2 7  DC n 
2 8  DT n 
2 9  DC n 
2 10 DA n 
3 1  DC n 
3 2  DA n 
3 3  DT n 
3 4  DG n 
3 5  DT n 
4 1  DT n 
4 2  DC n 
4 3  DT n 
4 4  DG n 
4 5  DA n 
4 6  DG n 
4 7  DT n 
4 8  DG n 
4 9  DG n 
4 10 DC n 
4 11 DG n 
4 12 DT n 
4 13 DC n 
4 14 DT n 
4 15 DG n 
4 16 DC n 
# 
loop_
_pdbx_entity_src_syn.entity_id 
_pdbx_entity_src_syn.pdbx_src_id 
_pdbx_entity_src_syn.pdbx_alt_source_flag 
_pdbx_entity_src_syn.pdbx_beg_seq_num 
_pdbx_entity_src_syn.pdbx_end_seq_num 
_pdbx_entity_src_syn.organism_scientific 
_pdbx_entity_src_syn.organism_common_name 
_pdbx_entity_src_syn.ncbi_taxonomy_id 
_pdbx_entity_src_syn.details 
1 1 sample 1 11 'synthetic construct' ? 32630 ? 
2 1 sample 1 10 'synthetic construct' ? 32630 ? 
3 1 sample 1 5  'synthetic construct' ? 32630 ? 
4 1 sample 1 16 'synthetic construct' ? 32630 ? 
# 
loop_
_struct_ref.id 
_struct_ref.db_name 
_struct_ref.db_code 
_struct_ref.pdbx_db_accession 
_struct_ref.pdbx_db_isoform 
_struct_ref.entity_id 
_struct_ref.pdbx_seq_one_letter_code 
_struct_ref.pdbx_align_begin 
1 PDB 6XGL 6XGL ? 1 ? 1 
2 PDB 6XGL 6XGL ? 2 ? 1 
3 PDB 6XGL 6XGL ? 3 ? 1 
4 PDB 6XGL 6XGL ? 4 ? 1 
# 
loop_
_struct_ref_seq.align_id 
_struct_ref_seq.ref_id 
_struct_ref_seq.pdbx_PDB_id_code 
_struct_ref_seq.pdbx_strand_id 
_struct_ref_seq.seq_align_beg 
_struct_ref_seq.pdbx_seq_align_beg_ins_code 
_struct_ref_seq.seq_align_end 
_struct_ref_seq.pdbx_seq_align_end_ins_code 
_struct_ref_seq.pdbx_db_accession 
_struct_ref_seq.db_align_beg 
_struct_ref_seq.pdbx_db_align_beg_ins_code 
_struct_ref_seq.db_align_end 
_struct_ref_seq.pdbx_db_align_end_ins_code 
_struct_ref_seq.pdbx_auth_seq_align_beg 
_struct_ref_seq.pdbx_auth_seq_align_end 
1 1 6XGL A 1 ? 11 ? 6XGL 1  ? 11 ? 1  11 
2 2 6XGL B 1 ? 10 ? 6XGL 12 ? 21 ? 12 21 
3 3 6XGL C 1 ? 5  ? 6XGL 1  ? 5  ? 1  5  
4 4 6XGL D 1 ? 16 ? 6XGL 1  ? 16 ? 1  16 
# 
loop_
_chem_comp.id 
_chem_comp.type 
_chem_comp.mon_nstd_flag 
_chem_comp.name 
_chem_comp.pdbx_synonyms 
_chem_comp.formula 
_chem_comp.formula_weight 
CAC non-polymer   . 'CACODYLATE ION'                     dimethylarsinate 'C2 H6 As O2 -1'  136.989 
CO  non-polymer   . 'COBALT (II) ION'                    ?                'Co 2'            58.933  
DA  'DNA linking' y "2'-DEOXYADENOSINE-5'-MONOPHOSPHATE" ?                'C10 H14 N5 O6 P' 331.222 
DC  'DNA linking' y "2'-DEOXYCYTIDINE-5'-MONOPHOSPHATE"  ?                'C9 H14 N3 O7 P'  307.197 
DG  'DNA linking' y "2'-DEOXYGUANOSINE-5'-MONOPHOSPHATE" ?                'C10 H14 N5 O7 P' 347.221 
DT  'DNA linking' y "THYMIDINE-5'-MONOPHOSPHATE"         ?                'C10 H15 N2 O8 P' 322.208 
# 
_exptl.absorpt_coefficient_mu     ? 
_exptl.absorpt_correction_T_max   ? 
_exptl.absorpt_correction_T_min   ? 
_exptl.absorpt_correction_type    ? 
_exptl.absorpt_process_details    ? 
_exptl.entry_id                   6XGL 
_exptl.crystals_number            1 
_exptl.details                    ? 
_exptl.method                     'X-RAY DIFFRACTION' 
_exptl.method_details             ? 
# 
_exptl_crystal.colour                      ? 
_exptl_crystal.density_diffrn              ? 
_exptl_crystal.density_Matthews            6.47 
_exptl_crystal.density_method              ? 
_exptl_crystal.density_percent_sol         80.99 
_exptl_crystal.description                 ? 
_exptl_crystal.F_000                       ? 
_exptl_crystal.id                          1 
_exptl_crystal.preparation                 ? 
_exptl_crystal.size_max                    ? 
_exptl_crystal.size_mid                    ? 
_exptl_crystal.size_min                    ? 
_exptl_crystal.size_rad                    ? 
_exptl_crystal.colour_lustre               ? 
_exptl_crystal.colour_modifier             ? 
_exptl_crystal.colour_primary              ? 
_exptl_crystal.density_meas                ? 
_exptl_crystal.density_meas_esd            ? 
_exptl_crystal.density_meas_gt             ? 
_exptl_crystal.density_meas_lt             ? 
_exptl_crystal.density_meas_temp           ? 
_exptl_crystal.density_meas_temp_esd       ? 
_exptl_crystal.density_meas_temp_gt        ? 
_exptl_crystal.density_meas_temp_lt        ? 
_exptl_crystal.pdbx_crystal_image_url      ? 
_exptl_crystal.pdbx_crystal_image_format   ? 
_exptl_crystal.pdbx_mosaicity              ? 
_exptl_crystal.pdbx_mosaicity_esd          ? 
# 
_exptl_crystal_grow.apparatus       ? 
_exptl_crystal_grow.atmosphere      ? 
_exptl_crystal_grow.crystal_id      1 
_exptl_crystal_grow.details         ? 
_exptl_crystal_grow.method          'VAPOR DIFFUSION, SITTING DROP' 
_exptl_crystal_grow.method_ref      ? 
_exptl_crystal_grow.pH              ? 
_exptl_crystal_grow.pressure        ? 
_exptl_crystal_grow.pressure_esd    ? 
_exptl_crystal_grow.seeding         ? 
_exptl_crystal_grow.seeding_ref     ? 
_exptl_crystal_grow.temp            298 
_exptl_crystal_grow.temp_details    'temperature gradient generated from 60 to 25 C at 0.3 degrees per hour' 
_exptl_crystal_grow.temp_esd        ? 
_exptl_crystal_grow.time            ? 
_exptl_crystal_grow.pdbx_details    
;0.5 mL of 0.05 M Cacodylate pH 7.0 with 20 mM MgCl2, 1.0 mM spermine, 1.0 mM CoH18N6, and 15% Ethanol was added to the reservoir with 2 uL added to the drop containing 4 uL of DNA stock
;
_exptl_crystal_grow.pdbx_pH_range   ? 
# 
_diffrn.ambient_environment              ? 
_diffrn.ambient_temp                     100 
_diffrn.ambient_temp_details             ? 
_diffrn.ambient_temp_esd                 ? 
_diffrn.crystal_id                       1 
_diffrn.crystal_support                  ? 
_diffrn.crystal_treatment                ? 
_diffrn.details                          ? 
_diffrn.id                               1 
_diffrn.ambient_pressure                 ? 
_diffrn.ambient_pressure_esd             ? 
_diffrn.ambient_pressure_gt              ? 
_diffrn.ambient_pressure_lt              ? 
_diffrn.ambient_temp_gt                  ? 
_diffrn.ambient_temp_lt                  ? 
_diffrn.pdbx_serial_crystal_experiment   N 
# 
_diffrn_detector.details                      ? 
_diffrn_detector.detector                     PIXEL 
_diffrn_detector.diffrn_id                    1 
_diffrn_detector.type                         'DECTRIS PILATUS3 6M' 
_diffrn_detector.area_resol_mean              ? 
_diffrn_detector.dtime                        ? 
_diffrn_detector.pdbx_frames_total            ? 
_diffrn_detector.pdbx_collection_time_total   ? 
_diffrn_detector.pdbx_collection_date         2018-04-15 
_diffrn_detector.pdbx_frequency               ? 
# 
_diffrn_radiation.collimation                      ? 
_diffrn_radiation.diffrn_id                        1 
_diffrn_radiation.filter_edge                      ? 
_diffrn_radiation.inhomogeneity                    ? 
_diffrn_radiation.monochromator                    ? 
_diffrn_radiation.polarisn_norm                    ? 
_diffrn_radiation.polarisn_ratio                   ? 
_diffrn_radiation.probe                            ? 
_diffrn_radiation.type                             ? 
_diffrn_radiation.xray_symbol                      ? 
_diffrn_radiation.wavelength_id                    1 
_diffrn_radiation.pdbx_monochromatic_or_laue_m_l   M 
_diffrn_radiation.pdbx_wavelength_list             ? 
_diffrn_radiation.pdbx_wavelength                  ? 
_diffrn_radiation.pdbx_diffrn_protocol             'SINGLE WAVELENGTH' 
_diffrn_radiation.pdbx_analyzer                    ? 
_diffrn_radiation.pdbx_scattering_type             x-ray 
# 
_diffrn_radiation_wavelength.id           1 
_diffrn_radiation_wavelength.wavelength   0.92 
_diffrn_radiation_wavelength.wt           1.0 
# 
_diffrn_source.current                     ? 
_diffrn_source.details                     ? 
_diffrn_source.diffrn_id                   1 
_diffrn_source.power                       ? 
_diffrn_source.size                        ? 
_diffrn_source.source                      SYNCHROTRON 
_diffrn_source.target                      ? 
_diffrn_source.type                        'ALS BEAMLINE 5.0.2' 
_diffrn_source.voltage                     ? 
_diffrn_source.take-off_angle              ? 
_diffrn_source.pdbx_wavelength_list        0.92 
_diffrn_source.pdbx_wavelength             ? 
_diffrn_source.pdbx_synchrotron_beamline   5.0.2 
_diffrn_source.pdbx_synchrotron_site       ALS 
# 
_reflns.B_iso_Wilson_estimate            91.570 
_reflns.entry_id                         6XGL 
_reflns.data_reduction_details           ? 
_reflns.data_reduction_method            ? 
_reflns.d_resolution_high                3.150 
_reflns.d_resolution_low                 50.000 
_reflns.details                          ? 
_reflns.limit_h_max                      ? 
_reflns.limit_h_min                      ? 
_reflns.limit_k_max                      ? 
_reflns.limit_k_min                      ? 
_reflns.limit_l_max                      ? 
_reflns.limit_l_min                      ? 
_reflns.number_all                       ? 
_reflns.number_obs                       4722 
_reflns.observed_criterion               ? 
_reflns.observed_criterion_F_max         ? 
_reflns.observed_criterion_F_min         ? 
_reflns.observed_criterion_I_max         ? 
_reflns.observed_criterion_I_min         ? 
_reflns.observed_criterion_sigma_F       ? 
_reflns.observed_criterion_sigma_I       ? 
_reflns.percent_possible_obs             87.300 
_reflns.R_free_details                   ? 
_reflns.Rmerge_F_all                     ? 
_reflns.Rmerge_F_obs                     ? 
_reflns.Friedel_coverage                 ? 
_reflns.number_gt                        ? 
_reflns.threshold_expression             ? 
_reflns.pdbx_redundancy                  8.900 
_reflns.pdbx_Rmerge_I_obs                0.119 
_reflns.pdbx_Rmerge_I_all                ? 
_reflns.pdbx_Rsym_value                  ? 
_reflns.pdbx_netI_over_av_sigmaI         ? 
_reflns.pdbx_netI_over_sigmaI            6.000 
_reflns.pdbx_res_netI_over_av_sigmaI_2   ? 
_reflns.pdbx_res_netI_over_sigmaI_2      ? 
_reflns.pdbx_chi_squared                 2.194 
_reflns.pdbx_scaling_rejects             ? 
_reflns.pdbx_d_res_high_opt              ? 
_reflns.pdbx_d_res_low_opt               ? 
_reflns.pdbx_d_res_opt_method            ? 
_reflns.phase_calculation_details        ? 
_reflns.pdbx_Rrim_I_all                  0.127 
_reflns.pdbx_Rpim_I_all                  0.042 
_reflns.pdbx_d_opt                       ? 
_reflns.pdbx_number_measured_all         41936 
_reflns.pdbx_diffrn_id                   1 
_reflns.pdbx_ordinal                     1 
_reflns.pdbx_CC_half                     ? 
_reflns.pdbx_CC_star                     ? 
_reflns.pdbx_R_split                     ? 
# 
loop_
_reflns_shell.d_res_high 
_reflns_shell.d_res_low 
_reflns_shell.meanI_over_sigI_all 
_reflns_shell.meanI_over_sigI_obs 
_reflns_shell.number_measured_all 
_reflns_shell.number_measured_obs 
_reflns_shell.number_possible 
_reflns_shell.number_unique_all 
_reflns_shell.number_unique_obs 
_reflns_shell.percent_possible_all 
_reflns_shell.percent_possible_obs 
_reflns_shell.Rmerge_F_all 
_reflns_shell.Rmerge_F_obs 
_reflns_shell.Rmerge_I_all 
_reflns_shell.Rmerge_I_obs 
_reflns_shell.meanI_over_sigI_gt 
_reflns_shell.meanI_over_uI_all 
_reflns_shell.meanI_over_uI_gt 
_reflns_shell.number_measured_gt 
_reflns_shell.number_unique_gt 
_reflns_shell.percent_possible_gt 
_reflns_shell.Rmerge_F_gt 
_reflns_shell.Rmerge_I_gt 
_reflns_shell.pdbx_redundancy 
_reflns_shell.pdbx_Rsym_value 
_reflns_shell.pdbx_chi_squared 
_reflns_shell.pdbx_netI_over_sigmaI_all 
_reflns_shell.pdbx_netI_over_sigmaI_obs 
_reflns_shell.pdbx_Rrim_I_all 
_reflns_shell.pdbx_Rpim_I_all 
_reflns_shell.pdbx_rejects 
_reflns_shell.pdbx_ordinal 
_reflns_shell.pdbx_diffrn_id 
_reflns_shell.pdbx_CC_half 
_reflns_shell.pdbx_CC_star 
_reflns_shell.pdbx_R_split 
3.150 3.200  ? ? ? ? ? ? 154 55.000  ? ? ? ? 0.382 ? ? ? ? ? ? ? ? 5.600  ? 0.621 ? ? 0.414 0.154 ? 1  1 0.930 ? ? 
3.200 3.260  ? ? ? ? ? ? 163 60.400  ? ? ? ? 0.209 ? ? ? ? ? ? ? ? 6.400  ? 1.271 ? ? 0.224 0.078 ? 2  1 0.974 ? ? 
3.260 3.330  ? ? ? ? ? ? 170 63.900  ? ? ? ? 0.392 ? ? ? ? ? ? ? ? 6.100  ? 0.742 ? ? 0.421 0.148 ? 3  1 0.913 ? ? 
3.330 3.390  ? ? ? ? ? ? 205 70.700  ? ? ? ? 0.316 ? ? ? ? ? ? ? ? 6.600  ? 0.865 ? ? 0.339 0.118 ? 4  1 0.966 ? ? 
3.390 3.470  ? ? ? ? ? ? 194 72.700  ? ? ? ? 0.463 ? ? ? ? ? ? ? ? 7.000  ? 0.923 ? ? 0.496 0.175 ? 5  1 0.942 ? ? 
3.470 3.550  ? ? ? ? ? ? 189 73.800  ? ? ? ? 0.465 ? ? ? ? ? ? ? ? 7.000  ? 0.645 ? ? 0.496 0.170 ? 6  1 0.933 ? ? 
3.550 3.640  ? ? ? ? ? ? 223 79.100  ? ? ? ? 0.554 ? ? ? ? ? ? ? ? 7.300  ? 0.726 ? ? 0.595 0.210 ? 7  1 0.885 ? ? 
3.640 3.730  ? ? ? ? ? ? 221 83.700  ? ? ? ? 0.787 ? ? ? ? ? ? ? ? 7.900  ? 0.656 ? ? 0.841 0.289 ? 8  1 0.771 ? ? 
3.730 3.840  ? ? ? ? ? ? 236 92.500  ? ? ? ? 0.605 ? ? ? ? ? ? ? ? 7.700  ? 0.693 ? ? 0.647 0.222 ? 9  1 0.881 ? ? 
3.840 3.970  ? ? ? ? ? ? 288 99.000  ? ? ? ? 0.582 ? ? ? ? ? ? ? ? 8.200  ? 0.950 ? ? 0.621 0.211 ? 10 1 0.896 ? ? 
3.970 4.110  ? ? ? ? ? ? 263 100.000 ? ? ? ? 0.482 ? ? ? ? ? ? ? ? 9.800  ? 0.946 ? ? 0.508 0.161 ? 11 1 0.935 ? ? 
4.110 4.270  ? ? ? ? ? ? 281 100.000 ? ? ? ? 0.464 ? ? ? ? ? ? ? ? 10.300 ? 0.913 ? ? 0.489 0.152 ? 12 1 0.946 ? ? 
4.270 4.470  ? ? ? ? ? ? 248 100.000 ? ? ? ? 0.434 ? ? ? ? ? ? ? ? 10.500 ? 1.059 ? ? 0.457 0.141 ? 13 1 0.949 ? ? 
4.470 4.700  ? ? ? ? ? ? 272 100.000 ? ? ? ? 0.353 ? ? ? ? ? ? ? ? 10.500 ? 1.335 ? ? 0.371 0.114 ? 14 1 0.957 ? ? 
4.700 5.000  ? ? ? ? ? ? 273 100.000 ? ? ? ? 0.268 ? ? ? ? ? ? ? ? 10.000 ? 1.974 ? ? 0.283 0.090 ? 15 1 0.977 ? ? 
5.000 5.380  ? ? ? ? ? ? 273 100.000 ? ? ? ? 0.188 ? ? ? ? ? ? ? ? 10.300 ? 3.281 ? ? 0.198 0.061 ? 16 1 0.981 ? ? 
5.380 5.930  ? ? ? ? ? ? 275 100.000 ? ? ? ? 0.161 ? ? ? ? ? ? ? ? 11.000 ? 4.287 ? ? 0.169 0.051 ? 17 1 0.980 ? ? 
5.930 6.780  ? ? ? ? ? ? 267 100.000 ? ? ? ? 0.151 ? ? ? ? ? ? ? ? 10.600 ? 4.607 ? ? 0.159 0.049 ? 18 1 0.986 ? ? 
6.780 8.540  ? ? ? ? ? ? 266 99.600  ? ? ? ? 0.101 ? ? ? ? ? ? ? ? 9.900  ? 5.165 ? ? 0.108 0.035 ? 19 1 0.991 ? ? 
8.540 50.000 ? ? ? ? ? ? 261 96.000  ? ? ? ? 0.074 ? ? ? ? ? ? ? ? 9.500  ? 5.471 ? ? 0.080 0.028 ? 20 1 0.995 ? ? 
# 
_refine.aniso_B[1][1]                            ? 
_refine.aniso_B[1][2]                            ? 
_refine.aniso_B[1][3]                            ? 
_refine.aniso_B[2][2]                            ? 
_refine.aniso_B[2][3]                            ? 
_refine.aniso_B[3][3]                            ? 
_refine.B_iso_max                                189.770 
_refine.B_iso_mean                               111.8273 
_refine.B_iso_min                                64.850 
_refine.correlation_coeff_Fo_to_Fc               ? 
_refine.correlation_coeff_Fo_to_Fc_free          ? 
_refine.details                                  ? 
_refine.diff_density_max                         ? 
_refine.diff_density_max_esd                     ? 
_refine.diff_density_min                         ? 
_refine.diff_density_min_esd                     ? 
_refine.diff_density_rms                         ? 
_refine.diff_density_rms_esd                     ? 
_refine.entry_id                                 6XGL 
_refine.pdbx_refine_id                           'X-RAY DIFFRACTION' 
_refine.ls_abs_structure_details                 ? 
_refine.ls_abs_structure_Flack                   ? 
_refine.ls_abs_structure_Flack_esd               ? 
_refine.ls_abs_structure_Rogers                  ? 
_refine.ls_abs_structure_Rogers_esd              ? 
_refine.ls_d_res_high                            3.1730 
_refine.ls_d_res_low                             34.4080 
_refine.ls_extinction_coef                       ? 
_refine.ls_extinction_coef_esd                   ? 
_refine.ls_extinction_expression                 ? 
_refine.ls_extinction_method                     ? 
_refine.ls_goodness_of_fit_all                   ? 
_refine.ls_goodness_of_fit_all_esd               ? 
_refine.ls_goodness_of_fit_obs                   ? 
_refine.ls_goodness_of_fit_obs_esd               ? 
_refine.ls_hydrogen_treatment                    ? 
_refine.ls_matrix_type                           ? 
_refine.ls_number_constraints                    ? 
_refine.ls_number_parameters                     ? 
_refine.ls_number_reflns_all                     ? 
_refine.ls_number_reflns_obs                     4699 
_refine.ls_number_reflns_R_free                  467 
_refine.ls_number_reflns_R_work                  4232 
_refine.ls_number_restraints                     ? 
_refine.ls_percent_reflns_obs                    86.3300 
_refine.ls_percent_reflns_R_free                 9.9400 
_refine.ls_R_factor_all                          ? 
_refine.ls_R_factor_obs                          0.2320 
_refine.ls_R_factor_R_free                       0.2732 
_refine.ls_R_factor_R_free_error                 ? 
_refine.ls_R_factor_R_free_error_details         ? 
_refine.ls_R_factor_R_work                       0.2271 
_refine.ls_R_Fsqd_factor_obs                     ? 
_refine.ls_R_I_factor_obs                        ? 
_refine.ls_redundancy_reflns_all                 ? 
_refine.ls_redundancy_reflns_obs                 ? 
_refine.ls_restrained_S_all                      ? 
_refine.ls_restrained_S_obs                      ? 
_refine.ls_shift_over_esd_max                    ? 
_refine.ls_shift_over_esd_mean                   ? 
_refine.ls_structure_factor_coef                 ? 
_refine.ls_weighting_details                     ? 
_refine.ls_weighting_scheme                      ? 
_refine.ls_wR_factor_all                         ? 
_refine.ls_wR_factor_obs                         ? 
_refine.ls_wR_factor_R_free                      ? 
_refine.ls_wR_factor_R_work                      ? 
_refine.occupancy_max                            ? 
_refine.occupancy_min                            ? 
_refine.solvent_model_details                    'FLAT BULK SOLVENT MODEL' 
_refine.solvent_model_param_bsol                 ? 
_refine.solvent_model_param_ksol                 ? 
_refine.pdbx_R_complete                          ? 
_refine.ls_R_factor_gt                           ? 
_refine.ls_goodness_of_fit_gt                    ? 
_refine.ls_goodness_of_fit_ref                   ? 
_refine.ls_shift_over_su_max                     ? 
_refine.ls_shift_over_su_max_lt                  ? 
_refine.ls_shift_over_su_mean                    ? 
_refine.ls_shift_over_su_mean_lt                 ? 
_refine.pdbx_ls_sigma_I                          ? 
_refine.pdbx_ls_sigma_F                          1.960 
_refine.pdbx_ls_sigma_Fsqd                       ? 
_refine.pdbx_data_cutoff_high_absF               ? 
_refine.pdbx_data_cutoff_high_rms_absF           ? 
_refine.pdbx_data_cutoff_low_absF                ? 
_refine.pdbx_isotropic_thermal_model             ? 
_refine.pdbx_ls_cross_valid_method               THROUGHOUT 
_refine.pdbx_method_to_determine_struct          'MOLECULAR REPLACEMENT' 
_refine.pdbx_starting_model                      6x8c 
_refine.pdbx_stereochemistry_target_values       ML 
_refine.pdbx_R_Free_selection_details            ? 
_refine.pdbx_stereochem_target_val_spec_case     ? 
_refine.pdbx_overall_ESU_R                       ? 
_refine.pdbx_overall_ESU_R_Free                  ? 
_refine.pdbx_solvent_vdw_probe_radii             1.1100 
_refine.pdbx_solvent_ion_probe_radii             ? 
_refine.pdbx_solvent_shrinkage_radii             0.9000 
_refine.pdbx_real_space_R                        ? 
_refine.pdbx_density_correlation                 ? 
_refine.pdbx_pd_number_of_powder_patterns        ? 
_refine.pdbx_pd_number_of_points                 ? 
_refine.pdbx_pd_meas_number_of_points            ? 
_refine.pdbx_pd_proc_ls_prof_R_factor            ? 
_refine.pdbx_pd_proc_ls_prof_wR_factor           ? 
_refine.pdbx_pd_Marquardt_correlation_coeff      ? 
_refine.pdbx_pd_Fsqrd_R_factor                   ? 
_refine.pdbx_pd_ls_matrix_band_width             ? 
_refine.pdbx_overall_phase_error                 49.2600 
_refine.pdbx_overall_SU_R_free_Cruickshank_DPI   ? 
_refine.pdbx_overall_SU_R_free_Blow_DPI          ? 
_refine.pdbx_overall_SU_R_Blow_DPI               ? 
_refine.pdbx_TLS_residual_ADP_flag               ? 
_refine.pdbx_diffrn_id                           1 
_refine.overall_SU_B                             ? 
_refine.overall_SU_ML                            0.4800 
_refine.overall_SU_R_Cruickshank_DPI             ? 
_refine.overall_SU_R_free                        ? 
_refine.overall_FOM_free_R_set                   ? 
_refine.overall_FOM_work_R_set                   ? 
_refine.pdbx_average_fsc_overall                 ? 
_refine.pdbx_average_fsc_work                    ? 
_refine.pdbx_average_fsc_free                    ? 
# 
_refine_hist.pdbx_refine_id                   'X-RAY DIFFRACTION' 
_refine_hist.cycle_id                         final 
_refine_hist.details                          ? 
_refine_hist.d_res_high                       3.1730 
_refine_hist.d_res_low                        34.4080 
_refine_hist.number_atoms_solvent             0 
_refine_hist.number_atoms_total               858 
_refine_hist.number_reflns_all                ? 
_refine_hist.number_reflns_obs                ? 
_refine_hist.number_reflns_R_free             ? 
_refine_hist.number_reflns_R_work             ? 
_refine_hist.R_factor_all                     ? 
_refine_hist.R_factor_obs                     ? 
_refine_hist.R_factor_R_free                  ? 
_refine_hist.R_factor_R_work                  ? 
_refine_hist.pdbx_number_residues_total       42 
_refine_hist.pdbx_B_iso_mean_ligand           163.53 
_refine_hist.pdbx_B_iso_mean_solvent          ? 
_refine_hist.pdbx_number_atoms_protein        0 
_refine_hist.pdbx_number_atoms_nucleic_acid   855 
_refine_hist.pdbx_number_atoms_ligand         3 
_refine_hist.pdbx_number_atoms_lipid          ? 
_refine_hist.pdbx_number_atoms_carb           ? 
_refine_hist.pdbx_pseudo_atom_details         ? 
# 
loop_
_refine_ls_restr.pdbx_refine_id 
_refine_ls_restr.criterion 
_refine_ls_restr.dev_ideal 
_refine_ls_restr.dev_ideal_target 
_refine_ls_restr.number 
_refine_ls_restr.rejects 
_refine_ls_restr.type 
_refine_ls_restr.weight 
_refine_ls_restr.pdbx_restraint_function 
'X-RAY DIFFRACTION' ? 0.005  ? 956  ? f_bond_d           ? ? 
'X-RAY DIFFRACTION' ? 0.740  ? 1467 ? f_angle_d          ? ? 
'X-RAY DIFFRACTION' ? 0.033  ? 166  ? f_chiral_restr     ? ? 
'X-RAY DIFFRACTION' ? 0.003  ? 42   ? f_plane_restr      ? ? 
'X-RAY DIFFRACTION' ? 36.755 ? 406  ? f_dihedral_angle_d ? ? 
# 
loop_
_refine_ls_shell.pdbx_refine_id 
_refine_ls_shell.d_res_high 
_refine_ls_shell.d_res_low 
_refine_ls_shell.number_reflns_all 
_refine_ls_shell.number_reflns_obs 
_refine_ls_shell.number_reflns_R_free 
_refine_ls_shell.number_reflns_R_work 
_refine_ls_shell.percent_reflns_obs 
_refine_ls_shell.percent_reflns_R_free 
_refine_ls_shell.R_factor_all 
_refine_ls_shell.R_factor_obs 
_refine_ls_shell.R_factor_R_free 
_refine_ls_shell.R_factor_R_free_error 
_refine_ls_shell.R_factor_R_work 
_refine_ls_shell.redundancy_reflns_all 
_refine_ls_shell.redundancy_reflns_obs 
_refine_ls_shell.wR_factor_all 
_refine_ls_shell.wR_factor_obs 
_refine_ls_shell.wR_factor_R_free 
_refine_ls_shell.wR_factor_R_work 
_refine_ls_shell.pdbx_R_complete 
_refine_ls_shell.pdbx_total_number_of_bins_used 
_refine_ls_shell.pdbx_phase_error 
_refine_ls_shell.pdbx_fsc_work 
_refine_ls_shell.pdbx_fsc_free 
'X-RAY DIFFRACTION' 3.173  3.6312  . . 112 1085 66.0000 . . . 0.3326 0.0000 0.3464 . . . . . . . . . . . 
'X-RAY DIFFRACTION' 3.6312 4.5732  . . 172 1549 94.0000 . . . 0.3895 0.0000 0.3690 . . . . . . . . . . . 
'X-RAY DIFFRACTION' 4.5732 34.4080 . . 183 1598 99.0000 . . . 0.2350 0.0000 0.1779 . . . . . . . . . . . 
# 
_struct.entry_id                     6XGL 
_struct.title                        
'Self-assembly of a 3D DNA crystal lattice (4x5 junction version) containing the J36 immobile Holliday junction' 
_struct.pdbx_model_details           ? 
_struct.pdbx_formula_weight          ? 
_struct.pdbx_formula_weight_method   ? 
_struct.pdbx_model_type_details      ? 
_struct.pdbx_CASP_flag               N 
# 
_struct_keywords.entry_id        6XGL 
_struct_keywords.text            
'Structural DNA nanotechnology, immobile Holliday junctions, 3D DNA self-assembly, designer DNA crystals, DNA' 
_struct_keywords.pdbx_keywords   DNA 
# 
loop_
_struct_asym.id 
_struct_asym.pdbx_blank_PDB_chainid_flag 
_struct_asym.pdbx_modified 
_struct_asym.entity_id 
_struct_asym.details 
A N N 1 ? 
B N N 2 ? 
C N N 3 ? 
D N N 4 ? 
E N N 5 ? 
F N N 5 ? 
G N N 6 ? 
# 
loop_
_struct_conn.id 
_struct_conn.conn_type_id 
_struct_conn.pdbx_leaving_atom_flag 
_struct_conn.pdbx_PDB_id 
_struct_conn.ptnr1_label_asym_id 
_struct_conn.ptnr1_label_comp_id 
_struct_conn.ptnr1_label_seq_id 
_struct_conn.ptnr1_label_atom_id 
_struct_conn.pdbx_ptnr1_label_alt_id 
_struct_conn.pdbx_ptnr1_PDB_ins_code 
_struct_conn.pdbx_ptnr1_standard_comp_id 
_struct_conn.ptnr1_symmetry 
_struct_conn.ptnr2_label_asym_id 
_struct_conn.ptnr2_label_comp_id 
_struct_conn.ptnr2_label_seq_id 
_struct_conn.ptnr2_label_atom_id 
_struct_conn.pdbx_ptnr2_label_alt_id 
_struct_conn.pdbx_ptnr2_PDB_ins_code 
_struct_conn.ptnr1_auth_asym_id 
_struct_conn.ptnr1_auth_comp_id 
_struct_conn.ptnr1_auth_seq_id 
_struct_conn.ptnr2_auth_asym_id 
_struct_conn.ptnr2_auth_comp_id 
_struct_conn.ptnr2_auth_seq_id 
_struct_conn.ptnr2_symmetry 
_struct_conn.pdbx_ptnr3_label_atom_id 
_struct_conn.pdbx_ptnr3_label_seq_id 
_struct_conn.pdbx_ptnr3_label_comp_id 
_struct_conn.pdbx_ptnr3_label_asym_id 
_struct_conn.pdbx_ptnr3_label_alt_id 
_struct_conn.pdbx_ptnr3_PDB_ins_code 
_struct_conn.details 
_struct_conn.pdbx_dist_value 
_struct_conn.pdbx_value_order 
_struct_conn.pdbx_role 
hydrog1  hydrog ? ? A DG 3  N2 ? ? ? 1_555 D DC 16 N3 ? ? A DG 3  D DC 16 1_555 ? ? ? ? ? ? 'DG-DC PAIR' ? ? ? 
hydrog2  hydrog ? ? A DC 4  N3 ? ? ? 1_555 D DG 15 N1 ? ? A DC 4  D DG 15 1_555 ? ? ? ? ? ? WATSON-CRICK ? ? ? 
hydrog3  hydrog ? ? A DC 4  N4 ? ? ? 1_555 D DG 15 O6 ? ? A DC 4  D DG 15 1_555 ? ? ? ? ? ? WATSON-CRICK ? ? ? 
hydrog4  hydrog ? ? A DC 4  O2 ? ? ? 1_555 D DG 15 N2 ? ? A DC 4  D DG 15 1_555 ? ? ? ? ? ? WATSON-CRICK ? ? ? 
hydrog5  hydrog ? ? A DA 5  N1 ? ? ? 1_555 D DT 14 N3 ? ? A DA 5  D DT 14 1_555 ? ? ? ? ? ? WATSON-CRICK ? ? ? 
hydrog6  hydrog ? ? A DA 5  N6 ? ? ? 1_555 D DT 14 O4 ? ? A DA 5  D DT 14 1_555 ? ? ? ? ? ? WATSON-CRICK ? ? ? 
hydrog7  hydrog ? ? A DG 6  N1 ? ? ? 1_555 D DC 13 N3 ? ? A DG 6  D DC 13 1_555 ? ? ? ? ? ? WATSON-CRICK ? ? ? 
hydrog8  hydrog ? ? A DG 6  N2 ? ? ? 1_555 D DC 13 O2 ? ? A DG 6  D DC 13 1_555 ? ? ? ? ? ? WATSON-CRICK ? ? ? 
hydrog9  hydrog ? ? A DG 6  O6 ? ? ? 1_555 D DC 13 N4 ? ? A DG 6  D DC 13 1_555 ? ? ? ? ? ? WATSON-CRICK ? ? ? 
hydrog10 hydrog ? ? A DA 7  N1 ? ? ? 1_555 D DT 12 N3 ? ? A DA 7  D DT 12 1_555 ? ? ? ? ? ? WATSON-CRICK ? ? ? 
hydrog11 hydrog ? ? A DA 7  N6 ? ? ? 1_555 D DT 12 O4 ? ? A DA 7  D DT 12 1_555 ? ? ? ? ? ? WATSON-CRICK ? ? ? 
hydrog12 hydrog ? ? A DC 8  N3 ? ? ? 1_555 D DG 11 N1 ? ? A DC 8  D DG 11 1_555 ? ? ? ? ? ? WATSON-CRICK ? ? ? 
hydrog13 hydrog ? ? A DC 8  N4 ? ? ? 1_555 D DG 11 O6 ? ? A DC 8  D DG 11 1_555 ? ? ? ? ? ? WATSON-CRICK ? ? ? 
hydrog14 hydrog ? ? A DC 8  O2 ? ? ? 1_555 D DG 11 N2 ? ? A DC 8  D DG 11 1_555 ? ? ? ? ? ? WATSON-CRICK ? ? ? 
hydrog15 hydrog ? ? A DG 9  N1 ? ? ? 1_555 D DC 10 N3 ? ? A DG 9  D DC 10 1_555 ? ? ? ? ? ? WATSON-CRICK ? ? ? 
hydrog16 hydrog ? ? A DG 9  N2 ? ? ? 1_555 D DC 10 O2 ? ? A DG 9  D DC 10 1_555 ? ? ? ? ? ? WATSON-CRICK ? ? ? 
hydrog17 hydrog ? ? A DG 9  O6 ? ? ? 1_555 D DC 10 N4 ? ? A DG 9  D DC 10 1_555 ? ? ? ? ? ? WATSON-CRICK ? ? ? 
hydrog18 hydrog ? ? A DT 10 N3 ? ? ? 1_555 C DA 2  N1 ? ? A DT 10 C DA 2  1_555 ? ? ? ? ? ? WATSON-CRICK ? ? ? 
hydrog19 hydrog ? ? A DT 10 O4 ? ? ? 1_555 C DA 2  N6 ? ? A DT 10 C DA 2  1_555 ? ? ? ? ? ? WATSON-CRICK ? ? ? 
hydrog20 hydrog ? ? A DG 11 N1 ? ? ? 1_555 C DC 1  N3 ? ? A DG 11 C DC 1  1_555 ? ? ? ? ? ? WATSON-CRICK ? ? ? 
hydrog21 hydrog ? ? A DG 11 N2 ? ? ? 1_555 C DC 1  O2 ? ? A DG 11 C DC 1  1_555 ? ? ? ? ? ? WATSON-CRICK ? ? ? 
hydrog22 hydrog ? ? A DG 11 O6 ? ? ? 1_555 C DC 1  N4 ? ? A DG 11 C DC 1  1_555 ? ? ? ? ? ? WATSON-CRICK ? ? ? 
hydrog23 hydrog ? ? B DA 1  N1 ? ? ? 1_555 C DT 5  N3 ? ? B DA 12 C DT 5  1_555 ? ? ? ? ? ? WATSON-CRICK ? ? ? 
hydrog24 hydrog ? ? B DA 1  N6 ? ? ? 1_555 C DT 5  O4 ? ? B DA 12 C DT 5  1_555 ? ? ? ? ? ? WATSON-CRICK ? ? ? 
hydrog25 hydrog ? ? B DC 2  N3 ? ? ? 1_555 C DG 4  N1 ? ? B DC 13 C DG 4  1_555 ? ? ? ? ? ? WATSON-CRICK ? ? ? 
hydrog26 hydrog ? ? B DC 2  N4 ? ? ? 1_555 C DG 4  O6 ? ? B DC 13 C DG 4  1_555 ? ? ? ? ? ? WATSON-CRICK ? ? ? 
hydrog27 hydrog ? ? B DC 2  O2 ? ? ? 1_555 C DG 4  N2 ? ? B DC 13 C DG 4  1_555 ? ? ? ? ? ? WATSON-CRICK ? ? ? 
hydrog28 hydrog ? ? B DA 3  N1 ? ? ? 1_555 C DT 3  N3 ? ? B DA 14 C DT 3  1_555 ? ? ? ? ? ? WATSON-CRICK ? ? ? 
hydrog29 hydrog ? ? B DA 3  N6 ? ? ? 1_555 C DT 3  O4 ? ? B DA 14 C DT 3  1_555 ? ? ? ? ? ? WATSON-CRICK ? ? ? 
hydrog30 hydrog ? ? B DC 4  N3 ? ? ? 1_555 D DG 9  N1 ? ? B DC 15 D DG 9  1_555 ? ? ? ? ? ? WATSON-CRICK ? ? ? 
hydrog31 hydrog ? ? B DC 4  N4 ? ? ? 1_555 D DG 9  O6 ? ? B DC 15 D DG 9  1_555 ? ? ? ? ? ? WATSON-CRICK ? ? ? 
hydrog32 hydrog ? ? B DC 4  O2 ? ? ? 1_555 D DG 9  N2 ? ? B DC 15 D DG 9  1_555 ? ? ? ? ? ? WATSON-CRICK ? ? ? 
hydrog33 hydrog ? ? B DC 5  N3 ? ? ? 1_555 D DG 8  N1 ? ? B DC 16 D DG 8  1_555 ? ? ? ? ? ? WATSON-CRICK ? ? ? 
hydrog34 hydrog ? ? B DC 5  N4 ? ? ? 1_555 D DG 8  O6 ? ? B DC 16 D DG 8  1_555 ? ? ? ? ? ? WATSON-CRICK ? ? ? 
hydrog35 hydrog ? ? B DC 5  O2 ? ? ? 1_555 D DG 8  N2 ? ? B DC 16 D DG 8  1_555 ? ? ? ? ? ? WATSON-CRICK ? ? ? 
hydrog36 hydrog ? ? B DA 6  N1 ? ? ? 1_555 D DT 7  N3 ? ? B DA 17 D DT 7  1_555 ? ? ? ? ? ? WATSON-CRICK ? ? ? 
hydrog37 hydrog ? ? B DA 6  N6 ? ? ? 1_555 D DT 7  O4 ? ? B DA 17 D DT 7  1_555 ? ? ? ? ? ? WATSON-CRICK ? ? ? 
hydrog38 hydrog ? ? B DC 7  N3 ? ? ? 1_555 D DG 6  N1 ? ? B DC 18 D DG 6  1_555 ? ? ? ? ? ? WATSON-CRICK ? ? ? 
hydrog39 hydrog ? ? B DC 7  N4 ? ? ? 1_555 D DG 6  O6 ? ? B DC 18 D DG 6  1_555 ? ? ? ? ? ? WATSON-CRICK ? ? ? 
hydrog40 hydrog ? ? B DC 7  O2 ? ? ? 1_555 D DG 6  N2 ? ? B DC 18 D DG 6  1_555 ? ? ? ? ? ? WATSON-CRICK ? ? ? 
hydrog41 hydrog ? ? B DT 8  N3 ? ? ? 1_555 D DA 5  N1 ? ? B DT 19 D DA 5  1_555 ? ? ? ? ? ? WATSON-CRICK ? ? ? 
hydrog42 hydrog ? ? B DT 8  O4 ? ? ? 1_555 D DA 5  N6 ? ? B DT 19 D DA 5  1_555 ? ? ? ? ? ? WATSON-CRICK ? ? ? 
hydrog43 hydrog ? ? B DC 9  O2 ? ? ? 1_555 D DG 4  N2 ? ? B DC 20 D DG 4  1_555 ? ? ? ? ? ? 'DC-DG PAIR' ? ? ? 
hydrog44 hydrog ? ? B DA 10 N1 ? ? ? 1_555 D DT 3  N3 ? ? B DA 21 D DT 3  1_555 ? ? ? ? ? ? WATSON-CRICK ? ? ? 
hydrog45 hydrog ? ? B DA 10 N6 ? ? ? 1_555 D DT 3  O4 ? ? B DA 21 D DT 3  1_555 ? ? ? ? ? ? WATSON-CRICK ? ? ? 
# 
_struct_conn_type.id          hydrog 
_struct_conn_type.criteria    ? 
_struct_conn_type.reference   ? 
# 
_atom_sites.entry_id                    6XGL 
_atom_sites.Cartn_transf_matrix[1][1]   ? 
_atom_sites.Cartn_transf_matrix[1][2]   ? 
_atom_sites.Cartn_transf_matrix[1][3]   ? 
_atom_sites.Cartn_transf_matrix[2][1]   ? 
_atom_sites.Cartn_transf_matrix[2][2]   ? 
_atom_sites.Cartn_transf_matrix[2][3]   ? 
_atom_sites.Cartn_transf_matrix[3][1]   ? 
_atom_sites.Cartn_transf_matrix[3][2]   ? 
_atom_sites.Cartn_transf_matrix[3][3]   ? 
_atom_sites.Cartn_transf_vector[1]      ? 
_atom_sites.Cartn_transf_vector[2]      ? 
_atom_sites.Cartn_transf_vector[3]      ? 
_atom_sites.fract_transf_matrix[1][1]   -0.01443317 
_atom_sites.fract_transf_matrix[1][2]   0.00494633 
_atom_sites.fract_transf_matrix[1][3]   -0.00698488 
_atom_sites.fract_transf_matrix[2][1]   -0.00737688 
_atom_sites.fract_transf_matrix[2][2]   0.01417353 
_atom_sites.fract_transf_matrix[2][3]   0.00512457 
_atom_sites.fract_transf_matrix[3][1]   0.00841968 
_atom_sites.fract_transf_matrix[3][2]   0.00849702 
_atom_sites.fract_transf_matrix[3][3]   -0.01138081 
_atom_sites.fract_transf_vector[1]      0.173782 
_atom_sites.fract_transf_vector[2]      -0.614837 
_atom_sites.fract_transf_vector[3]      -0.080376 
_atom_sites.solution_primary            ? 
_atom_sites.solution_secondary          ? 
_atom_sites.solution_hydrogens          ? 
_atom_sites.special_details             ? 
# 
loop_
_atom_type.symbol 
AS 
C  
CO 
N  
O  
P  
# 
loop_
_atom_site.group_PDB 
_atom_site.id 
_atom_site.type_symbol 
_atom_site.label_atom_id 
_atom_site.label_alt_id 
_atom_site.label_comp_id 
_atom_site.label_asym_id 
_atom_site.label_entity_id 
_atom_site.label_seq_id 
_atom_site.pdbx_PDB_ins_code 
_atom_site.Cartn_x 
_atom_site.Cartn_y 
_atom_site.Cartn_z 
_atom_site.occupancy 
_atom_site.B_iso_or_equiv 
_atom_site.pdbx_formal_charge 
_atom_site.auth_seq_id 
_atom_site.auth_comp_id 
_atom_site.auth_asym_id 
_atom_site.auth_atom_id 
_atom_site.pdbx_PDB_model_num 
ATOM   1   O  "O5'" . DG  A 1 1  ? 12.775  -12.863 18.474  1.00 130.97 ? 1   DG  A "O5'" 1 
ATOM   2   C  "C5'" . DG  A 1 1  ? 12.721  -14.247 18.161  1.00 129.74 ? 1   DG  A "C5'" 1 
ATOM   3   C  "C4'" . DG  A 1 1  ? 13.760  -14.601 17.114  1.00 129.82 ? 1   DG  A "C4'" 1 
ATOM   4   O  "O4'" . DG  A 1 1  ? 13.611  -15.987 16.751  1.00 125.28 ? 1   DG  A "O4'" 1 
ATOM   5   C  "C3'" . DG  A 1 1  ? 13.630  -13.838 15.809  1.00 129.37 ? 1   DG  A "C3'" 1 
ATOM   6   O  "O3'" . DG  A 1 1  ? 14.371  -12.629 15.881  1.00 131.49 ? 1   DG  A "O3'" 1 
ATOM   7   C  "C2'" . DG  A 1 1  ? 14.242  -14.794 14.788  1.00 126.57 ? 1   DG  A "C2'" 1 
ATOM   8   C  "C1'" . DG  A 1 1  ? 14.012  -16.174 15.409  1.00 124.57 ? 1   DG  A "C1'" 1 
ATOM   9   N  N9    . DG  A 1 1  ? 13.007  -16.994 14.724  1.00 124.51 ? 1   DG  A N9    1 
ATOM   10  C  C8    . DG  A 1 1  ? 12.014  -17.739 15.312  1.00 122.38 ? 1   DG  A C8    1 
ATOM   11  N  N7    . DG  A 1 1  ? 11.272  -18.388 14.459  1.00 120.38 ? 1   DG  A N7    1 
ATOM   12  C  C5    . DG  A 1 1  ? 11.810  -18.061 13.220  1.00 122.52 ? 1   DG  A C5    1 
ATOM   13  C  C6    . DG  A 1 1  ? 11.420  -18.467 11.921  1.00 121.93 ? 1   DG  A C6    1 
ATOM   14  O  O6    . DG  A 1 1  ? 10.492  -19.223 11.598  1.00 117.48 ? 1   DG  A O6    1 
ATOM   15  N  N1    . DG  A 1 1  ? 12.232  -17.900 10.938  1.00 122.16 ? 1   DG  A N1    1 
ATOM   16  C  C2    . DG  A 1 1  ? 13.287  -17.050 11.185  1.00 123.53 ? 1   DG  A C2    1 
ATOM   17  N  N2    . DG  A 1 1  ? 13.956  -16.602 10.113  1.00 123.09 ? 1   DG  A N2    1 
ATOM   18  N  N3    . DG  A 1 1  ? 13.661  -16.666 12.396  1.00 123.01 ? 1   DG  A N3    1 
ATOM   19  C  C4    . DG  A 1 1  ? 12.881  -17.205 13.364  1.00 123.66 ? 1   DG  A C4    1 
ATOM   20  P  P     . DA  A 1 2  ? 13.644  -11.215 15.653  1.00 142.18 ? 2   DA  A P     1 
ATOM   21  O  OP1   . DA  A 1 2  ? 14.111  -10.312 16.728  1.00 140.06 ? 2   DA  A OP1   1 
ATOM   22  O  OP2   . DA  A 1 2  ? 12.198  -11.469 15.470  1.00 135.57 ? 2   DA  A OP2   1 
ATOM   23  O  "O5'" . DA  A 1 2  ? 14.227  -10.696 14.257  1.00 134.75 ? 2   DA  A "O5'" 1 
ATOM   24  C  "C5'" . DA  A 1 2  ? 15.083  -11.528 13.486  1.00 127.89 ? 2   DA  A "C5'" 1 
ATOM   25  C  "C4'" . DA  A 1 2  ? 14.469  -11.821 12.130  1.00 126.66 ? 2   DA  A "C4'" 1 
ATOM   26  O  "O4'" . DA  A 1 2  ? 13.643  -13.016 12.209  1.00 126.19 ? 2   DA  A "O4'" 1 
ATOM   27  C  "C3'" . DA  A 1 2  ? 13.558  -10.722 11.585  1.00 129.23 ? 2   DA  A "C3'" 1 
ATOM   28  O  "O3'" . DA  A 1 2  ? 13.732  -10.622 10.182  1.00 132.65 ? 2   DA  A "O3'" 1 
ATOM   29  C  "C2'" . DA  A 1 2  ? 12.169  -11.246 11.932  1.00 127.89 ? 2   DA  A "C2'" 1 
ATOM   30  C  "C1'" . DA  A 1 2  ? 12.371  -12.726 11.675  1.00 123.97 ? 2   DA  A "C1'" 1 
ATOM   31  N  N9    . DA  A 1 2  ? 11.379  -13.587 12.310  1.00 123.71 ? 2   DA  A N9    1 
ATOM   32  C  C8    . DA  A 1 2  ? 11.060  -13.649 13.637  1.00 125.68 ? 2   DA  A C8    1 
ATOM   33  N  N7    . DA  A 1 2  ? 10.128  -14.530 13.918  1.00 125.03 ? 2   DA  A N7    1 
ATOM   34  C  C5    . DA  A 1 2  ? 9.816   -15.086 12.687  1.00 123.24 ? 2   DA  A C5    1 
ATOM   35  C  C6    . DA  A 1 2  ? 8.900   -16.082 12.298  1.00 124.09 ? 2   DA  A C6    1 
ATOM   36  N  N6    . DA  A 1 2  ? 8.096   -16.720 13.156  1.00 122.68 ? 2   DA  A N6    1 
ATOM   37  N  N1    . DA  A 1 2  ? 8.840   -16.398 10.988  1.00 121.67 ? 2   DA  A N1    1 
ATOM   38  C  C2    . DA  A 1 2  ? 9.646   -15.760 10.133  1.00 120.54 ? 2   DA  A C2    1 
ATOM   39  N  N3    . DA  A 1 2  ? 10.544  -14.809 10.380  1.00 121.36 ? 2   DA  A N3    1 
ATOM   40  C  C4    . DA  A 1 2  ? 10.580  -14.515 11.688  1.00 121.82 ? 2   DA  A C4    1 
ATOM   41  P  P     . DG  A 1 3  ? 13.299  -9.287  9.402   1.00 141.57 ? 3   DG  A P     1 
ATOM   42  O  OP1   . DG  A 1 3  ? 14.264  -8.223  9.760   1.00 133.60 ? 3   DG  A OP1   1 
ATOM   43  O  OP2   . DG  A 1 3  ? 11.852  -9.074  9.622   1.00 130.92 ? 3   DG  A OP2   1 
ATOM   44  O  "O5'" . DG  A 1 3  ? 13.495  -9.670  7.864   1.00 130.21 ? 3   DG  A "O5'" 1 
ATOM   45  C  "C5'" . DG  A 1 3  ? 12.684  -9.058  6.883   1.00 124.02 ? 3   DG  A "C5'" 1 
ATOM   46  C  "C4'" . DG  A 1 3  ? 11.641  -10.027 6.360   1.00 125.80 ? 3   DG  A "C4'" 1 
ATOM   47  O  "O4'" . DG  A 1 3  ? 11.220  -10.924 7.413   1.00 123.45 ? 3   DG  A "O4'" 1 
ATOM   48  C  "C3'" . DG  A 1 3  ? 10.368  -9.368  5.827   1.00 129.12 ? 3   DG  A "C3'" 1 
ATOM   49  O  "O3'" . DG  A 1 3  ? 10.203  -9.684  4.462   1.00 131.77 ? 3   DG  A "O3'" 1 
ATOM   50  C  "C2'" . DG  A 1 3  ? 9.236   -9.952  6.688   1.00 128.09 ? 3   DG  A "C2'" 1 
ATOM   51  C  "C1'" . DG  A 1 3  ? 9.859   -11.223 7.237   1.00 121.42 ? 3   DG  A "C1'" 1 
ATOM   52  N  N9    . DG  A 1 3  ? 9.314   -11.629 8.529   1.00 119.73 ? 3   DG  A N9    1 
ATOM   53  C  C8    . DG  A 1 3  ? 9.657   -11.127 9.757   1.00 119.25 ? 3   DG  A C8    1 
ATOM   54  N  N7    . DG  A 1 3  ? 9.019   -11.684 10.747  1.00 118.09 ? 3   DG  A N7    1 
ATOM   55  C  C5    . DG  A 1 3  ? 8.195   -12.618 10.137  1.00 118.59 ? 3   DG  A C5    1 
ATOM   56  C  C6    . DG  A 1 3  ? 7.267   -13.523 10.705  1.00 117.86 ? 3   DG  A C6    1 
ATOM   57  O  O6    . DG  A 1 3  ? 6.984   -13.683 11.902  1.00 115.70 ? 3   DG  A O6    1 
ATOM   58  N  N1    . DG  A 1 3  ? 6.640   -14.295 9.731   1.00 117.24 ? 3   DG  A N1    1 
ATOM   59  C  C2    . DG  A 1 3  ? 6.879   -14.203 8.379   1.00 117.25 ? 3   DG  A C2    1 
ATOM   60  N  N2    . DG  A 1 3  ? 6.174   -15.031 7.594   1.00 116.00 ? 3   DG  A N2    1 
ATOM   61  N  N3    . DG  A 1 3  ? 7.745   -13.359 7.834   1.00 113.58 ? 3   DG  A N3    1 
ATOM   62  C  C4    . DG  A 1 3  ? 8.365   -12.600 8.769   1.00 116.98 ? 3   DG  A C4    1 
ATOM   63  P  P     . DC  A 1 4  ? 9.369   -8.701  3.506   1.00 144.89 ? 4   DC  A P     1 
ATOM   64  O  OP1   . DC  A 1 4  ? 10.304  -8.161  2.495   1.00 144.87 ? 4   DC  A OP1   1 
ATOM   65  O  OP2   . DC  A 1 4  ? 8.610   -7.771  4.372   1.00 138.03 ? 4   DC  A OP2   1 
ATOM   66  O  "O5'" . DC  A 1 4  ? 8.326   -9.678  2.796   1.00 137.89 ? 4   DC  A "O5'" 1 
ATOM   67  C  "C5'" . DC  A 1 4  ? 8.109   -10.975 3.331   1.00 133.70 ? 4   DC  A "C5'" 1 
ATOM   68  C  "C4'" . DC  A 1 4  ? 6.630   -11.305 3.361   1.00 133.78 ? 4   DC  A "C4'" 1 
ATOM   69  O  "O4'" . DC  A 1 4  ? 6.271   -11.817 4.674   1.00 129.60 ? 4   DC  A "O4'" 1 
ATOM   70  C  "C3'" . DC  A 1 4  ? 5.700   -10.117 3.102   1.00 131.58 ? 4   DC  A "C3'" 1 
ATOM   71  O  "O3'" . DC  A 1 4  ? 4.644   -10.513 2.245   1.00 129.55 ? 4   DC  A "O3'" 1 
ATOM   72  C  "C2'" . DC  A 1 4  ? 5.183   -9.774  4.496   1.00 128.28 ? 4   DC  A "C2'" 1 
ATOM   73  C  "C1'" . DC  A 1 4  ? 5.116   -11.153 5.123   1.00 123.77 ? 4   DC  A "C1'" 1 
ATOM   74  N  N1    . DC  A 1 4  ? 5.117   -11.128 6.608   1.00 121.14 ? 4   DC  A N1    1 
ATOM   75  C  C2    . DC  A 1 4  ? 4.368   -12.071 7.318   1.00 121.05 ? 4   DC  A C2    1 
ATOM   76  O  O2    . DC  A 1 4  ? 3.722   -12.922 6.693   1.00 119.32 ? 4   DC  A O2    1 
ATOM   77  N  N3    . DC  A 1 4  ? 4.376   -12.029 8.674   1.00 121.64 ? 4   DC  A N3    1 
ATOM   78  C  C4    . DC  A 1 4  ? 5.087   -11.094 9.308   1.00 122.01 ? 4   DC  A C4    1 
ATOM   79  N  N4    . DC  A 1 4  ? 5.066   -11.088 10.644  1.00 122.58 ? 4   DC  A N4    1 
ATOM   80  C  C5    . DC  A 1 4  ? 5.851   -10.122 8.600   1.00 121.31 ? 4   DC  A C5    1 
ATOM   81  C  C6    . DC  A 1 4  ? 5.835   -10.174 7.265   1.00 121.52 ? 4   DC  A C6    1 
ATOM   82  P  P     . DA  A 1 5  ? 3.980   -9.452  1.239   1.00 137.34 ? 5   DA  A P     1 
ATOM   83  O  OP1   . DA  A 1 5  ? 4.714   -9.517  -0.043  1.00 138.26 ? 5   DA  A OP1   1 
ATOM   84  O  OP2   . DA  A 1 5  ? 3.882   -8.167  1.964   1.00 130.92 ? 5   DA  A OP2   1 
ATOM   85  O  "O5'" . DA  A 1 5  ? 2.501   -10.016 1.017   1.00 132.16 ? 5   DA  A "O5'" 1 
ATOM   86  C  "C5'" . DA  A 1 5  ? 2.303   -11.398 0.748   1.00 127.41 ? 5   DA  A "C5'" 1 
ATOM   87  C  "C4'" . DA  A 1 5  ? 1.089   -11.919 1.494   1.00 127.10 ? 5   DA  A "C4'" 1 
ATOM   88  O  "O4'" . DA  A 1 5  ? 1.324   -11.825 2.925   1.00 125.01 ? 5   DA  A "O4'" 1 
ATOM   89  C  "C3'" . DA  A 1 5  ? -0.206  -11.156 1.223   1.00 125.23 ? 5   DA  A "C3'" 1 
ATOM   90  O  "O3'" . DA  A 1 5  ? -1.303  -12.057 1.145   1.00 125.40 ? 5   DA  A "O3'" 1 
ATOM   91  C  "C2'" . DA  A 1 5  ? -0.326  -10.230 2.428   1.00 124.23 ? 5   DA  A "C2'" 1 
ATOM   92  C  "C1'" . DA  A 1 5  ? 0.303   -11.064 3.534   1.00 118.13 ? 5   DA  A "C1'" 1 
ATOM   93  N  N9    . DA  A 1 5  ? 0.900   -10.256 4.592   1.00 115.42 ? 5   DA  A N9    1 
ATOM   94  C  C8    . DA  A 1 5  ? 1.736   -9.186  4.436   1.00 118.92 ? 5   DA  A C8    1 
ATOM   95  N  N7    . DA  A 1 5  ? 2.120   -8.644  5.569   1.00 118.49 ? 5   DA  A N7    1 
ATOM   96  C  C5    . DA  A 1 5  ? 1.492   -9.413  6.534   1.00 117.71 ? 5   DA  A C5    1 
ATOM   97  C  C6    . DA  A 1 5  ? 1.494   -9.356  7.945   1.00 117.56 ? 5   DA  A C6    1 
ATOM   98  N  N6    . DA  A 1 5  ? 2.177   -8.447  8.647   1.00 117.10 ? 5   DA  A N6    1 
ATOM   99  N  N1    . DA  A 1 5  ? 0.759   -10.272 8.606   1.00 117.45 ? 5   DA  A N1    1 
ATOM   100 C  C2    . DA  A 1 5  ? 0.076   -11.182 7.903   1.00 116.66 ? 5   DA  A C2    1 
ATOM   101 N  N3    . DA  A 1 5  ? -0.003  -11.335 6.581   1.00 114.11 ? 5   DA  A N3    1 
ATOM   102 C  C4    . DA  A 1 5  ? 0.736   -10.409 5.950   1.00 116.97 ? 5   DA  A C4    1 
ATOM   103 P  P     . DG  A 1 6  ? -2.647  -11.622 0.377   1.00 137.03 ? 6   DG  A P     1 
ATOM   104 O  OP1   . DG  A 1 6  ? -3.495  -12.823 0.223   1.00 137.15 ? 6   DG  A OP1   1 
ATOM   105 O  OP2   . DG  A 1 6  ? -2.238  -10.858 -0.821  1.00 136.99 ? 6   DG  A OP2   1 
ATOM   106 O  "O5'" . DG  A 1 6  ? -3.357  -10.603 1.389   1.00 128.20 ? 6   DG  A "O5'" 1 
ATOM   107 C  "C5'" . DG  A 1 6  ? -4.653  -10.896 1.910   1.00 124.39 ? 6   DG  A "C5'" 1 
ATOM   108 C  "C4'" . DG  A 1 6  ? -4.577  -11.236 3.390   1.00 121.66 ? 6   DG  A "C4'" 1 
ATOM   109 O  "O4'" . DG  A 1 6  ? -3.334  -10.761 3.929   1.00 118.17 ? 6   DG  A "O4'" 1 
ATOM   110 C  "C3'" . DG  A 1 6  ? -5.636  -10.573 4.254   1.00 121.04 ? 6   DG  A "C3'" 1 
ATOM   111 O  "O3'" . DG  A 1 6  ? -6.803  -11.384 4.310   1.00 123.95 ? 6   DG  A "O3'" 1 
ATOM   112 C  "C2'" . DG  A 1 6  ? -4.962  -10.471 5.630   1.00 116.74 ? 6   DG  A "C2'" 1 
ATOM   113 C  "C1'" . DG  A 1 6  ? -3.472  -10.631 5.325   1.00 114.67 ? 6   DG  A "C1'" 1 
ATOM   114 N  N9    . DG  A 1 6  ? -2.651  -9.513  5.780   1.00 114.33 ? 6   DG  A N9    1 
ATOM   115 C  C8    . DG  A 1 6  ? -1.936  -8.639  4.997   1.00 112.74 ? 6   DG  A C8    1 
ATOM   116 N  N7    . DG  A 1 6  ? -1.278  -7.747  5.684   1.00 109.39 ? 6   DG  A N7    1 
ATOM   117 C  C5    . DG  A 1 6  ? -1.577  -8.048  7.007   1.00 110.78 ? 6   DG  A C5    1 
ATOM   118 C  C6    . DG  A 1 6  ? -1.153  -7.422  8.202   1.00 112.27 ? 6   DG  A C6    1 
ATOM   119 O  O6    . DG  A 1 6  ? -0.404  -6.443  8.330   1.00 111.45 ? 6   DG  A O6    1 
ATOM   120 N  N1    . DG  A 1 6  ? -1.687  -8.043  9.329   1.00 114.37 ? 6   DG  A N1    1 
ATOM   121 C  C2    . DG  A 1 6  ? -2.527  -9.132  9.304   1.00 115.03 ? 6   DG  A C2    1 
ATOM   122 N  N2    . DG  A 1 6  ? -2.941  -9.593  10.494  1.00 115.73 ? 6   DG  A N2    1 
ATOM   123 N  N3    . DG  A 1 6  ? -2.933  -9.728  8.190   1.00 114.42 ? 6   DG  A N3    1 
ATOM   124 C  C4    . DG  A 1 6  ? -2.420  -9.134  7.083   1.00 113.85 ? 6   DG  A C4    1 
ATOM   125 P  P     . DA  A 1 7  ? -8.206  -10.742 4.758   1.00 128.01 ? 7   DA  A P     1 
ATOM   126 O  OP1   . DA  A 1 7  ? -9.147  -10.912 3.630   1.00 126.27 ? 7   DA  A OP1   1 
ATOM   127 O  OP2   . DA  A 1 7  ? -7.931  -9.389  5.288   1.00 121.16 ? 7   DA  A OP2   1 
ATOM   128 O  "O5'" . DA  A 1 7  ? -8.690  -11.658 5.979   1.00 125.70 ? 7   DA  A "O5'" 1 
ATOM   129 C  "C5'" . DA  A 1 7  ? -7.756  -12.100 6.958   1.00 123.89 ? 7   DA  A "C5'" 1 
ATOM   130 C  "C4'" . DA  A 1 7  ? -7.838  -11.255 8.218   1.00 125.64 ? 7   DA  A "C4'" 1 
ATOM   131 O  "O4'" . DA  A 1 7  ? -6.688  -10.380 8.299   1.00 121.35 ? 7   DA  A "O4'" 1 
ATOM   132 C  "C3'" . DA  A 1 7  ? -9.074  -10.352 8.326   1.00 124.85 ? 7   DA  A "C3'" 1 
ATOM   133 O  "O3'" . DA  A 1 7  ? -9.825  -10.692 9.485   1.00 132.38 ? 7   DA  A "O3'" 1 
ATOM   134 C  "C2'" . DA  A 1 7  ? -8.498  -8.932  8.420   1.00 118.53 ? 7   DA  A "C2'" 1 
ATOM   135 C  "C1'" . DA  A 1 7  ? -7.082  -9.183  8.911   1.00 116.09 ? 7   DA  A "C1'" 1 
ATOM   136 N  N9    . DA  A 1 7  ? -6.143  -8.130  8.534   1.00 113.56 ? 7   DA  A N9    1 
ATOM   137 C  C8    . DA  A 1 7  ? -5.841  -7.708  7.269   1.00 112.03 ? 7   DA  A C8    1 
ATOM   138 N  N7    . DA  A 1 7  ? -4.963  -6.734  7.231   1.00 110.41 ? 7   DA  A N7    1 
ATOM   139 C  C5    . DA  A 1 7  ? -4.673  -6.496  8.564   1.00 113.41 ? 7   DA  A C5    1 
ATOM   140 C  C6    . DA  A 1 7  ? -3.813  -5.579  9.200   1.00 114.03 ? 7   DA  A C6    1 
ATOM   141 N  N6    . DA  A 1 7  ? -3.056  -4.698  8.539   1.00 110.74 ? 7   DA  A N6    1 
ATOM   142 N  N1    . DA  A 1 7  ? -3.760  -5.603  10.549  1.00 112.96 ? 7   DA  A N1    1 
ATOM   143 C  C2    . DA  A 1 7  ? -4.520  -6.486  11.208  1.00 115.03 ? 7   DA  A C2    1 
ATOM   144 N  N3    . DA  A 1 7  ? -5.363  -7.394  10.721  1.00 116.88 ? 7   DA  A N3    1 
ATOM   145 C  C4    . DA  A 1 7  ? -5.395  -7.347  9.381   1.00 114.83 ? 7   DA  A C4    1 
ATOM   146 P  P     . DC  A 1 8  ? -11.165 -9.881  9.852   1.00 136.60 ? 8   DC  A P     1 
ATOM   147 O  OP1   . DC  A 1 8  ? -12.019 -10.756 10.683  1.00 136.17 ? 8   DC  A OP1   1 
ATOM   148 O  OP2   . DC  A 1 8  ? -11.698 -9.298  8.601   1.00 134.28 ? 8   DC  A OP2   1 
ATOM   149 O  "O5'" . DC  A 1 8  ? -10.643 -8.679  10.765  1.00 122.53 ? 8   DC  A "O5'" 1 
ATOM   150 C  "C5'" . DC  A 1 8  ? -9.842  -8.956  11.904  1.00 123.12 ? 8   DC  A "C5'" 1 
ATOM   151 C  "C4'" . DC  A 1 8  ? -9.286  -7.677  12.496  1.00 124.06 ? 8   DC  A "C4'" 1 
ATOM   152 O  "O4'" . DC  A 1 8  ? -8.340  -7.087  11.583  1.00 121.96 ? 8   DC  A "O4'" 1 
ATOM   153 C  "C3'" . DC  A 1 8  ? -10.324 -6.588  12.771  1.00 122.15 ? 8   DC  A "C3'" 1 
ATOM   154 O  "O3'" . DC  A 1 8  ? -10.557 -6.486  14.170  1.00 124.63 ? 8   DC  A "O3'" 1 
ATOM   155 C  "C2'" . DC  A 1 8  ? -9.702  -5.299  12.196  1.00 118.68 ? 8   DC  A "C2'" 1 
ATOM   156 C  "C1'" . DC  A 1 8  ? -8.274  -5.717  11.864  1.00 119.08 ? 8   DC  A "C1'" 1 
ATOM   157 N  N1    . DC  A 1 8  ? -7.707  -5.014  10.680  1.00 116.29 ? 8   DC  A N1    1 
ATOM   158 C  C2    . DC  A 1 8  ? -6.800  -3.963  10.866  1.00 115.71 ? 8   DC  A C2    1 
ATOM   159 O  O2    . DC  A 1 8  ? -6.481  -3.636  12.015  1.00 113.74 ? 8   DC  A O2    1 
ATOM   160 N  N3    . DC  A 1 8  ? -6.293  -3.335  9.778   1.00 112.57 ? 8   DC  A N3    1 
ATOM   161 C  C4    . DC  A 1 8  ? -6.661  -3.717  8.554   1.00 111.63 ? 8   DC  A C4    1 
ATOM   162 N  N4    . DC  A 1 8  ? -6.136  -3.067  7.511   1.00 108.94 ? 8   DC  A N4    1 
ATOM   163 C  C5    . DC  A 1 8  ? -7.585  -4.784  8.345   1.00 111.92 ? 8   DC  A C5    1 
ATOM   164 C  C6    . DC  A 1 8  ? -8.078  -5.396  9.426   1.00 113.27 ? 8   DC  A C6    1 
ATOM   165 P  P     . DG  A 1 9  ? -11.567 -5.379  14.750  1.00 136.25 ? 9   DG  A P     1 
ATOM   166 O  OP1   . DG  A 1 9  ? -12.070 -5.877  16.049  1.00 136.74 ? 9   DG  A OP1   1 
ATOM   167 O  OP2   . DG  A 1 9  ? -12.526 -5.013  13.683  1.00 128.00 ? 9   DG  A OP2   1 
ATOM   168 O  "O5'" . DG  A 1 9  ? -10.625 -4.118  15.022  1.00 124.39 ? 9   DG  A "O5'" 1 
ATOM   169 C  "C5'" . DG  A 1 9  ? -9.424  -4.284  15.768  1.00 123.35 ? 9   DG  A "C5'" 1 
ATOM   170 C  "C4'" . DG  A 1 9  ? -8.725  -2.952  15.968  1.00 125.73 ? 9   DG  A "C4'" 1 
ATOM   171 O  "O4'" . DG  A 1 9  ? -8.076  -2.553  14.737  1.00 122.39 ? 9   DG  A "O4'" 1 
ATOM   172 C  "C3'" . DG  A 1 9  ? -9.647  -1.799  16.372  1.00 121.66 ? 9   DG  A "C3'" 1 
ATOM   173 O  "O3'" . DG  A 1 9  ? -9.196  -1.223  17.591  1.00 122.57 ? 9   DG  A "O3'" 1 
ATOM   174 C  "C2'" . DG  A 1 9  ? -9.568  -0.811  15.197  1.00 116.80 ? 9   DG  A "C2'" 1 
ATOM   175 C  "C1'" . DG  A 1 9  ? -8.248  -1.171  14.536  1.00 114.25 ? 9   DG  A "C1'" 1 
ATOM   176 N  N9    . DG  A 1 9  ? -8.228  -0.922  13.097  1.00 110.65 ? 9   DG  A N9    1 
ATOM   177 C  C8    . DG  A 1 9  ? -8.959  -1.580  12.136  1.00 110.32 ? 9   DG  A C8    1 
ATOM   178 N  N7    . DG  A 1 9  ? -8.729  -1.156  10.925  1.00 107.19 ? 9   DG  A N7    1 
ATOM   179 C  C5    . DG  A 1 9  ? -7.779  -0.156  11.090  1.00 105.26 ? 9   DG  A C5    1 
ATOM   180 C  C6    . DG  A 1 9  ? -7.151  0.668   10.127  1.00 101.64 ? 9   DG  A C6    1 
ATOM   181 O  O6    . DG  A 1 9  ? -7.312  0.672   8.898   1.00 99.88  ? 9   DG  A O6    1 
ATOM   182 N  N1    . DG  A 1 9  ? -6.251  1.555   10.716  1.00 97.21  ? 9   DG  A N1    1 
ATOM   183 C  C2    . DG  A 1 9  ? -5.999  1.638   12.065  1.00 98.34  ? 9   DG  A C2    1 
ATOM   184 N  N2    . DG  A 1 9  ? -5.095  2.553   12.445  1.00 98.03  ? 9   DG  A N2    1 
ATOM   185 N  N3    . DG  A 1 9  ? -6.580  0.870   12.978  1.00 98.84  ? 9   DG  A N3    1 
ATOM   186 C  C4    . DG  A 1 9  ? -7.461  0.003   12.420  1.00 104.56 ? 9   DG  A C4    1 
ATOM   187 P  P     . DT  A 1 10 ? -9.925  0.076   18.191  1.00 136.70 ? 10  DT  A P     1 
ATOM   188 O  OP1   . DT  A 1 10 ? -9.730  0.054   19.659  1.00 134.82 ? 10  DT  A OP1   1 
ATOM   189 O  OP2   . DT  A 1 10 ? -11.293 0.147   17.630  1.00 129.44 ? 10  DT  A OP2   1 
ATOM   190 O  "O5'" . DT  A 1 10 ? -9.085  1.284   17.576  1.00 125.83 ? 10  DT  A "O5'" 1 
ATOM   191 C  "C5'" . DT  A 1 10 ? -9.592  2.599   17.618  1.00 119.74 ? 10  DT  A "C5'" 1 
ATOM   192 C  "C4'" . DT  A 1 10 ? -8.605  3.560   16.989  1.00 116.83 ? 10  DT  A "C4'" 1 
ATOM   193 O  "O4'" . DT  A 1 10 ? -8.213  3.065   15.701  1.00 113.91 ? 10  DT  A "O4'" 1 
ATOM   194 C  "C3'" . DT  A 1 10 ? -9.152  4.943   16.713  1.00 114.66 ? 10  DT  A "C3'" 1 
ATOM   195 O  "O3'" . DT  A 1 10 ? -8.958  5.753   17.848  1.00 118.66 ? 10  DT  A "O3'" 1 
ATOM   196 C  "C2'" . DT  A 1 10 ? -8.308  5.432   15.528  1.00 109.51 ? 10  DT  A "C2'" 1 
ATOM   197 C  "C1'" . DT  A 1 10 ? -7.754  4.144   14.916  1.00 108.84 ? 10  DT  A "C1'" 1 
ATOM   198 N  N1    . DT  A 1 10 ? -8.156  3.895   13.492  1.00 105.44 ? 10  DT  A N1    1 
ATOM   199 C  C2    . DT  A 1 10 ? -7.535  4.589   12.477  1.00 101.66 ? 10  DT  A C2    1 
ATOM   200 O  O2    . DT  A 1 10 ? -6.682  5.436   12.668  1.00 103.80 ? 10  DT  A O2    1 
ATOM   201 N  N3    . DT  A 1 10 ? -7.960  4.259   11.215  1.00 96.68  ? 10  DT  A N3    1 
ATOM   202 C  C4    . DT  A 1 10 ? -8.917  3.321   10.874  1.00 98.32  ? 10  DT  A C4    1 
ATOM   203 O  O4    . DT  A 1 10 ? -9.230  3.095   9.708   1.00 96.21  ? 10  DT  A O4    1 
ATOM   204 C  C5    . DT  A 1 10 ? -9.520  2.622   11.985  1.00 101.66 ? 10  DT  A C5    1 
ATOM   205 C  C7    . DT  A 1 10 ? -10.572 1.582   11.739  1.00 102.91 ? 10  DT  A C7    1 
ATOM   206 C  C6    . DT  A 1 10 ? -9.111  2.936   13.223  1.00 104.25 ? 10  DT  A C6    1 
ATOM   207 P  P     . DG  A 1 11 ? -10.110 6.765   18.314  1.00 130.52 ? 11  DG  A P     1 
ATOM   208 O  OP1   . DG  A 1 11 ? -10.168 6.715   19.792  1.00 133.03 ? 11  DG  A OP1   1 
ATOM   209 O  OP2   . DG  A 1 11 ? -11.317 6.447   17.518  1.00 116.77 ? 11  DG  A OP2   1 
ATOM   210 O  "O5'" . DG  A 1 11 ? -9.575  8.192   17.832  1.00 120.33 ? 11  DG  A "O5'" 1 
ATOM   211 C  "C5'" . DG  A 1 11 ? -8.179  8.475   17.861  1.00 115.70 ? 11  DG  A "C5'" 1 
ATOM   212 C  "C4'" . DG  A 1 11 ? -7.779  9.365   16.694  1.00 114.45 ? 11  DG  A "C4'" 1 
ATOM   213 O  "O4'" . DG  A 1 11 ? -7.916  8.632   15.445  1.00 113.97 ? 11  DG  A "O4'" 1 
ATOM   214 C  "C3'" . DG  A 1 11 ? -8.610  10.635  16.535  1.00 110.72 ? 11  DG  A "C3'" 1 
ATOM   215 O  "O3'" . DG  A 1 11 ? -7.768  11.720  16.166  1.00 110.56 ? 11  DG  A "O3'" 1 
ATOM   216 C  "C2'" . DG  A 1 11 ? -9.585  10.272  15.416  1.00 103.65 ? 11  DG  A "C2'" 1 
ATOM   217 C  "C1'" . DG  A 1 11 ? -8.732  9.358   14.550  1.00 103.22 ? 11  DG  A "C1'" 1 
ATOM   218 N  N9    . DG  A 1 11 ? -9.515  8.408   13.759  1.00 102.14 ? 11  DG  A N9    1 
ATOM   219 C  C8    . DG  A 1 11 ? -10.424 7.494   14.232  1.00 102.73 ? 11  DG  A C8    1 
ATOM   220 N  N7    . DG  A 1 11 ? -10.969 6.770   13.297  1.00 100.37 ? 11  DG  A N7    1 
ATOM   221 C  C5    . DG  A 1 11 ? -10.394 7.238   12.124  1.00 97.93  ? 11  DG  A C5    1 
ATOM   222 C  C6    . DG  A 1 11 ? -10.599 6.833   10.786  1.00 94.17  ? 11  DG  A C6    1 
ATOM   223 O  O6    . DG  A 1 11 ? -11.360 5.954   10.360  1.00 95.61  ? 11  DG  A O6    1 
ATOM   224 N  N1    . DG  A 1 11 ? -9.819  7.567   9.898   1.00 92.59  ? 11  DG  A N1    1 
ATOM   225 C  C2    . DG  A 1 11 ? -8.946  8.564   10.258  1.00 96.25  ? 11  DG  A C2    1 
ATOM   226 N  N2    . DG  A 1 11 ? -8.278  9.155   9.256   1.00 93.31  ? 11  DG  A N2    1 
ATOM   227 N  N3    . DG  A 1 11 ? -8.740  8.954   11.511  1.00 98.65  ? 11  DG  A N3    1 
ATOM   228 C  C4    . DG  A 1 11 ? -9.496  8.249   12.389  1.00 100.57 ? 11  DG  A C4    1 
ATOM   229 P  P     . DA  B 2 1  ? -9.387  21.521  -7.156  1.00 120.80 ? 12  DA  B P     1 
ATOM   230 O  OP1   . DA  B 2 1  ? -8.304  20.990  -6.297  1.00 102.30 ? 12  DA  B OP1   1 
ATOM   231 O  OP2   . DA  B 2 1  ? -10.588 22.137  -6.549  1.00 112.22 ? 12  DA  B OP2   1 
ATOM   232 O  "O5'" . DA  B 2 1  ? -8.766  22.560  -8.206  1.00 116.10 ? 12  DA  B "O5'" 1 
ATOM   233 C  "C5'" . DA  B 2 1  ? -7.885  23.587  -7.765  1.00 106.97 ? 12  DA  B "C5'" 1 
ATOM   234 C  "C4'" . DA  B 2 1  ? -6.435  23.173  -7.941  1.00 105.01 ? 12  DA  B "C4'" 1 
ATOM   235 O  "O4'" . DA  B 2 1  ? -5.849  22.907  -6.657  1.00 105.46 ? 12  DA  B "O4'" 1 
ATOM   236 C  "C3'" . DA  B 2 1  ? -6.217  21.889  -8.732  1.00 105.56 ? 12  DA  B "C3'" 1 
ATOM   237 O  "O3'" . DA  B 2 1  ? -6.075  22.186  -10.154 1.00 110.67 ? 12  DA  B "O3'" 1 
ATOM   238 C  "C2'" . DA  B 2 1  ? -4.954  21.274  -8.100  1.00 100.63 ? 12  DA  B "C2'" 1 
ATOM   239 C  "C1'" . DA  B 2 1  ? -4.692  22.138  -6.861  1.00 99.70  ? 12  DA  B "C1'" 1 
ATOM   240 N  N9    . DA  B 2 1  ? -4.421  21.358  -5.655  1.00 100.46 ? 12  DA  B N9    1 
ATOM   241 C  C8    . DA  B 2 1  ? -5.332  20.706  -4.872  1.00 100.72 ? 12  DA  B C8    1 
ATOM   242 N  N7    . DA  B 2 1  ? -4.798  20.079  -3.849  1.00 95.69  ? 12  DA  B N7    1 
ATOM   243 C  C5    . DA  B 2 1  ? -3.442  20.337  -3.970  1.00 96.09  ? 12  DA  B C5    1 
ATOM   244 C  C6    . DA  B 2 1  ? -2.329  19.950  -3.197  1.00 98.60  ? 12  DA  B C6    1 
ATOM   245 N  N6    . DA  B 2 1  ? -2.424  19.194  -2.099  1.00 99.14  ? 12  DA  B N6    1 
ATOM   246 N  N1    . DA  B 2 1  ? -1.111  20.379  -3.593  1.00 96.53  ? 12  DA  B N1    1 
ATOM   247 C  C2    . DA  B 2 1  ? -1.021  21.140  -4.691  1.00 95.44  ? 12  DA  B C2    1 
ATOM   248 N  N3    . DA  B 2 1  ? -1.993  21.563  -5.500  1.00 94.80  ? 12  DA  B N3    1 
ATOM   249 C  C4    . DA  B 2 1  ? -3.191  21.124  -5.078  1.00 96.49  ? 12  DA  B C4    1 
ATOM   250 P  P     . DC  B 2 2  ? -4.698  21.956  -10.967 1.00 114.34 ? 13  DC  B P     1 
ATOM   251 O  OP1   . DC  B 2 2  ? -3.636  22.787  -10.356 1.00 107.60 ? 13  DC  B OP1   1 
ATOM   252 O  OP2   . DC  B 2 2  ? -5.024  22.161  -12.395 1.00 105.20 ? 13  DC  B OP2   1 
ATOM   253 O  "O5'" . DC  B 2 2  ? -4.374  20.395  -10.811 1.00 98.03  ? 13  DC  B "O5'" 1 
ATOM   254 C  "C5'" . DC  B 2 2  ? -3.224  19.836  -11.439 1.00 103.29 ? 13  DC  B "C5'" 1 
ATOM   255 C  "C4'" . DC  B 2 2  ? -1.969  20.089  -10.620 1.00 100.68 ? 13  DC  B "C4'" 1 
ATOM   256 O  "O4'" . DC  B 2 2  ? -2.301  20.126  -9.219  1.00 98.14  ? 13  DC  B "O4'" 1 
ATOM   257 C  "C3'" . DC  B 2 2  ? -0.919  19.004  -10.731 1.00 104.60 ? 13  DC  B "C3'" 1 
ATOM   258 O  "O3'" . DC  B 2 2  ? -0.077  19.254  -11.844 1.00 109.88 ? 13  DC  B "O3'" 1 
ATOM   259 C  "C2'" . DC  B 2 2  ? -0.150  19.124  -9.412  1.00 94.03  ? 13  DC  B "C2'" 1 
ATOM   260 C  "C1'" . DC  B 2 2  ? -1.161  19.777  -8.459  1.00 97.42  ? 13  DC  B "C1'" 1 
ATOM   261 N  N1    . DC  B 2 2  ? -1.602  18.906  -7.311  1.00 95.89  ? 13  DC  B N1    1 
ATOM   262 C  C2    . DC  B 2 2  ? -0.661  18.404  -6.394  1.00 95.15  ? 13  DC  B C2    1 
ATOM   263 O  O2    . DC  B 2 2  ? 0.539   18.665  -6.542  1.00 94.63  ? 13  DC  B O2    1 
ATOM   264 N  N3    . DC  B 2 2  ? -1.098  17.636  -5.364  1.00 95.08  ? 13  DC  B N3    1 
ATOM   265 C  C4    . DC  B 2 2  ? -2.398  17.372  -5.227  1.00 95.91  ? 13  DC  B C4    1 
ATOM   266 N  N4    . DC  B 2 2  ? -2.776  16.610  -4.195  1.00 96.25  ? 13  DC  B N4    1 
ATOM   267 C  C5    . DC  B 2 2  ? -3.368  17.877  -6.142  1.00 96.45  ? 13  DC  B C5    1 
ATOM   268 C  C6    . DC  B 2 2  ? -2.930  18.632  -7.155  1.00 97.75  ? 13  DC  B C6    1 
ATOM   269 P  P     . DA  B 2 3  ? 0.938   18.117  -12.346 1.00 115.55 ? 14  DA  B P     1 
ATOM   270 O  OP1   . DA  B 2 3  ? 0.883   18.092  -13.825 1.00 111.14 ? 14  DA  B OP1   1 
ATOM   271 O  OP2   . DA  B 2 3  ? 0.645   16.887  -11.580 1.00 108.37 ? 14  DA  B OP2   1 
ATOM   272 O  "O5'" . DA  B 2 3  ? 2.373   18.639  -11.868 1.00 106.53 ? 14  DA  B "O5'" 1 
ATOM   273 C  "C5'" . DA  B 2 3  ? 3.507   17.787  -11.976 1.00 105.41 ? 14  DA  B "C5'" 1 
ATOM   274 C  "C4'" . DA  B 2 3  ? 4.118   17.513  -10.613 1.00 100.97 ? 14  DA  B "C4'" 1 
ATOM   275 O  "O4'" . DA  B 2 3  ? 3.074   17.419  -9.617  1.00 101.15 ? 14  DA  B "O4'" 1 
ATOM   276 C  "C3'" . DA  B 2 3  ? 4.910   16.204  -10.522 1.00 104.89 ? 14  DA  B "C3'" 1 
ATOM   277 O  "O3'" . DA  B 2 3  ? 6.265   16.468  -10.201 1.00 106.70 ? 14  DA  B "O3'" 1 
ATOM   278 C  "C2'" . DA  B 2 3  ? 4.208   15.400  -9.418  1.00 102.30 ? 14  DA  B "C2'" 1 
ATOM   279 C  "C1'" . DA  B 2 3  ? 3.464   16.478  -8.653  1.00 96.04  ? 14  DA  B "C1'" 1 
ATOM   280 N  N9    . DA  B 2 3  ? 2.272   15.995  -7.962  1.00 93.60  ? 14  DA  B N9    1 
ATOM   281 C  C8    . DA  B 2 3  ? 0.971   16.172  -8.340  1.00 97.51  ? 14  DA  B C8    1 
ATOM   282 N  N7    . DA  B 2 3  ? 0.102   15.633  -7.518  1.00 96.96  ? 14  DA  B N7    1 
ATOM   283 C  C5    . DA  B 2 3  ? 0.889   15.062  -6.532  1.00 91.60  ? 14  DA  B C5    1 
ATOM   284 C  C6    . DA  B 2 3  ? 0.572   14.336  -5.367  1.00 88.34  ? 14  DA  B C6    1 
ATOM   285 N  N6    . DA  B 2 3  ? -0.682  14.055  -4.995  1.00 86.48  ? 14  DA  B N6    1 
ATOM   286 N  N1    . DA  B 2 3  ? 1.595   13.905  -4.600  1.00 84.97  ? 14  DA  B N1    1 
ATOM   287 C  C2    . DA  B 2 3  ? 2.848   14.184  -4.980  1.00 85.05  ? 14  DA  B C2    1 
ATOM   288 N  N3    . DA  B 2 3  ? 3.268   14.861  -6.048  1.00 86.07  ? 14  DA  B N3    1 
ATOM   289 C  C4    . DA  B 2 3  ? 2.229   15.276  -6.790  1.00 89.37  ? 14  DA  B C4    1 
ATOM   290 P  P     . DC  B 2 4  ? 7.412   15.491  -10.758 1.00 116.27 ? 15  DC  B P     1 
ATOM   291 O  OP1   . DC  B 2 4  ? 8.716   16.175  -10.610 1.00 108.11 ? 15  DC  B OP1   1 
ATOM   292 O  OP2   . DC  B 2 4  ? 6.965   15.010  -12.084 1.00 107.81 ? 15  DC  B OP2   1 
ATOM   293 O  "O5'" . DC  B 2 4  ? 7.360   14.240  -9.767  1.00 103.77 ? 15  DC  B "O5'" 1 
ATOM   294 C  "C5'" . DC  B 2 4  ? 7.662   14.409  -8.398  1.00 103.48 ? 15  DC  B "C5'" 1 
ATOM   295 C  "C4'" . DC  B 2 4  ? 7.594   13.080  -7.672  1.00 99.84  ? 15  DC  B "C4'" 1 
ATOM   296 O  "O4'" . DC  B 2 4  ? 6.298   12.924  -7.042  1.00 97.51  ? 15  DC  B "O4'" 1 
ATOM   297 C  "C3'" . DC  B 2 4  ? 7.798   11.846  -8.555  1.00 103.49 ? 15  DC  B "C3'" 1 
ATOM   298 O  "O3'" . DC  B 2 4  ? 8.801   11.030  -7.977  1.00 104.88 ? 15  DC  B "O3'" 1 
ATOM   299 C  "C2'" . DC  B 2 4  ? 6.422   11.156  -8.551  1.00 101.86 ? 15  DC  B "C2'" 1 
ATOM   300 C  "C1'" . DC  B 2 4  ? 5.853   11.601  -7.212  1.00 93.93  ? 15  DC  B "C1'" 1 
ATOM   301 N  N1    . DC  B 2 4  ? 4.353   11.613  -7.140  1.00 86.34  ? 15  DC  B N1    1 
ATOM   302 C  C2    . DC  B 2 4  ? 3.703   11.037  -6.038  1.00 81.75  ? 15  DC  B C2    1 
ATOM   303 O  O2    . DC  B 2 4  ? 4.379   10.499  -5.151  1.00 76.95  ? 15  DC  B O2    1 
ATOM   304 N  N3    . DC  B 2 4  ? 2.347   11.079  -5.978  1.00 77.90  ? 15  DC  B N3    1 
ATOM   305 C  C4    . DC  B 2 4  ? 1.651   11.669  -6.952  1.00 81.48  ? 15  DC  B C4    1 
ATOM   306 N  N4    . DC  B 2 4  ? 0.318   11.684  -6.849  1.00 77.99  ? 15  DC  B N4    1 
ATOM   307 C  C5    . DC  B 2 4  ? 2.295   12.267  -8.077  1.00 87.96  ? 15  DC  B C5    1 
ATOM   308 C  C6    . DC  B 2 4  ? 3.632   12.221  -8.126  1.00 88.00  ? 15  DC  B C6    1 
ATOM   309 P  P     . DC  B 2 5  ? 9.655   10.004  -8.870  1.00 105.24 ? 16  DC  B P     1 
ATOM   310 O  OP1   . DC  B 2 5  ? 10.917  10.673  -9.253  1.00 104.38 ? 16  DC  B OP1   1 
ATOM   311 O  OP2   . DC  B 2 5  ? 8.777   9.453   -9.924  1.00 94.27  ? 16  DC  B OP2   1 
ATOM   312 O  "O5'" . DC  B 2 5  ? 9.987   8.833   -7.839  1.00 102.96 ? 16  DC  B "O5'" 1 
ATOM   313 C  "C5'" . DC  B 2 5  ? 9.334   8.807   -6.572  1.00 101.27 ? 16  DC  B "C5'" 1 
ATOM   314 C  "C4'" . DC  B 2 5  ? 8.720   7.444   -6.317  1.00 97.05  ? 16  DC  B "C4'" 1 
ATOM   315 O  "O4'" . DC  B 2 5  ? 7.268   7.555   -6.248  1.00 90.41  ? 16  DC  B "O4'" 1 
ATOM   316 C  "C3'" . DC  B 2 5  ? 8.999   6.407   -7.403  1.00 100.43 ? 16  DC  B "C3'" 1 
ATOM   317 O  "O3'" . DC  B 2 5  ? 9.149   5.139   -6.806  1.00 101.20 ? 16  DC  B "O3'" 1 
ATOM   318 C  "C2'" . DC  B 2 5  ? 7.729   6.471   -8.241  1.00 98.40  ? 16  DC  B "C2'" 1 
ATOM   319 C  "C1'" . DC  B 2 5  ? 6.701   6.619   -7.139  1.00 91.68  ? 16  DC  B "C1'" 1 
ATOM   320 N  N1    . DC  B 2 5  ? 5.374   7.129   -7.597  1.00 88.02  ? 16  DC  B N1    1 
ATOM   321 C  C2    . DC  B 2 5  ? 4.247   6.925   -6.795  1.00 82.22  ? 16  DC  B C2    1 
ATOM   322 O  O2    . DC  B 2 5  ? 4.372   6.322   -5.722  1.00 77.51  ? 16  DC  B O2    1 
ATOM   323 N  N3    . DC  B 2 5  ? 3.046   7.394   -7.215  1.00 76.33  ? 16  DC  B N3    1 
ATOM   324 C  C4    . DC  B 2 5  ? 2.950   8.038   -8.378  1.00 82.50  ? 16  DC  B C4    1 
ATOM   325 N  N4    . DC  B 2 5  ? 1.744   8.482   -8.747  1.00 84.06  ? 16  DC  B N4    1 
ATOM   326 C  C5    . DC  B 2 5  ? 4.088   8.256   -9.213  1.00 88.43  ? 16  DC  B C5    1 
ATOM   327 C  C6    . DC  B 2 5  ? 5.269   7.788   -8.788  1.00 92.02  ? 16  DC  B C6    1 
ATOM   328 P  P     . DA  B 2 6  ? 10.168  4.065   -7.424  1.00 109.42 ? 17  DA  B P     1 
ATOM   329 O  OP1   . DA  B 2 6  ? 11.540  4.533   -7.131  1.00 105.60 ? 17  DA  B OP1   1 
ATOM   330 O  OP2   . DA  B 2 6  ? 9.758   3.803   -8.822  1.00 96.41  ? 17  DA  B OP2   1 
ATOM   331 O  "O5'" . DA  B 2 6  ? 9.884   2.746   -6.567  1.00 109.01 ? 17  DA  B "O5'" 1 
ATOM   332 C  "C5'" . DA  B 2 6  ? 9.862   2.818   -5.146  1.00 103.38 ? 17  DA  B "C5'" 1 
ATOM   333 C  "C4'" . DA  B 2 6  ? 8.621   2.142   -4.575  1.00 105.15 ? 17  DA  B "C4'" 1 
ATOM   334 O  "O4'" . DA  B 2 6  ? 7.425   2.817   -5.046  1.00 97.93  ? 17  DA  B "O4'" 1 
ATOM   335 C  "C3'" . DA  B 2 6  ? 8.434   0.679   -4.950  1.00 106.80 ? 17  DA  B "C3'" 1 
ATOM   336 O  "O3'" . DA  B 2 6  ? 7.764   0.004   -3.884  1.00 112.29 ? 17  DA  B "O3'" 1 
ATOM   337 C  "C2'" . DA  B 2 6  ? 7.556   0.773   -6.199  1.00 99.73  ? 17  DA  B "C2'" 1 
ATOM   338 C  "C1'" . DA  B 2 6  ? 6.643   1.932   -5.831  1.00 94.56  ? 17  DA  B "C1'" 1 
ATOM   339 N  N9    . DA  B 2 6  ? 6.146   2.693   -6.971  1.00 95.68  ? 17  DA  B N9    1 
ATOM   340 C  C8    . DA  B 2 6  ? 6.869   3.138   -8.041  1.00 95.82  ? 17  DA  B C8    1 
ATOM   341 N  N7    . DA  B 2 6  ? 6.163   3.830   -8.904  1.00 94.63  ? 17  DA  B N7    1 
ATOM   342 C  C5    . DA  B 2 6  ? 4.894   3.859   -8.351  1.00 89.76  ? 17  DA  B C5    1 
ATOM   343 C  C6    . DA  B 2 6  ? 3.683   4.441   -8.778  1.00 88.86  ? 17  DA  B C6    1 
ATOM   344 N  N6    . DA  B 2 6  ? 3.560   5.138   -9.914  1.00 87.68  ? 17  DA  B N6    1 
ATOM   345 N  N1    . DA  B 2 6  ? 2.597   4.275   -7.994  1.00 87.96  ? 17  DA  B N1    1 
ATOM   346 C  C2    . DA  B 2 6  ? 2.724   3.577   -6.860  1.00 90.38  ? 17  DA  B C2    1 
ATOM   347 N  N3    . DA  B 2 6  ? 3.806   2.985   -6.355  1.00 91.29  ? 17  DA  B N3    1 
ATOM   348 C  C4    . DA  B 2 6  ? 4.867   3.166   -7.157  1.00 92.62  ? 17  DA  B C4    1 
ATOM   349 P  P     . DC  B 2 7  ? 7.698   -1.601  -3.836  1.00 114.86 ? 18  DC  B P     1 
ATOM   350 O  OP1   . DC  B 2 7  ? 6.969   -1.984  -2.607  1.00 111.66 ? 18  DC  B OP1   1 
ATOM   351 O  OP2   . DC  B 2 7  ? 9.071   -2.112  -4.050  1.00 111.37 ? 18  DC  B OP2   1 
ATOM   352 O  "O5'" . DC  B 2 7  ? 6.811   -1.980  -5.112  1.00 111.49 ? 18  DC  B "O5'" 1 
ATOM   353 C  "C5'" . DC  B 2 7  ? 5.880   -3.041  -5.045  1.00 109.77 ? 18  DC  B "C5'" 1 
ATOM   354 C  "C4'" . DC  B 2 7  ? 4.457   -2.523  -5.158  1.00 108.14 ? 18  DC  B "C4'" 1 
ATOM   355 O  "O4'" . DC  B 2 7  ? 4.427   -1.316  -5.957  1.00 102.77 ? 18  DC  B "O4'" 1 
ATOM   356 C  "C3'" . DC  B 2 7  ? 3.479   -3.494  -5.823  1.00 110.22 ? 18  DC  B "C3'" 1 
ATOM   357 O  "O3'" . DC  B 2 7  ? 2.435   -3.822  -4.925  1.00 113.19 ? 18  DC  B "O3'" 1 
ATOM   358 C  "C2'" . DC  B 2 7  ? 2.958   -2.732  -7.052  1.00 107.92 ? 18  DC  B "C2'" 1 
ATOM   359 C  "C1'" . DC  B 2 7  ? 3.219   -1.291  -6.672  1.00 100.63 ? 18  DC  B "C1'" 1 
ATOM   360 N  N1    . DC  B 2 7  ? 3.369   -0.351  -7.833  1.00 98.35  ? 18  DC  B N1    1 
ATOM   361 C  C2    . DC  B 2 7  ? 2.294   0.465   -8.211  1.00 100.27 ? 18  DC  B C2    1 
ATOM   362 O  O2    . DC  B 2 7  ? 1.226   0.377   -7.595  1.00 106.03 ? 18  DC  B O2    1 
ATOM   363 N  N3    . DC  B 2 7  ? 2.454   1.326   -9.248  1.00 97.99  ? 18  DC  B N3    1 
ATOM   364 C  C4    . DC  B 2 7  ? 3.622   1.391   -9.890  1.00 94.99  ? 18  DC  B C4    1 
ATOM   365 N  N4    . DC  B 2 7  ? 3.732   2.256   -10.905 1.00 91.15  ? 18  DC  B N4    1 
ATOM   366 C  C5    . DC  B 2 7  ? 4.730   0.577   -9.514  1.00 96.05  ? 18  DC  B C5    1 
ATOM   367 C  C6    . DC  B 2 7  ? 4.563   -0.269  -8.491  1.00 98.46  ? 18  DC  B C6    1 
ATOM   368 P  P     . DT  B 2 8  ? 1.857   -5.318  -4.888  1.00 126.12 ? 19  DT  B P     1 
ATOM   369 O  OP1   . DT  B 2 8  ? 0.599   -5.288  -4.109  1.00 119.72 ? 19  DT  B OP1   1 
ATOM   370 O  OP2   . DT  B 2 8  ? 2.956   -6.220  -4.481  1.00 120.45 ? 19  DT  B OP2   1 
ATOM   371 O  "O5'" . DT  B 2 8  ? 1.546   -5.641  -6.423  1.00 117.00 ? 19  DT  B "O5'" 1 
ATOM   372 C  "C5'" . DT  B 2 8  ? 0.371   -6.342  -6.779  1.00 114.20 ? 19  DT  B "C5'" 1 
ATOM   373 C  "C4'" . DT  B 2 8  ? -0.794  -5.383  -6.927  1.00 111.51 ? 19  DT  B "C4'" 1 
ATOM   374 O  "O4'" . DT  B 2 8  ? -0.310  -4.104  -7.422  1.00 110.32 ? 19  DT  B "O4'" 1 
ATOM   375 C  "C3'" . DT  B 2 8  ? -1.876  -5.834  -7.902  1.00 119.94 ? 19  DT  B "C3'" 1 
ATOM   376 O  "O3'" . DT  B 2 8  ? -3.157  -5.493  -7.391  1.00 114.97 ? 19  DT  B "O3'" 1 
ATOM   377 C  "C2'" . DT  B 2 8  ? -1.540  -5.047  -9.168  1.00 118.95 ? 19  DT  B "C2'" 1 
ATOM   378 C  "C1'" . DT  B 2 8  ? -1.023  -3.746  -8.586  1.00 110.81 ? 19  DT  B "C1'" 1 
ATOM   379 N  N1    . DT  B 2 8  ? -0.098  -2.987  -9.494  1.00 111.42 ? 19  DT  B N1    1 
ATOM   380 C  C2    . DT  B 2 8  ? -0.547  -1.839  -10.101 1.00 117.25 ? 19  DT  B C2    1 
ATOM   381 O  O2    . DT  B 2 8  ? -1.675  -1.407  -9.956  1.00 125.13 ? 19  DT  B O2    1 
ATOM   382 N  N3    . DT  B 2 8  ? 0.380   -1.207  -10.892 1.00 116.06 ? 19  DT  B N3    1 
ATOM   383 C  C4    . DT  B 2 8  ? 1.685   -1.601  -11.128 1.00 110.74 ? 19  DT  B C4    1 
ATOM   384 O  O4    . DT  B 2 8  ? 2.443   -0.968  -11.857 1.00 110.00 ? 19  DT  B O4    1 
ATOM   385 C  C5    . DT  B 2 8  ? 2.091   -2.812  -10.458 1.00 105.33 ? 19  DT  B C5    1 
ATOM   386 C  C7    . DT  B 2 8  ? 3.484   -3.340  -10.638 1.00 100.71 ? 19  DT  B C7    1 
ATOM   387 C  C6    . DT  B 2 8  ? 1.189   -3.441  -9.688  1.00 106.57 ? 19  DT  B C6    1 
ATOM   388 P  P     . DC  B 2 9  ? -4.263  -6.633  -7.147  1.00 126.46 ? 20  DC  B P     1 
ATOM   389 O  OP1   . DC  B 2 9  ? -5.084  -6.229  -5.985  1.00 124.56 ? 20  DC  B OP1   1 
ATOM   390 O  OP2   . DC  B 2 9  ? -3.580  -7.944  -7.151  1.00 124.74 ? 20  DC  B OP2   1 
ATOM   391 O  "O5'" . DC  B 2 9  ? -5.171  -6.562  -8.457  1.00 128.02 ? 20  DC  B "O5'" 1 
ATOM   392 C  "C5'" . DC  B 2 9  ? -5.592  -5.303  -8.952  1.00 127.63 ? 20  DC  B "C5'" 1 
ATOM   393 C  "C4'" . DC  B 2 9  ? -5.692  -5.336  -10.462 1.00 129.71 ? 20  DC  B "C4'" 1 
ATOM   394 O  "O4'" . DC  B 2 9  ? -4.416  -4.966  -11.054 1.00 130.79 ? 20  DC  B "O4'" 1 
ATOM   395 C  "C3'" . DC  B 2 9  ? -6.047  -6.701  -11.053 1.00 127.55 ? 20  DC  B "C3'" 1 
ATOM   396 O  "O3'" . DC  B 2 9  ? -6.984  -6.526  -12.089 1.00 130.93 ? 20  DC  B "O3'" 1 
ATOM   397 C  "C2'" . DC  B 2 9  ? -4.709  -7.195  -11.601 1.00 124.21 ? 20  DC  B "C2'" 1 
ATOM   398 C  "C1'" . DC  B 2 9  ? -4.104  -5.889  -12.072 1.00 123.93 ? 20  DC  B "C1'" 1 
ATOM   399 N  N1    . DC  B 2 9  ? -2.624  -5.934  -12.246 1.00 118.24 ? 20  DC  B N1    1 
ATOM   400 C  C2    . DC  B 2 9  ? -1.976  -4.875  -12.889 1.00 118.07 ? 20  DC  B C2    1 
ATOM   401 O  O2    . DC  B 2 9  ? -2.644  -3.919  -13.300 1.00 122.26 ? 20  DC  B O2    1 
ATOM   402 N  N3    . DC  B 2 9  ? -0.629  -4.926  -13.042 1.00 115.79 ? 20  DC  B N3    1 
ATOM   403 C  C4    . DC  B 2 9  ? 0.055   -5.974  -12.585 1.00 115.66 ? 20  DC  B C4    1 
ATOM   404 N  N4    . DC  B 2 9  ? 1.381   -5.978  -12.759 1.00 110.78 ? 20  DC  B N4    1 
ATOM   405 C  C5    . DC  B 2 9  ? -0.587  -7.066  -11.930 1.00 119.51 ? 20  DC  B C5    1 
ATOM   406 C  C6    . DC  B 2 9  ? -1.917  -7.009  -11.789 1.00 119.54 ? 20  DC  B C6    1 
ATOM   407 P  P     . DA  B 2 10 ? -7.897  -7.750  -12.579 1.00 140.02 ? 21  DA  B P     1 
ATOM   408 O  OP1   . DA  B 2 10 ? -9.102  -7.761  -11.720 1.00 136.52 ? 21  DA  B OP1   1 
ATOM   409 O  OP2   . DA  B 2 10 ? -7.051  -8.961  -12.665 1.00 134.94 ? 21  DA  B OP2   1 
ATOM   410 O  "O5'" . DA  B 2 10 ? -8.307  -7.325  -14.065 1.00 134.21 ? 21  DA  B "O5'" 1 
ATOM   411 C  "C5'" . DA  B 2 10 ? -8.753  -5.998  -14.319 1.00 131.12 ? 21  DA  B "C5'" 1 
ATOM   412 C  "C4'" . DA  B 2 10 ? -7.911  -5.329  -15.396 1.00 130.55 ? 21  DA  B "C4'" 1 
ATOM   413 O  "O4'" . DA  B 2 10 ? -6.502  -5.572  -15.140 1.00 128.79 ? 21  DA  B "O4'" 1 
ATOM   414 C  "C3'" . DA  B 2 10 ? -8.176  -5.813  -16.823 1.00 127.72 ? 21  DA  B "C3'" 1 
ATOM   415 O  "O3'" . DA  B 2 10 ? -8.203  -4.704  -17.718 1.00 125.40 ? 21  DA  B "O3'" 1 
ATOM   416 C  "C2'" . DA  B 2 10 ? -6.993  -6.736  -17.106 1.00 125.36 ? 21  DA  B "C2'" 1 
ATOM   417 C  "C1'" . DA  B 2 10 ? -5.886  -6.063  -16.309 1.00 123.20 ? 21  DA  B "C1'" 1 
ATOM   418 N  N9    . DA  B 2 10 ? -4.814  -6.972  -15.918 1.00 122.03 ? 21  DA  B N9    1 
ATOM   419 C  C8    . DA  B 2 10 ? -4.946  -8.164  -15.261 1.00 124.44 ? 21  DA  B C8    1 
ATOM   420 N  N7    . DA  B 2 10 ? -3.807  -8.774  -15.035 1.00 125.40 ? 21  DA  B N7    1 
ATOM   421 C  C5    . DA  B 2 10 ? -2.860  -7.921  -15.578 1.00 123.23 ? 21  DA  B C5    1 
ATOM   422 C  C6    . DA  B 2 10 ? -1.455  -7.997  -15.664 1.00 120.82 ? 21  DA  B C6    1 
ATOM   423 N  N6    . DA  B 2 10 ? -0.740  -9.016  -15.178 1.00 122.48 ? 21  DA  B N6    1 
ATOM   424 N  N1    . DA  B 2 10 ? -0.814  -6.978  -16.272 1.00 119.35 ? 21  DA  B N1    1 
ATOM   425 C  C2    . DA  B 2 10 ? -1.533  -5.960  -16.758 1.00 121.91 ? 21  DA  B C2    1 
ATOM   426 N  N3    . DA  B 2 10 ? -2.853  -5.779  -16.738 1.00 123.00 ? 21  DA  B N3    1 
ATOM   427 C  C4    . DA  B 2 10 ? -3.464  -6.808  -16.127 1.00 123.42 ? 21  DA  B C4    1 
ATOM   428 P  P     . DC  C 3 1  ? -11.120 7.243   -1.287  1.00 95.17  ? 1   DC  C P     1 
ATOM   429 O  OP1   . DC  C 3 1  ? -12.585 7.071   -1.387  1.00 96.92  ? 1   DC  C OP1   1 
ATOM   430 O  OP2   . DC  C 3 1  ? -10.228 6.073   -1.425  1.00 91.29  ? 1   DC  C OP2   1 
ATOM   431 O  "O5'" . DC  C 3 1  ? -10.767 7.935   0.107   1.00 91.88  ? 1   DC  C "O5'" 1 
ATOM   432 C  "C5'" . DC  C 3 1  ? -9.565  7.600   0.775   1.00 90.32  ? 1   DC  C "C5'" 1 
ATOM   433 C  "C4'" . DC  C 3 1  ? -9.022  8.796   1.522   1.00 86.95  ? 1   DC  C "C4'" 1 
ATOM   434 O  "O4'" . DC  C 3 1  ? -9.583  8.840   2.861   1.00 85.97  ? 1   DC  C "O4'" 1 
ATOM   435 C  "C3'" . DC  C 3 1  ? -7.523  8.781   1.722   1.00 85.40  ? 1   DC  C "C3'" 1 
ATOM   436 O  "O3'" . DC  C 3 1  ? -7.052  10.104  1.798   1.00 80.86  ? 1   DC  C "O3'" 1 
ATOM   437 C  "C2'" . DC  C 3 1  ? -7.385  8.054   3.052   1.00 85.91  ? 1   DC  C "C2'" 1 
ATOM   438 C  "C1'" . DC  C 3 1  ? -8.557  8.638   3.818   1.00 85.74  ? 1   DC  C "C1'" 1 
ATOM   439 N  N1    . DC  C 3 1  ? -9.093  7.754   4.888   1.00 90.77  ? 1   DC  C N1    1 
ATOM   440 C  C2    . DC  C 3 1  ? -9.207  8.242   6.193   1.00 97.64  ? 1   DC  C C2    1 
ATOM   441 O  O2    . DC  C 3 1  ? -8.837  9.396   6.439   1.00 104.33 ? 1   DC  C O2    1 
ATOM   442 N  N3    . DC  C 3 1  ? -9.717  7.435   7.154   1.00 95.91  ? 1   DC  C N3    1 
ATOM   443 C  C4    . DC  C 3 1  ? -10.106 6.196   6.848   1.00 95.10  ? 1   DC  C C4    1 
ATOM   444 N  N4    . DC  C 3 1  ? -10.602 5.437   7.829   1.00 94.81  ? 1   DC  C N4    1 
ATOM   445 C  C5    . DC  C 3 1  ? -10.003 5.682   5.521   1.00 94.67  ? 1   DC  C C5    1 
ATOM   446 C  C6    . DC  C 3 1  ? -9.498  6.488   4.582   1.00 91.39  ? 1   DC  C C6    1 
ATOM   447 P  P     . DA  C 3 2  ? -5.962  10.612  0.743   1.00 88.41  ? 2   DA  C P     1 
ATOM   448 O  OP1   . DA  C 3 2  ? -6.395  11.943  0.258   1.00 95.34  ? 2   DA  C OP1   1 
ATOM   449 O  OP2   . DA  C 3 2  ? -5.779  9.502   -0.223  1.00 94.41  ? 2   DA  C OP2   1 
ATOM   450 O  "O5'" . DA  C 3 2  ? -4.633  10.753  1.624   1.00 84.75  ? 2   DA  C "O5'" 1 
ATOM   451 C  "C5'" . DA  C 3 2  ? -3.996  9.588   2.132   1.00 82.93  ? 2   DA  C "C5'" 1 
ATOM   452 C  "C4'" . DA  C 3 2  ? -3.626  9.756   3.593   1.00 91.28  ? 2   DA  C "C4'" 1 
ATOM   453 O  "O4'" . DA  C 3 2  ? -4.733  9.324   4.415   1.00 98.96  ? 2   DA  C "O4'" 1 
ATOM   454 C  "C3'" . DA  C 3 2  ? -2.424  8.936   4.026   1.00 89.87  ? 2   DA  C "C3'" 1 
ATOM   455 O  "O3'" . DA  C 3 2  ? -1.250  9.748   3.971   1.00 92.08  ? 2   DA  C "O3'" 1 
ATOM   456 C  "C2'" . DA  C 3 2  ? -2.752  8.506   5.457   1.00 90.45  ? 2   DA  C "C2'" 1 
ATOM   457 C  "C1'" . DA  C 3 2  ? -4.278  8.585   5.528   1.00 91.66  ? 2   DA  C "C1'" 1 
ATOM   458 N  N9    . DA  C 3 2  ? -4.942  7.284   5.514   1.00 85.68  ? 2   DA  C N9    1 
ATOM   459 C  C8    . DA  C 3 2  ? -5.014  6.406   4.468   1.00 87.36  ? 2   DA  C C8    1 
ATOM   460 N  N7    . DA  C 3 2  ? -5.693  5.317   4.737   1.00 93.70  ? 2   DA  C N7    1 
ATOM   461 C  C5    . DA  C 3 2  ? -6.090  5.489   6.053   1.00 91.64  ? 2   DA  C C5    1 
ATOM   462 C  C6    . DA  C 3 2  ? -6.837  4.682   6.930   1.00 92.77  ? 2   DA  C C6    1 
ATOM   463 N  N6    . DA  C 3 2  ? -7.337  3.492   6.583   1.00 94.13  ? 2   DA  C N6    1 
ATOM   464 N  N1    . DA  C 3 2  ? -7.053  5.146   8.179   1.00 92.03  ? 2   DA  C N1    1 
ATOM   465 C  C2    . DA  C 3 2  ? -6.552  6.340   8.519   1.00 95.25  ? 2   DA  C C2    1 
ATOM   466 N  N3    . DA  C 3 2  ? -5.835  7.188   7.782   1.00 96.69  ? 2   DA  C N3    1 
ATOM   467 C  C4    . DA  C 3 2  ? -5.637  6.697   6.547   1.00 90.71  ? 2   DA  C C4    1 
ATOM   468 P  P     . DT  C 3 3  ? -0.762  10.587  5.256   1.00 108.04 ? 3   DT  C P     1 
ATOM   469 O  OP1   . DT  C 3 3  ? 0.040   9.684   6.110   1.00 99.08  ? 3   DT  C OP1   1 
ATOM   470 O  OP2   . DT  C 3 3  ? -1.902  11.356  5.806   1.00 96.10  ? 3   DT  C OP2   1 
ATOM   471 O  "O5'" . DT  C 3 3  ? 0.246   11.654  4.638   1.00 103.34 ? 3   DT  C "O5'" 1 
ATOM   472 C  "C5'" . DT  C 3 3  ? 0.589   11.574  3.275   1.00 93.73  ? 3   DT  C "C5'" 1 
ATOM   473 C  "C4'" . DT  C 3 3  ? 1.765   10.639  3.072   1.00 88.17  ? 3   DT  C "C4'" 1 
ATOM   474 O  "O4'" . DT  C 3 3  ? 1.414   9.632   2.091   1.00 76.86  ? 3   DT  C "O4'" 1 
ATOM   475 C  "C3'" . DT  C 3 3  ? 3.028   11.327  2.560   1.00 88.48  ? 3   DT  C "C3'" 1 
ATOM   476 O  "O3'" . DT  C 3 3  ? 3.993   11.388  3.599   1.00 88.34  ? 3   DT  C "O3'" 1 
ATOM   477 C  "C2'" . DT  C 3 3  ? 3.501   10.433  1.418   1.00 81.96  ? 3   DT  C "C2'" 1 
ATOM   478 C  "C1'" . DT  C 3 3  ? 2.205   9.794   0.940   1.00 76.84  ? 3   DT  C "C1'" 1 
ATOM   479 N  N1    . DT  C 3 3  ? 1.410   10.602  -0.065  1.00 76.00  ? 3   DT  C N1    1 
ATOM   480 C  C2    . DT  C 3 3  ? 2.043   11.257  -1.113  1.00 76.86  ? 3   DT  C C2    1 
ATOM   481 O  O2    . DT  C 3 3  ? 3.248   11.251  -1.299  1.00 73.06  ? 3   DT  C O2    1 
ATOM   482 N  N3    . DT  C 3 3  ? 1.197   11.932  -1.950  1.00 74.97  ? 3   DT  C N3    1 
ATOM   483 C  C4    . DT  C 3 3  ? -0.179  12.020  -1.864  1.00 75.40  ? 3   DT  C C4    1 
ATOM   484 O  O4    . DT  C 3 3  ? -0.848  12.657  -2.670  1.00 78.80  ? 3   DT  C O4    1 
ATOM   485 C  C5    . DT  C 3 3  ? -0.777  11.311  -0.760  1.00 76.54  ? 3   DT  C C5    1 
ATOM   486 C  C7    . DT  C 3 3  ? -2.264  11.334  -0.565  1.00 78.50  ? 3   DT  C C7    1 
ATOM   487 C  C6    . DT  C 3 3  ? 0.034   10.641  0.068   1.00 75.63  ? 3   DT  C C6    1 
ATOM   488 P  P     . DG  C 3 4  ? 4.231   12.764  4.394   1.00 98.62  ? 4   DG  C P     1 
ATOM   489 O  OP1   . DG  C 3 4  ? 5.315   12.554  5.376   1.00 94.84  ? 4   DG  C OP1   1 
ATOM   490 O  OP2   . DG  C 3 4  ? 2.910   13.257  4.837   1.00 94.92  ? 4   DG  C OP2   1 
ATOM   491 O  "O5'" . DG  C 3 4  ? 4.772   13.762  3.274   1.00 92.88  ? 4   DG  C "O5'" 1 
ATOM   492 C  "C5'" . DG  C 3 4  ? 5.957   13.448  2.563   1.00 90.01  ? 4   DG  C "C5'" 1 
ATOM   493 C  "C4'" . DG  C 3 4  ? 5.939   14.104  1.201   1.00 92.29  ? 4   DG  C "C4'" 1 
ATOM   494 O  "O4'" . DG  C 3 4  ? 4.719   13.754  0.532   1.00 89.60  ? 4   DG  C "O4'" 1 
ATOM   495 C  "C3'" . DG  C 3 4  ? 5.925   15.623  1.230   1.00 97.64  ? 4   DG  C "C3'" 1 
ATOM   496 O  "O3'" . DG  C 3 4  ? 7.251   16.129  1.219   1.00 104.11 ? 4   DG  C "O3'" 1 
ATOM   497 C  "C2'" . DG  C 3 4  ? 5.171   16.006  -0.050  1.00 94.90  ? 4   DG  C "C2'" 1 
ATOM   498 C  "C1'" . DG  C 3 4  ? 4.481   14.707  -0.474  1.00 91.50  ? 4   DG  C "C1'" 1 
ATOM   499 N  N9    . DG  C 3 4  ? 3.045   14.846  -0.660  1.00 90.12  ? 4   DG  C N9    1 
ATOM   500 C  C8    . DG  C 3 4  ? 2.044   14.280  0.090   1.00 87.12  ? 4   DG  C C8    1 
ATOM   501 N  N7    . DG  C 3 4  ? 0.847   14.586  -0.329  1.00 84.02  ? 4   DG  C N7    1 
ATOM   502 C  C5    . DG  C 3 4  ? 1.074   15.408  -1.427  1.00 88.23  ? 4   DG  C C5    1 
ATOM   503 C  C6    . DG  C 3 4  ? 0.158   16.050  -2.294  1.00 93.66  ? 4   DG  C C6    1 
ATOM   504 O  O6    . DG  C 3 4  ? -1.079  16.019  -2.263  1.00 94.99  ? 4   DG  C O6    1 
ATOM   505 N  N1    . DG  C 3 4  ? 0.812   16.791  -3.278  1.00 93.94  ? 4   DG  C N1    1 
ATOM   506 C  C2    . DG  C 3 4  ? 2.177   16.899  -3.404  1.00 92.71  ? 4   DG  C C2    1 
ATOM   507 N  N2    . DG  C 3 4  ? 2.624   17.655  -4.416  1.00 92.76  ? 4   DG  C N2    1 
ATOM   508 N  N3    . DG  C 3 4  ? 3.042   16.300  -2.602  1.00 88.67  ? 4   DG  C N3    1 
ATOM   509 C  C4    . DG  C 3 4  ? 2.422   15.576  -1.641  1.00 88.54  ? 4   DG  C C4    1 
ATOM   510 P  P     . DT  C 3 5  ? 7.527   17.660  1.625   1.00 122.60 ? 5   DT  C P     1 
ATOM   511 O  OP1   . DT  C 3 5  ? 8.988   17.827  1.779   1.00 123.94 ? 5   DT  C OP1   1 
ATOM   512 O  OP2   . DT  C 3 5  ? 6.615   18.008  2.738   1.00 110.74 ? 5   DT  C OP2   1 
ATOM   513 O  "O5'" . DT  C 3 5  ? 7.051   18.494  0.345   1.00 101.33 ? 5   DT  C "O5'" 1 
ATOM   514 C  "C5'" . DT  C 3 5  ? 7.972   18.796  -0.697  1.00 103.54 ? 5   DT  C "C5'" 1 
ATOM   515 C  "C4'" . DT  C 3 5  ? 7.424   19.902  -1.577  1.00 94.98  ? 5   DT  C "C4'" 1 
ATOM   516 O  "O4'" . DT  C 3 5  ? 6.218   19.439  -2.214  1.00 99.83  ? 5   DT  C "O4'" 1 
ATOM   517 C  "C3'" . DT  C 3 5  ? 7.016   21.154  -0.824  1.00 99.83  ? 5   DT  C "C3'" 1 
ATOM   518 O  "O3'" . DT  C 3 5  ? 8.128   22.045  -0.722  1.00 108.33 ? 5   DT  C "O3'" 1 
ATOM   519 C  "C2'" . DT  C 3 5  ? 5.903   21.743  -1.692  1.00 93.73  ? 5   DT  C "C2'" 1 
ATOM   520 C  "C1'" . DT  C 3 5  ? 5.362   20.533  -2.464  1.00 93.32  ? 5   DT  C "C1'" 1 
ATOM   521 N  N1    . DT  C 3 5  ? 3.976   20.145  -2.087  1.00 97.66  ? 5   DT  C N1    1 
ATOM   522 C  C2    . DT  C 3 5  ? 2.934   20.536  -2.890  1.00 98.38  ? 5   DT  C C2    1 
ATOM   523 O  O2    . DT  C 3 5  ? 3.085   21.198  -3.903  1.00 96.81  ? 5   DT  C O2    1 
ATOM   524 N  N3    . DT  C 3 5  ? 1.699   20.128  -2.465  1.00 97.79  ? 5   DT  C N3    1 
ATOM   525 C  C4    . DT  C 3 5  ? 1.407   19.380  -1.338  1.00 98.22  ? 5   DT  C C4    1 
ATOM   526 O  O4    . DT  C 3 5  ? 0.261   19.061  -1.040  1.00 96.90  ? 5   DT  C O4    1 
ATOM   527 C  C5    . DT  C 3 5  ? 2.548   18.998  -0.538  1.00 95.92  ? 5   DT  C C5    1 
ATOM   528 C  C7    . DT  C 3 5  ? 2.357   18.186  0.709   1.00 94.04  ? 5   DT  C C7    1 
ATOM   529 C  C6    . DT  C 3 5  ? 3.764   19.395  -0.946  1.00 96.07  ? 5   DT  C C6    1 
ATOM   530 O  "O5'" . DT  D 4 1  ? 6.676   -15.517 -16.735 1.00 128.46 ? 1   DT  D "O5'" 1 
ATOM   531 C  "C5'" . DT  D 4 1  ? 8.014   -15.313 -17.178 1.00 130.60 ? 1   DT  D "C5'" 1 
ATOM   532 C  "C4'" . DT  D 4 1  ? 8.055   -14.343 -18.346 1.00 129.89 ? 1   DT  D "C4'" 1 
ATOM   533 O  "O4'" . DT  D 4 1  ? 6.980   -14.656 -19.267 1.00 129.09 ? 1   DT  D "O4'" 1 
ATOM   534 C  "C3'" . DT  D 4 1  ? 7.827   -12.886 -17.984 1.00 130.29 ? 1   DT  D "C3'" 1 
ATOM   535 O  "O3'" . DT  D 4 1  ? 9.056   -12.270 -17.519 1.00 137.35 ? 1   DT  D "O3'" 1 
ATOM   536 C  "C2'" . DT  D 4 1  ? 7.336   -12.317 -19.308 1.00 125.52 ? 1   DT  D "C2'" 1 
ATOM   537 C  "C1'" . DT  D 4 1  ? 6.468   -13.458 -19.830 1.00 127.87 ? 1   DT  D "C1'" 1 
ATOM   538 N  N1    . DT  D 4 1  ? 5.037   -13.323 -19.451 1.00 127.18 ? 1   DT  D N1    1 
ATOM   539 C  C2    . DT  D 4 1  ? 4.258   -12.393 -20.098 1.00 125.12 ? 1   DT  D C2    1 
ATOM   540 O  O2    . DT  D 4 1  ? 4.679   -11.667 -20.981 1.00 121.70 ? 1   DT  D O2    1 
ATOM   541 N  N3    . DT  D 4 1  ? 2.957   -12.345 -19.677 1.00 123.98 ? 1   DT  D N3    1 
ATOM   542 C  C4    . DT  D 4 1  ? 2.371   -13.114 -18.690 1.00 126.03 ? 1   DT  D C4    1 
ATOM   543 O  O4    . DT  D 4 1  ? 1.189   -12.994 -18.381 1.00 125.76 ? 1   DT  D O4    1 
ATOM   544 C  C5    . DT  D 4 1  ? 3.245   -14.068 -18.049 1.00 127.59 ? 1   DT  D C5    1 
ATOM   545 C  C7    . DT  D 4 1  ? 2.722   -14.959 -16.963 1.00 127.61 ? 1   DT  D C7    1 
ATOM   546 C  C6    . DT  D 4 1  ? 4.520   -14.123 -18.456 1.00 126.68 ? 1   DT  D C6    1 
ATOM   547 P  P     . DC  D 4 2  ? 10.082  -11.521 -18.514 1.00 147.86 ? 2   DC  D P     1 
ATOM   548 O  OP1   . DC  D 4 2  ? 10.298  -12.357 -19.717 1.00 141.87 ? 2   DC  D OP1   1 
ATOM   549 O  OP2   . DC  D 4 2  ? 11.256  -11.168 -17.687 1.00 143.22 ? 2   DC  D OP2   1 
ATOM   550 O  "O5'" . DC  D 4 2  ? 9.334   -10.159 -18.921 1.00 135.47 ? 2   DC  D "O5'" 1 
ATOM   551 C  "C5'" . DC  D 4 2  ? 10.071  -9.072  -19.486 1.00 132.25 ? 2   DC  D "C5'" 1 
ATOM   552 C  "C4'" . DC  D 4 2  ? 9.285   -8.404  -20.604 1.00 130.81 ? 2   DC  D "C4'" 1 
ATOM   553 O  "O4'" . DC  D 4 2  ? 7.950   -8.979  -20.674 1.00 126.95 ? 2   DC  D "O4'" 1 
ATOM   554 C  "C3'" . DC  D 4 2  ? 9.070   -6.900  -20.441 1.00 129.04 ? 2   DC  D "C3'" 1 
ATOM   555 O  "O3'" . DC  D 4 2  ? 9.017   -6.281  -21.731 1.00 133.06 ? 2   DC  D "O3'" 1 
ATOM   556 C  "C2'" . DC  D 4 2  ? 7.719   -6.855  -19.742 1.00 128.26 ? 2   DC  D "C2'" 1 
ATOM   557 C  "C1'" . DC  D 4 2  ? 6.995   -7.951  -20.501 1.00 123.67 ? 2   DC  D "C1'" 1 
ATOM   558 N  N1    . DC  D 4 2  ? 5.817   -8.505  -19.785 1.00 122.41 ? 2   DC  D N1    1 
ATOM   559 C  C2    . DC  D 4 2  ? 4.531   -8.199  -20.238 1.00 125.19 ? 2   DC  D C2    1 
ATOM   560 O  O2    . DC  D 4 2  ? 4.397   -7.468  -21.228 1.00 126.25 ? 2   DC  D O2    1 
ATOM   561 N  N3    . DC  D 4 2  ? 3.464   -8.714  -19.578 1.00 123.79 ? 2   DC  D N3    1 
ATOM   562 C  C4    . DC  D 4 2  ? 3.652   -9.498  -18.514 1.00 122.08 ? 2   DC  D C4    1 
ATOM   563 N  N4    . DC  D 4 2  ? 2.572   -9.982  -17.894 1.00 118.69 ? 2   DC  D N4    1 
ATOM   564 C  C5    . DC  D 4 2  ? 4.958   -9.821  -18.040 1.00 120.46 ? 2   DC  D C5    1 
ATOM   565 C  C6    . DC  D 4 2  ? 5.999   -9.304  -18.697 1.00 121.38 ? 2   DC  D C6    1 
ATOM   566 P  P     . DT  D 4 3  ? 8.397   -4.807  -21.918 1.00 144.16 ? 3   DT  D P     1 
ATOM   567 O  OP1   . DT  D 4 3  ? 8.835   -4.318  -23.245 1.00 143.48 ? 3   DT  D OP1   1 
ATOM   568 O  OP2   . DT  D 4 3  ? 8.716   -4.021  -20.705 1.00 137.61 ? 3   DT  D OP2   1 
ATOM   569 O  "O5'" . DT  D 4 3  ? 6.815   -5.056  -21.993 1.00 133.15 ? 3   DT  D "O5'" 1 
ATOM   570 C  "C5'" . DT  D 4 3  ? 6.025   -4.377  -22.961 1.00 131.78 ? 3   DT  D "C5'" 1 
ATOM   571 C  "C4'" . DT  D 4 3  ? 4.976   -3.498  -22.295 1.00 133.45 ? 3   DT  D "C4'" 1 
ATOM   572 O  "O4'" . DT  D 4 3  ? 4.089   -4.311  -21.468 1.00 132.92 ? 3   DT  D "O4'" 1 
ATOM   573 C  "C3'" . DT  D 4 3  ? 5.530   -2.411  -21.356 1.00 130.20 ? 3   DT  D "C3'" 1 
ATOM   574 O  "O3'" . DT  D 4 3  ? 4.724   -1.237  -21.430 1.00 131.85 ? 3   DT  D "O3'" 1 
ATOM   575 C  "C2'" . DT  D 4 3  ? 5.334   -3.062  -19.997 1.00 127.95 ? 3   DT  D "C2'" 1 
ATOM   576 C  "C1'" . DT  D 4 3  ? 3.960   -3.653  -20.233 1.00 129.05 ? 3   DT  D "C1'" 1 
ATOM   577 N  N1    . DT  D 4 3  ? 3.487   -4.591  -19.169 1.00 127.19 ? 3   DT  D N1    1 
ATOM   578 C  C2    . DT  D 4 3  ? 2.134   -4.788  -19.005 1.00 125.22 ? 3   DT  D C2    1 
ATOM   579 O  O2    . DT  D 4 3  ? 1.293   -4.264  -19.713 1.00 124.19 ? 3   DT  D O2    1 
ATOM   580 N  N3    . DT  D 4 3  ? 1.798   -5.643  -17.988 1.00 123.43 ? 3   DT  D N3    1 
ATOM   581 C  C4    . DT  D 4 3  ? 2.659   -6.293  -17.126 1.00 122.35 ? 3   DT  D C4    1 
ATOM   582 O  O4    . DT  D 4 3  ? 2.259   -7.043  -16.239 1.00 118.40 ? 3   DT  D O4    1 
ATOM   583 C  C5    . DT  D 4 3  ? 4.063   -6.029  -17.340 1.00 121.84 ? 3   DT  D C5    1 
ATOM   584 C  C7    . DT  D 4 3  ? 5.093   -6.676  -16.466 1.00 118.89 ? 3   DT  D C7    1 
ATOM   585 C  C6    . DT  D 4 3  ? 4.403   -5.194  -18.334 1.00 123.28 ? 3   DT  D C6    1 
ATOM   586 P  P     . DG  D 4 4  ? 4.718   -0.271  -22.715 1.00 139.40 ? 4   DG  D P     1 
ATOM   587 O  OP1   . DG  D 4 4  ? 5.352   -0.931  -23.876 1.00 139.74 ? 4   DG  D OP1   1 
ATOM   588 O  OP2   . DG  D 4 4  ? 5.235   1.037   -22.257 1.00 140.34 ? 4   DG  D OP2   1 
ATOM   589 O  "O5'" . DG  D 4 4  ? 3.155   -0.081  -23.003 1.00 134.25 ? 4   DG  D "O5'" 1 
ATOM   590 C  "C5'" . DG  D 4 4  ? 2.213   -0.991  -22.426 1.00 131.31 ? 4   DG  D "C5'" 1 
ATOM   591 C  "C4'" . DG  D 4 4  ? 1.152   -0.244  -21.635 1.00 133.13 ? 4   DG  D "C4'" 1 
ATOM   592 O  "O4'" . DG  D 4 4  ? 1.007   -0.849  -20.321 1.00 132.06 ? 4   DG  D "O4'" 1 
ATOM   593 C  "C3'" . DG  D 4 4  ? 1.468   1.220   -21.371 1.00 131.25 ? 4   DG  D "C3'" 1 
ATOM   594 O  "O3'" . DG  D 4 4  ? 0.267   1.960   -21.258 1.00 130.03 ? 4   DG  D "O3'" 1 
ATOM   595 C  "C2'" . DG  D 4 4  ? 2.201   1.152   -20.038 1.00 125.26 ? 4   DG  D "C2'" 1 
ATOM   596 C  "C1'" . DG  D 4 4  ? 1.391   0.081   -19.324 1.00 124.20 ? 4   DG  D "C1'" 1 
ATOM   597 N  N9    . DG  D 4 4  ? 2.143   -0.629  -18.297 1.00 121.17 ? 4   DG  D N9    1 
ATOM   598 C  C8    . DG  D 4 4  ? 3.509   -0.683  -18.158 1.00 121.43 ? 4   DG  D C8    1 
ATOM   599 N  N7    . DG  D 4 4  ? 3.899   -1.401  -17.143 1.00 119.39 ? 4   DG  D N7    1 
ATOM   600 C  C5    . DG  D 4 4  ? 2.717   -1.856  -16.573 1.00 120.38 ? 4   DG  D C5    1 
ATOM   601 C  C6    . DG  D 4 4  ? 2.504   -2.679  -15.442 1.00 117.87 ? 4   DG  D C6    1 
ATOM   602 O  O6    . DG  D 4 4  ? 3.351   -3.190  -14.694 1.00 114.12 ? 4   DG  D O6    1 
ATOM   603 N  N1    . DG  D 4 4  ? 1.148   -2.896  -15.210 1.00 117.14 ? 4   DG  D N1    1 
ATOM   604 C  C2    . DG  D 4 4  ? 0.128   -2.381  -15.973 1.00 117.16 ? 4   DG  D C2    1 
ATOM   605 N  N2    . DG  D 4 4  ? -1.118  -2.700  -15.594 1.00 114.37 ? 4   DG  D N2    1 
ATOM   606 N  N3    . DG  D 4 4  ? 0.312   -1.608  -17.034 1.00 117.19 ? 4   DG  D N3    1 
ATOM   607 C  C4    . DG  D 4 4  ? 1.627   -1.388  -17.274 1.00 119.93 ? 4   DG  D C4    1 
ATOM   608 P  P     . DA  D 4 5  ? 0.294   3.554   -21.439 1.00 142.47 ? 5   DA  D P     1 
ATOM   609 O  OP1   . DA  D 4 5  ? 0.967   3.836   -22.726 1.00 140.09 ? 5   DA  D OP1   1 
ATOM   610 O  OP2   . DA  D 4 5  ? 0.833   4.133   -20.189 1.00 136.53 ? 5   DA  D OP2   1 
ATOM   611 O  "O5'" . DA  D 4 5  ? -1.249  3.958   -21.564 1.00 137.61 ? 5   DA  D "O5'" 1 
ATOM   612 C  "C5'" . DA  D 4 5  ? -1.856  4.784   -20.574 1.00 134.50 ? 5   DA  D "C5'" 1 
ATOM   613 C  "C4'" . DA  D 4 5  ? -3.056  4.088   -19.960 1.00 131.05 ? 5   DA  D "C4'" 1 
ATOM   614 O  "O4'" . DA  D 4 5  ? -2.614  2.875   -19.303 1.00 127.27 ? 5   DA  D "O4'" 1 
ATOM   615 C  "C3'" . DA  D 4 5  ? -3.798  4.889   -18.894 1.00 127.10 ? 5   DA  D "C3'" 1 
ATOM   616 O  "O3'" . DA  D 4 5  ? -5.209  4.547   -18.911 1.00 131.07 ? 5   DA  D "O3'" 1 
ATOM   617 C  "C2'" . DA  D 4 5  ? -3.093  4.461   -17.616 1.00 120.33 ? 5   DA  D "C2'" 1 
ATOM   618 C  "C1'" . DA  D 4 5  ? -2.757  3.003   -17.902 1.00 121.15 ? 5   DA  D "C1'" 1 
ATOM   619 N  N9    . DA  D 4 5  ? -1.522  2.577   -17.267 1.00 118.94 ? 5   DA  D N9    1 
ATOM   620 C  C8    . DA  D 4 5  ? -0.250  2.893   -17.648 1.00 119.13 ? 5   DA  D C8    1 
ATOM   621 N  N7    . DA  D 4 5  ? 0.675   2.377   -16.877 1.00 116.44 ? 5   DA  D N7    1 
ATOM   622 C  C5    . DA  D 4 5  ? -0.043  1.680   -15.920 1.00 113.74 ? 5   DA  D C5    1 
ATOM   623 C  C6    . DA  D 4 5  ? 0.355   0.910   -14.813 1.00 112.74 ? 5   DA  D C6    1 
ATOM   624 N  N6    . DA  D 4 5  ? 1.632   0.712   -14.479 1.00 109.97 ? 5   DA  D N6    1 
ATOM   625 N  N1    . DA  D 4 5  ? -0.616  0.349   -14.060 1.00 110.25 ? 5   DA  D N1    1 
ATOM   626 C  C2    . DA  D 4 5  ? -1.894  0.550   -14.400 1.00 109.36 ? 5   DA  D C2    1 
ATOM   627 N  N3    . DA  D 4 5  ? -2.388  1.254   -15.416 1.00 110.81 ? 5   DA  D N3    1 
ATOM   628 C  C4    . DA  D 4 5  ? -1.399  1.798   -16.144 1.00 113.92 ? 5   DA  D C4    1 
ATOM   629 P  P     . DG  D 4 6  ? -6.074  4.311   -17.567 1.00 139.07 ? 6   DG  D P     1 
ATOM   630 O  OP1   . DG  D 4 6  ? -5.653  3.028   -16.961 1.00 128.45 ? 6   DG  D OP1   1 
ATOM   631 O  OP2   . DG  D 4 6  ? -7.484  4.403   -18.005 1.00 135.45 ? 6   DG  D OP2   1 
ATOM   632 O  "O5'" . DG  D 4 6  ? -5.831  5.628   -16.662 1.00 126.93 ? 6   DG  D "O5'" 1 
ATOM   633 C  "C5'" . DG  D 4 6  ? -5.322  5.558   -15.299 1.00 121.26 ? 6   DG  D "C5'" 1 
ATOM   634 C  "C4'" . DG  D 4 6  ? -6.054  4.527   -14.453 1.00 119.36 ? 6   DG  D "C4'" 1 
ATOM   635 O  "O4'" . DG  D 4 6  ? -5.165  3.413   -14.208 1.00 116.31 ? 6   DG  D "O4'" 1 
ATOM   636 C  "C3'" . DG  D 4 6  ? -6.459  4.999   -13.070 1.00 112.89 ? 6   DG  D "C3'" 1 
ATOM   637 O  "O3'" . DG  D 4 6  ? -7.518  4.196   -12.570 1.00 115.27 ? 6   DG  D "O3'" 1 
ATOM   638 C  "C2'" . DG  D 4 6  ? -5.180  4.786   -12.270 1.00 107.33 ? 6   DG  D "C2'" 1 
ATOM   639 C  "C1'" . DG  D 4 6  ? -4.567  3.551   -12.930 1.00 106.24 ? 6   DG  D "C1'" 1 
ATOM   640 N  N9    . DG  D 4 6  ? -3.124  3.666   -13.095 1.00 105.33 ? 6   DG  D N9    1 
ATOM   641 C  C8    . DG  D 4 6  ? -2.452  4.393   -14.047 1.00 107.80 ? 6   DG  D C8    1 
ATOM   642 N  N7    . DG  D 4 6  ? -1.155  4.324   -13.934 1.00 105.11 ? 6   DG  D N7    1 
ATOM   643 C  C5    . DG  D 4 6  ? -0.956  3.505   -12.832 1.00 101.60 ? 6   DG  D C5    1 
ATOM   644 C  C6    . DG  D 4 6  ? 0.245   3.068   -12.227 1.00 101.05 ? 6   DG  D C6    1 
ATOM   645 O  O6    . DG  D 4 6  ? 1.409   3.329   -12.559 1.00 97.90  ? 6   DG  D O6    1 
ATOM   646 N  N1    . DG  D 4 6  ? -0.003  2.248   -11.128 1.00 100.13 ? 6   DG  D N1    1 
ATOM   647 C  C2    . DG  D 4 6  ? -1.252  1.896   -10.675 1.00 101.83 ? 6   DG  D C2    1 
ATOM   648 N  N2    . DG  D 4 6  ? -1.294  1.096   -9.599  1.00 99.41  ? 6   DG  D N2    1 
ATOM   649 N  N3    . DG  D 4 6  ? -2.383  2.299   -11.234 1.00 98.53  ? 6   DG  D N3    1 
ATOM   650 C  C4    . DG  D 4 6  ? -2.159  3.099   -12.302 1.00 100.95 ? 6   DG  D C4    1 
ATOM   651 P  P     . DT  D 4 7  ? -8.701  4.867   -11.717 1.00 126.61 ? 7   DT  D P     1 
ATOM   652 O  OP1   . DT  D 4 7  ? -9.979  4.268   -12.156 1.00 127.77 ? 7   DT  D OP1   1 
ATOM   653 O  OP2   . DT  D 4 7  ? -8.506  6.333   -11.773 1.00 121.55 ? 7   DT  D OP2   1 
ATOM   654 O  "O5'" . DT  D 4 7  ? -8.399  4.413   -10.216 1.00 118.42 ? 7   DT  D "O5'" 1 
ATOM   655 C  "C5'" . DT  D 4 7  ? -7.337  5.016   -9.504  1.00 109.70 ? 7   DT  D "C5'" 1 
ATOM   656 C  "C4'" . DT  D 4 7  ? -6.694  4.024   -8.561  1.00 104.30 ? 7   DT  D "C4'" 1 
ATOM   657 O  "O4'" . DT  D 4 7  ? -5.321  3.772   -8.979  1.00 101.55 ? 7   DT  D "O4'" 1 
ATOM   658 C  "C3'" . DT  D 4 7  ? -6.601  4.499   -7.117  1.00 100.99 ? 7   DT  D "C3'" 1 
ATOM   659 O  "O3'" . DT  D 4 7  ? -6.742  3.395   -6.236  1.00 106.17 ? 7   DT  D "O3'" 1 
ATOM   660 C  "C2'" . DT  D 4 7  ? -5.196  5.079   -7.064  1.00 97.68  ? 7   DT  D "C2'" 1 
ATOM   661 C  "C1'" . DT  D 4 7  ? -4.456  4.058   -7.903  1.00 93.70  ? 7   DT  D "C1'" 1 
ATOM   662 N  N1    . DT  D 4 7  ? -3.148  4.537   -8.437  1.00 89.76  ? 7   DT  D N1    1 
ATOM   663 C  C2    . DT  D 4 7  ? -1.989  4.098   -7.842  1.00 89.43  ? 7   DT  D C2    1 
ATOM   664 O  O2    . DT  D 4 7  ? -1.972  3.338   -6.890  1.00 88.58  ? 7   DT  D O2    1 
ATOM   665 N  N3    . DT  D 4 7  ? -0.839  4.585   -8.402  1.00 88.97  ? 7   DT  D N3    1 
ATOM   666 C  C4    . DT  D 4 7  ? -0.732  5.447   -9.477  1.00 88.93  ? 7   DT  D C4    1 
ATOM   667 O  O4    . DT  D 4 7  ? 0.352   5.827   -9.905  1.00 85.58  ? 7   DT  D O4    1 
ATOM   668 C  C5    . DT  D 4 7  ? -1.985  5.870   -10.058 1.00 90.21  ? 7   DT  D C5    1 
ATOM   669 C  C7    . DT  D 4 7  ? -1.994  6.808   -11.231 1.00 92.93  ? 7   DT  D C7    1 
ATOM   670 C  C6    . DT  D 4 7  ? -3.121  5.400   -9.515  1.00 91.84  ? 7   DT  D C6    1 
ATOM   671 P  P     . DG  D 4 8  ? -7.385  3.602   -4.779  1.00 117.65 ? 8   DG  D P     1 
ATOM   672 O  OP1   . DG  D 4 8  ? -8.589  2.747   -4.700  1.00 112.02 ? 8   DG  D OP1   1 
ATOM   673 O  OP2   . DG  D 4 8  ? -7.491  5.059   -4.533  1.00 106.31 ? 8   DG  D OP2   1 
ATOM   674 O  "O5'" . DG  D 4 8  ? -6.279  3.013   -3.787  1.00 107.86 ? 8   DG  D "O5'" 1 
ATOM   675 C  "C5'" . DG  D 4 8  ? -4.907  3.112   -4.130  1.00 93.70  ? 8   DG  D "C5'" 1 
ATOM   676 C  "C4'" . DG  D 4 8  ? -4.020  2.701   -2.972  1.00 89.19  ? 8   DG  D "C4'" 1 
ATOM   677 O  "O4'" . DG  D 4 8  ? -2.674  3.139   -3.238  1.00 89.54  ? 8   DG  D "O4'" 1 
ATOM   678 C  "C3'" . DG  D 4 8  ? -4.334  3.378   -1.664  1.00 85.33  ? 8   DG  D "C3'" 1 
ATOM   679 O  "O3'" . DG  D 4 8  ? -3.605  2.728   -0.632  1.00 85.52  ? 8   DG  D "O3'" 1 
ATOM   680 C  "C2'" . DG  D 4 8  ? -3.785  4.775   -1.936  1.00 87.20  ? 8   DG  D "C2'" 1 
ATOM   681 C  "C1'" . DG  D 4 8  ? -2.506  4.449   -2.715  1.00 76.82  ? 8   DG  D "C1'" 1 
ATOM   682 N  N9    . DG  D 4 8  ? -2.255  5.338   -3.840  1.00 75.02  ? 8   DG  D N9    1 
ATOM   683 C  C8    . DG  D 4 8  ? -3.188  5.937   -4.647  1.00 80.14  ? 8   DG  D C8    1 
ATOM   684 N  N7    . DG  D 4 8  ? -2.666  6.659   -5.598  1.00 78.42  ? 8   DG  D N7    1 
ATOM   685 C  C5    . DG  D 4 8  ? -1.297  6.527   -5.410  1.00 74.46  ? 8   DG  D C5    1 
ATOM   686 C  C6    . DG  D 4 8  ? -0.219  7.085   -6.133  1.00 74.16  ? 8   DG  D C6    1 
ATOM   687 O  O6    . DG  D 4 8  ? -0.263  7.835   -7.118  1.00 76.30  ? 8   DG  D O6    1 
ATOM   688 N  N1    . DG  D 4 8  ? 1.010   6.698   -5.608  1.00 67.45  ? 8   DG  D N1    1 
ATOM   689 C  C2    . DG  D 4 8  ? 1.176   5.874   -4.521  1.00 71.37  ? 8   DG  D C2    1 
ATOM   690 N  N2    . DG  D 4 8  ? 2.440   5.612   -4.163  1.00 68.31  ? 8   DG  D N2    1 
ATOM   691 N  N3    . DG  D 4 8  ? 0.173   5.343   -3.834  1.00 68.92  ? 8   DG  D N3    1 
ATOM   692 C  C4    . DG  D 4 8  ? -1.029  5.712   -4.334  1.00 68.94  ? 8   DG  D C4    1 
ATOM   693 P  P     . DG  D 4 9  ? -3.988  2.955   0.911   1.00 102.96 ? 9   DG  D P     1 
ATOM   694 O  OP1   . DG  D 4 9  ? -4.287  1.629   1.501   1.00 102.78 ? 9   DG  D OP1   1 
ATOM   695 O  OP2   . DG  D 4 9  ? -5.009  4.023   0.969   1.00 97.66  ? 9   DG  D OP2   1 
ATOM   696 O  "O5'" . DG  D 4 9  ? -2.634  3.520   1.552   1.00 90.17  ? 9   DG  D "O5'" 1 
ATOM   697 C  "C5'" . DG  D 4 9  ? -2.082  4.744   1.072   1.00 86.34  ? 9   DG  D "C5'" 1 
ATOM   698 C  "C4'" . DG  D 4 9  ? -0.576  4.777   1.260   1.00 90.78  ? 9   DG  D "C4'" 1 
ATOM   699 O  "O4'" . DG  D 4 9  ? 0.051   5.257   0.049   1.00 92.84  ? 9   DG  D "O4'" 1 
ATOM   700 C  "C3'" . DG  D 4 9  ? -0.104  5.742   2.320   1.00 84.09  ? 9   DG  D "C3'" 1 
ATOM   701 O  "O3'" . DG  D 4 9  ? 1.216   5.428   2.699   1.00 86.66  ? 9   DG  D "O3'" 1 
ATOM   702 C  "C2'" . DG  D 4 9  ? -0.150  7.053   1.569   1.00 83.14  ? 9   DG  D "C2'" 1 
ATOM   703 C  "C1'" . DG  D 4 9  ? 0.365   6.632   0.195   1.00 76.69  ? 9   DG  D "C1'" 1 
ATOM   704 N  N9    . DG  D 4 9  ? -0.280  7.357   -0.879  1.00 70.08  ? 9   DG  D N9    1 
ATOM   705 C  C8    . DG  D 4 9  ? -1.629  7.507   -1.065  1.00 75.78  ? 9   DG  D C8    1 
ATOM   706 N  N7    . DG  D 4 9  ? -1.932  8.216   -2.112  1.00 78.81  ? 9   DG  D N7    1 
ATOM   707 C  C5    . DG  D 4 9  ? -0.702  8.561   -2.655  1.00 73.16  ? 9   DG  D C5    1 
ATOM   708 C  C6    . DG  D 4 9  ? -0.398  9.326   -3.800  1.00 71.04  ? 9   DG  D C6    1 
ATOM   709 O  O6    . DG  D 4 9  ? -1.183  9.869   -4.590  1.00 70.26  ? 9   DG  D O6    1 
ATOM   710 N  N1    . DG  D 4 9  ? 0.977   9.436   -3.998  1.00 64.85  ? 9   DG  D N1    1 
ATOM   711 C  C2    . DG  D 4 9  ? 1.934   8.873   -3.188  1.00 68.68  ? 9   DG  D C2    1 
ATOM   712 N  N2    . DG  D 4 9  ? 3.211   9.090   -3.536  1.00 67.22  ? 9   DG  D N2    1 
ATOM   713 N  N3    . DG  D 4 9  ? 1.662   8.155   -2.106  1.00 66.56  ? 9   DG  D N3    1 
ATOM   714 C  C4    . DG  D 4 9  ? 0.327   8.038   -1.904  1.00 69.08  ? 9   DG  D C4    1 
ATOM   715 P  P     . DC  D 4 10 ? 1.500   4.773   4.134   1.00 106.70 ? 10  DC  D P     1 
ATOM   716 O  OP1   . DC  D 4 10 ? 2.967   4.711   4.316   1.00 99.31  ? 10  DC  D OP1   1 
ATOM   717 O  OP2   . DC  D 4 10 ? 0.670   3.547   4.200   1.00 100.60 ? 10  DC  D OP2   1 
ATOM   718 O  "O5'" . DC  D 4 10 ? 0.906   5.833   5.174   1.00 96.74  ? 10  DC  D "O5'" 1 
ATOM   719 C  "C5'" . DC  D 4 10 ? -0.393  5.645   5.700   1.00 90.18  ? 10  DC  D "C5'" 1 
ATOM   720 C  "C4'" . DC  D 4 10 ? -0.479  6.124   7.131   1.00 90.28  ? 10  DC  D "C4'" 1 
ATOM   721 O  "O4'" . DC  D 4 10 ? -1.873  6.284   7.479   1.00 92.91  ? 10  DC  D "O4'" 1 
ATOM   722 C  "C3'" . DC  D 4 10 ? 0.131   5.172   8.156   1.00 94.28  ? 10  DC  D "C3'" 1 
ATOM   723 O  "O3'" . DC  D 4 10 ? 1.352   5.708   8.631   1.00 95.57  ? 10  DC  D "O3'" 1 
ATOM   724 C  "C2'" . DC  D 4 10 ? -0.900  5.102   9.280   1.00 91.27  ? 10  DC  D "C2'" 1 
ATOM   725 C  "C1'" . DC  D 4 10 ? -2.200  5.506   8.604   1.00 89.20  ? 10  DC  D "C1'" 1 
ATOM   726 N  N1    . DC  D 4 10 ? -3.071  4.357   8.178   1.00 91.28  ? 10  DC  D N1    1 
ATOM   727 C  C2    . DC  D 4 10 ? -3.809  3.660   9.142   1.00 94.16  ? 10  DC  D C2    1 
ATOM   728 O  O2    . DC  D 4 10 ? -3.709  3.988   10.332  1.00 92.62  ? 10  DC  D O2    1 
ATOM   729 N  N3    . DC  D 4 10 ? -4.606  2.637   8.745   1.00 94.17  ? 10  DC  D N3    1 
ATOM   730 C  C4    . DC  D 4 10 ? -4.683  2.312   7.452   1.00 94.78  ? 10  DC  D C4    1 
ATOM   731 N  N4    . DC  D 4 10 ? -5.485  1.297   7.109   1.00 95.38  ? 10  DC  D N4    1 
ATOM   732 C  C5    . DC  D 4 10 ? -3.948  3.017   6.455   1.00 94.00  ? 10  DC  D C5    1 
ATOM   733 C  C6    . DC  D 4 10 ? -3.167  4.024   6.858   1.00 89.92  ? 10  DC  D C6    1 
ATOM   734 P  P     . DG  D 4 11 ? 2.533   4.731   9.105   1.00 98.33  ? 11  DG  D P     1 
ATOM   735 O  OP1   . DG  D 4 11 ? 3.626   5.584   9.624   1.00 90.59  ? 11  DG  D OP1   1 
ATOM   736 O  OP2   . DG  D 4 11 ? 2.783   3.803   7.978   1.00 100.23 ? 11  DG  D OP2   1 
ATOM   737 O  "O5'" . DG  D 4 11 ? 1.890   3.880   10.309  1.00 89.59  ? 11  DG  D "O5'" 1 
ATOM   738 C  "C5'" . DG  D 4 11 ? 1.741   4.457   11.617  1.00 90.11  ? 11  DG  D "C5'" 1 
ATOM   739 C  "C4'" . DG  D 4 11 ? 0.793   3.625   12.477  1.00 93.69  ? 11  DG  D "C4'" 1 
ATOM   740 O  "O4'" . DG  D 4 11 ? -0.400  3.351   11.729  1.00 91.36  ? 11  DG  D "O4'" 1 
ATOM   741 C  "C3'" . DG  D 4 11 ? 1.324   2.259   12.890  1.00 105.51 ? 11  DG  D "C3'" 1 
ATOM   742 O  "O3'" . DG  D 4 11 ? 1.930   2.338   14.176  1.00 111.35 ? 11  DG  D "O3'" 1 
ATOM   743 C  "C2'" . DG  D 4 11 ? 0.080   1.358   12.921  1.00 103.18 ? 11  DG  D "C2'" 1 
ATOM   744 C  "C1'" . DG  D 4 11 ? -0.999  2.171   12.205  1.00 93.49  ? 11  DG  D "C1'" 1 
ATOM   745 N  N9    . DG  D 4 11 ? -1.598  1.479   11.067  1.00 96.59  ? 11  DG  D N9    1 
ATOM   746 C  C8    . DG  D 4 11 ? -1.280  1.650   9.743   1.00 97.46  ? 11  DG  D C8    1 
ATOM   747 N  N7    . DG  D 4 11 ? -1.986  0.906   8.938   1.00 99.06  ? 11  DG  D N7    1 
ATOM   748 C  C5    . DG  D 4 11 ? -2.829  0.196   9.784   1.00 99.98  ? 11  DG  D C5    1 
ATOM   749 C  C6    . DG  D 4 11 ? -3.822  -0.769  9.483   1.00 103.12 ? 11  DG  D C6    1 
ATOM   750 O  O6    . DG  D 4 11 ? -4.164  -1.200  8.373   1.00 103.62 ? 11  DG  D O6    1 
ATOM   751 N  N1    . DG  D 4 11 ? -4.445  -1.242  10.635  1.00 103.79 ? 11  DG  D N1    1 
ATOM   752 C  C2    . DG  D 4 11 ? -4.144  -0.839  11.914  1.00 104.81 ? 11  DG  D C2    1 
ATOM   753 N  N2    . DG  D 4 11 ? -4.853  -1.407  12.898  1.00 107.97 ? 11  DG  D N2    1 
ATOM   754 N  N3    . DG  D 4 11 ? -3.219  0.067   12.209  1.00 100.88 ? 11  DG  D N3    1 
ATOM   755 C  C4    . DG  D 4 11 ? -2.603  0.538   11.098  1.00 99.40  ? 11  DG  D C4    1 
ATOM   756 P  P     . DT  D 4 12 ? 2.777   1.095   14.744  1.00 117.01 ? 12  DT  D P     1 
ATOM   757 O  OP1   . DT  D 4 12 ? 3.620   1.590   15.856  1.00 119.68 ? 12  DT  D OP1   1 
ATOM   758 O  OP2   . DT  D 4 12 ? 3.394   0.415   13.584  1.00 110.06 ? 12  DT  D OP2   1 
ATOM   759 O  "O5'" . DT  D 4 12 ? 1.670   0.101   15.331  1.00 106.26 ? 12  DT  D "O5'" 1 
ATOM   760 C  "C5'" . DT  D 4 12 ? 0.805   0.532   16.371  1.00 109.40 ? 12  DT  D "C5'" 1 
ATOM   761 C  "C4'" . DT  D 4 12 ? -0.102  -0.598  16.829  1.00 112.74 ? 12  DT  D "C4'" 1 
ATOM   762 O  "O4'" . DT  D 4 12 ? -1.009  -0.968  15.757  1.00 115.05 ? 12  DT  D "O4'" 1 
ATOM   763 C  "C3'" . DT  D 4 12 ? 0.613   -1.886  17.236  1.00 116.16 ? 12  DT  D "C3'" 1 
ATOM   764 O  "O3'" . DT  D 4 12 ? -0.056  -2.464  18.349  1.00 122.73 ? 12  DT  D "O3'" 1 
ATOM   765 C  "C2'" . DT  D 4 12 ? 0.476   -2.755  15.990  1.00 114.18 ? 12  DT  D "C2'" 1 
ATOM   766 C  "C1'" . DT  D 4 12 ? -0.909  -2.354  15.512  1.00 111.94 ? 12  DT  D "C1'" 1 
ATOM   767 N  N1    . DT  D 4 12 ? -1.130  -2.593  14.065  1.00 108.51 ? 12  DT  D N1    1 
ATOM   768 C  C2    . DT  D 4 12 ? -2.235  -3.303  13.663  1.00 112.86 ? 12  DT  D C2    1 
ATOM   769 O  O2    . DT  D 4 12 ? -3.056  -3.757  14.440  1.00 116.19 ? 12  DT  D O2    1 
ATOM   770 N  N3    . DT  D 4 12 ? -2.349  -3.464  12.309  1.00 112.30 ? 12  DT  D N3    1 
ATOM   771 C  C4    . DT  D 4 12 ? -1.485  -2.995  11.336  1.00 108.70 ? 12  DT  D C4    1 
ATOM   772 O  O4    . DT  D 4 12 ? -1.674  -3.193  10.141  1.00 108.39 ? 12  DT  D O4    1 
ATOM   773 C  C5    . DT  D 4 12 ? -0.344  -2.258  11.826  1.00 106.41 ? 12  DT  D C5    1 
ATOM   774 C  C7    . DT  D 4 12 ? 0.665   -1.700  10.865  1.00 105.73 ? 12  DT  D C7    1 
ATOM   775 C  C6    . DT  D 4 12 ? -0.223  -2.095  13.152  1.00 105.79 ? 12  DT  D C6    1 
ATOM   776 P  P     . DC  D 4 13 ? 0.475   -3.833  19.003  1.00 137.53 ? 13  DC  D P     1 
ATOM   777 O  OP1   . DC  D 4 13 ? 0.133   -3.784  20.442  1.00 129.94 ? 13  DC  D OP1   1 
ATOM   778 O  OP2   . DC  D 4 13 ? 1.878   -4.040  18.583  1.00 137.66 ? 13  DC  D OP2   1 
ATOM   779 O  "O5'" . DC  D 4 13 ? -0.426  -4.962  18.317  1.00 121.96 ? 13  DC  D "O5'" 1 
ATOM   780 C  "C5'" . DC  D 4 13 ? -1.807  -5.052  18.638  1.00 121.73 ? 13  DC  D "C5'" 1 
ATOM   781 C  "C4'" . DC  D 4 13 ? -2.465  -6.216  17.916  1.00 128.87 ? 13  DC  D "C4'" 1 
ATOM   782 O  "O4'" . DC  D 4 13 ? -2.392  -6.010  16.480  1.00 128.86 ? 13  DC  D "O4'" 1 
ATOM   783 C  "C3'" . DC  D 4 13 ? -1.842  -7.590  18.177  1.00 135.51 ? 13  DC  D "C3'" 1 
ATOM   784 O  "O3'" . DC  D 4 13 ? -2.880  -8.556  18.306  1.00 142.37 ? 13  DC  D "O3'" 1 
ATOM   785 C  "C2'" . DC  D 4 13 ? -1.010  -7.825  16.916  1.00 134.41 ? 13  DC  D "C2'" 1 
ATOM   786 C  "C1'" . DC  D 4 13 ? -1.903  -7.183  15.871  1.00 128.84 ? 13  DC  D "C1'" 1 
ATOM   787 N  N1    . DC  D 4 13 ? -1.204  -6.801  14.612  1.00 124.30 ? 13  DC  D N1    1 
ATOM   788 C  C2    . DC  D 4 13 ? -1.743  -7.187  13.380  1.00 124.85 ? 13  DC  D C2    1 
ATOM   789 O  O2    . DC  D 4 13 ? -2.785  -7.855  13.361  1.00 126.49 ? 13  DC  D O2    1 
ATOM   790 N  N3    . DC  D 4 13 ? -1.106  -6.821  12.240  1.00 122.13 ? 13  DC  D N3    1 
ATOM   791 C  C4    . DC  D 4 13 ? 0.015   -6.100  12.305  1.00 119.53 ? 13  DC  D C4    1 
ATOM   792 N  N4    . DC  D 4 13 ? 0.610   -5.762  11.156  1.00 116.61 ? 13  DC  D N4    1 
ATOM   793 C  C5    . DC  D 4 13 ? 0.577   -5.693  13.552  1.00 117.10 ? 13  DC  D C5    1 
ATOM   794 C  C6    . DC  D 4 13 ? -0.061  -6.060  14.669  1.00 120.37 ? 13  DC  D C6    1 
ATOM   795 P  P     . DT  D 4 14 ? -2.579  -10.021 18.897  1.00 151.92 ? 14  DT  D P     1 
ATOM   796 O  OP1   . DT  D 4 14 ? -3.381  -10.167 20.132  1.00 146.76 ? 14  DT  D OP1   1 
ATOM   797 O  OP2   . DT  D 4 14 ? -1.115  -10.220 18.956  1.00 149.93 ? 14  DT  D OP2   1 
ATOM   798 O  "O5'" . DT  D 4 14 ? -3.169  -11.002 17.781  1.00 142.85 ? 14  DT  D "O5'" 1 
ATOM   799 C  "C5'" . DT  D 4 14 ? -3.202  -10.583 16.421  1.00 138.70 ? 14  DT  D "C5'" 1 
ATOM   800 C  "C4'" . DT  D 4 14 ? -3.156  -11.774 15.484  1.00 140.96 ? 14  DT  D "C4'" 1 
ATOM   801 O  "O4'" . DT  D 4 14 ? -2.443  -11.399 14.272  1.00 137.09 ? 14  DT  D "O4'" 1 
ATOM   802 C  "C3'" . DT  D 4 14 ? -2.414  -12.990 16.031  1.00 143.63 ? 14  DT  D "C3'" 1 
ATOM   803 O  "O3'" . DT  D 4 14 ? -2.965  -14.180 15.479  1.00 148.55 ? 14  DT  D "O3'" 1 
ATOM   804 C  "C2'" . DT  D 4 14 ? -1.004  -12.750 15.518  1.00 140.03 ? 14  DT  D "C2'" 1 
ATOM   805 C  "C1'" . DT  D 4 14 ? -1.311  -12.231 14.123  1.00 136.73 ? 14  DT  D "C1'" 1 
ATOM   806 N  N1    . DT  D 4 14 ? -0.202  -11.445 13.512  1.00 134.18 ? 14  DT  D N1    1 
ATOM   807 C  C2    . DT  D 4 14 ? -0.129  -11.344 12.143  1.00 130.69 ? 14  DT  D C2    1 
ATOM   808 O  O2    . DT  D 4 14 ? -0.935  -11.862 11.393  1.00 129.56 ? 14  DT  D O2    1 
ATOM   809 N  N3    . DT  D 4 14 ? 0.927   -10.606 11.678  1.00 128.76 ? 14  DT  D N3    1 
ATOM   810 C  C4    . DT  D 4 14 ? 1.899   -9.976  12.430  1.00 130.25 ? 14  DT  D C4    1 
ATOM   811 O  O4    . DT  D 4 14 ? 2.812   -9.334  11.919  1.00 128.99 ? 14  DT  D O4    1 
ATOM   812 C  C5    . DT  D 4 14 ? 1.766   -10.124 13.861  1.00 132.52 ? 14  DT  D C5    1 
ATOM   813 C  C7    . DT  D 4 14 ? 2.762   -9.486  14.782  1.00 130.72 ? 14  DT  D C7    1 
ATOM   814 C  C6    . DT  D 4 14 ? 0.735   -10.845 14.326  1.00 133.56 ? 14  DT  D C6    1 
ATOM   815 P  P     . DG  D 4 15 ? -3.420  -15.387 16.439  1.00 157.21 ? 15  DG  D P     1 
ATOM   816 O  OP1   . DG  D 4 15 ? -4.897  -15.440 16.415  1.00 155.52 ? 15  DG  D OP1   1 
ATOM   817 O  OP2   . DG  D 4 15 ? -2.709  -15.239 17.727  1.00 149.65 ? 15  DG  D OP2   1 
ATOM   818 O  "O5'" . DG  D 4 15 ? -2.889  -16.699 15.693  1.00 147.33 ? 15  DG  D "O5'" 1 
ATOM   819 C  "C5'" . DG  D 4 15 ? -3.668  -17.288 14.658  1.00 147.35 ? 15  DG  D "C5'" 1 
ATOM   820 C  "C4'" . DG  D 4 15 ? -2.902  -17.307 13.348  1.00 148.20 ? 15  DG  D "C4'" 1 
ATOM   821 O  "O4'" . DG  D 4 15 ? -2.143  -16.093 13.224  1.00 143.54 ? 15  DG  D "O4'" 1 
ATOM   822 C  "C3'" . DG  D 4 15 ? -1.863  -18.408 13.221  1.00 147.77 ? 15  DG  D "C3'" 1 
ATOM   823 O  "O3'" . DG  D 4 15 ? -2.449  -19.622 12.709  1.00 152.82 ? 15  DG  D "O3'" 1 
ATOM   824 C  "C2'" . DG  D 4 15 ? -0.826  -17.820 12.258  1.00 143.36 ? 15  DG  D "C2'" 1 
ATOM   825 C  "C1'" . DG  D 4 15 ? -1.092  -16.311 12.308  1.00 140.51 ? 15  DG  D "C1'" 1 
ATOM   826 N  N9    . DG  D 4 15 ? 0.070   -15.541 12.729  1.00 135.79 ? 15  DG  D N9    1 
ATOM   827 C  C8    . DG  D 4 15 ? 0.511   -15.336 14.013  1.00 136.40 ? 15  DG  D C8    1 
ATOM   828 N  N7    . DG  D 4 15 ? 1.591   -14.606 14.079  1.00 136.05 ? 15  DG  D N7    1 
ATOM   829 C  C5    . DG  D 4 15 ? 1.886   -14.317 12.752  1.00 134.79 ? 15  DG  D C5    1 
ATOM   830 C  C6    . DG  D 4 15 ? 2.945   -13.562 12.194  1.00 131.86 ? 15  DG  D C6    1 
ATOM   831 O  O6    . DG  D 4 15 ? 3.866   -12.977 12.783  1.00 132.86 ? 15  DG  D O6    1 
ATOM   832 N  N1    . DG  D 4 15 ? 2.870   -13.520 10.802  1.00 127.63 ? 15  DG  D N1    1 
ATOM   833 C  C2    . DG  D 4 15 ? 1.894   -14.131 10.049  1.00 126.92 ? 15  DG  D C2    1 
ATOM   834 N  N2    . DG  D 4 15 ? 1.986   -13.982 8.719   1.00 123.18 ? 15  DG  D N2    1 
ATOM   835 N  N3    . DG  D 4 15 ? 0.900   -14.840 10.560  1.00 129.03 ? 15  DG  D N3    1 
ATOM   836 C  C4    . DG  D 4 15 ? 0.959   -14.889 11.912  1.00 133.48 ? 15  DG  D C4    1 
ATOM   837 P  P     . DC  D 4 16 ? -3.283  -19.666 11.328  1.00 166.33 ? 16  DC  D P     1 
ATOM   838 O  OP1   . DC  D 4 16 ? -3.206  -18.404 10.559  1.00 157.65 ? 16  DC  D OP1   1 
ATOM   839 O  OP2   . DC  D 4 16 ? -4.611  -20.198 11.696  1.00 166.07 ? 16  DC  D OP2   1 
ATOM   840 O  "O5'" . DC  D 4 16 ? -2.537  -20.800 10.476  1.00 150.60 ? 16  DC  D "O5'" 1 
ATOM   841 C  "C5'" . DC  D 4 16 ? -1.153  -20.658 10.147  1.00 141.80 ? 16  DC  D "C5'" 1 
ATOM   842 C  "C4'" . DC  D 4 16 ? -0.976  -19.980 8.796   1.00 139.97 ? 16  DC  D "C4'" 1 
ATOM   843 O  "O4'" . DC  D 4 16 ? -0.266  -18.724 8.972   1.00 137.82 ? 16  DC  D "O4'" 1 
ATOM   844 C  "C3'" . DC  D 4 16 ? -0.166  -20.776 7.777   1.00 137.77 ? 16  DC  D "C3'" 1 
ATOM   845 O  "O3'" . DC  D 4 16 ? -0.662  -20.537 6.465   1.00 132.61 ? 16  DC  D "O3'" 1 
ATOM   846 C  "C2'" . DC  D 4 16 ? 1.240   -20.212 7.954   1.00 135.64 ? 16  DC  D "C2'" 1 
ATOM   847 C  "C1'" . DC  D 4 16 ? 0.941   -18.746 8.234   1.00 134.32 ? 16  DC  D "C1'" 1 
ATOM   848 N  N1    . DC  D 4 16 ? 1.998   -18.060 9.038   1.00 133.34 ? 16  DC  D N1    1 
ATOM   849 C  C2    . DC  D 4 16 ? 2.977   -17.294 8.394   1.00 130.97 ? 16  DC  D C2    1 
ATOM   850 O  O2    . DC  D 4 16 ? 2.956   -17.200 7.160   1.00 132.90 ? 16  DC  D O2    1 
ATOM   851 N  N3    . DC  D 4 16 ? 3.925   -16.677 9.143   1.00 126.60 ? 16  DC  D N3    1 
ATOM   852 C  C4    . DC  D 4 16 ? 3.914   -16.803 10.471  1.00 128.10 ? 16  DC  D C4    1 
ATOM   853 N  N4    . DC  D 4 16 ? 4.868   -16.178 11.168  1.00 126.57 ? 16  DC  D N4    1 
ATOM   854 C  C5    . DC  D 4 16 ? 2.924   -17.577 11.144  1.00 131.81 ? 16  DC  D C5    1 
ATOM   855 C  C6    . DC  D 4 16 ? 1.997   -18.182 10.395  1.00 133.36 ? 16  DC  D C6    1 
HETATM 856 AS AS    . CAC E 5 .  ? -2.936  16.438  2.074   1.00 159.20 ? 101 CAC C AS    1 
HETATM 857 AS AS    . CAC F 5 .  ? -0.535  -1.596  4.510   1.00 189.77 ? 101 CAC D AS    1 
HETATM 858 CO CO    . CO  G 6 .  ? -5.328  10.307  -4.616  1.00 141.61 ? 102 CO  D CO    1 
# 
loop_
_pdbx_poly_seq_scheme.asym_id 
_pdbx_poly_seq_scheme.entity_id 
_pdbx_poly_seq_scheme.seq_id 
_pdbx_poly_seq_scheme.mon_id 
_pdbx_poly_seq_scheme.ndb_seq_num 
_pdbx_poly_seq_scheme.pdb_seq_num 
_pdbx_poly_seq_scheme.auth_seq_num 
_pdbx_poly_seq_scheme.pdb_mon_id 
_pdbx_poly_seq_scheme.auth_mon_id 
_pdbx_poly_seq_scheme.pdb_strand_id 
_pdbx_poly_seq_scheme.pdb_ins_code 
_pdbx_poly_seq_scheme.hetero 
A 1 1  DG 1  1  1  DG DG A . n 
A 1 2  DA 2  2  2  DA DA A . n 
A 1 3  DG 3  3  3  DG DG A . n 
A 1 4  DC 4  4  4  DC DC A . n 
A 1 5  DA 5  5  5  DA DA A . n 
A 1 6  DG 6  6  6  DG DG A . n 
A 1 7  DA 7  7  7  DA DA A . n 
A 1 8  DC 8  8  8  DC DC A . n 
A 1 9  DG 9  9  9  DG DG A . n 
A 1 10 DT 10 10 10 DT DT A . n 
A 1 11 DG 11 11 11 DG DG A . n 
B 2 1  DA 1  12 12 DA DA B . n 
B 2 2  DC 2  13 13 DC DC B . n 
B 2 3  DA 3  14 14 DA DA B . n 
B 2 4  DC 4  15 15 DC DC B . n 
B 2 5  DC 5  16 16 DC DC B . n 
B 2 6  DA 6  17 17 DA DA B . n 
B 2 7  DC 7  18 18 DC DC B . n 
B 2 8  DT 8  19 19 DT DT B . n 
B 2 9  DC 9  20 20 DC DC B . n 
B 2 10 DA 10 21 21 DA DA B . n 
C 3 1  DC 1  1  1  DC DC C . n 
C 3 2  DA 2  2  2  DA DA C . n 
C 3 3  DT 3  3  3  DT DT C . n 
C 3 4  DG 4  4  4  DG DG C . n 
C 3 5  DT 5  5  5  DT DT C . n 
D 4 1  DT 1  1  1  DT DT D . n 
D 4 2  DC 2  2  2  DC DC D . n 
D 4 3  DT 3  3  3  DT DT D . n 
D 4 4  DG 4  4  4  DG DG D . n 
D 4 5  DA 5  5  5  DA DA D . n 
D 4 6  DG 6  6  6  DG DG D . n 
D 4 7  DT 7  7  7  DT DT D . n 
D 4 8  DG 8  8  8  DG DG D . n 
D 4 9  DG 9  9  9  DG DG D . n 
D 4 10 DC 10 10 10 DC DC D . n 
D 4 11 DG 11 11 11 DG DG D . n 
D 4 12 DT 12 12 12 DT DT D . n 
D 4 13 DC 13 13 13 DC DC D . n 
D 4 14 DT 14 14 14 DT DT D . n 
D 4 15 DG 15 15 15 DG DG D . n 
D 4 16 DC 16 16 16 DC DC D . n 
# 
loop_
_pdbx_nonpoly_scheme.asym_id 
_pdbx_nonpoly_scheme.entity_id 
_pdbx_nonpoly_scheme.mon_id 
_pdbx_nonpoly_scheme.ndb_seq_num 
_pdbx_nonpoly_scheme.pdb_seq_num 
_pdbx_nonpoly_scheme.auth_seq_num 
_pdbx_nonpoly_scheme.pdb_mon_id 
_pdbx_nonpoly_scheme.auth_mon_id 
_pdbx_nonpoly_scheme.pdb_strand_id 
_pdbx_nonpoly_scheme.pdb_ins_code 
E 5 CAC 1 101 2 CAC AS C . 
F 5 CAC 1 101 1 CAC AS D . 
G 6 CO  1 102 1 CO  CO D . 
# 
_pdbx_struct_assembly.id                   1 
_pdbx_struct_assembly.details              author_and_software_defined_assembly 
_pdbx_struct_assembly.method_details       PISA 
_pdbx_struct_assembly.oligomeric_details   tetrameric 
_pdbx_struct_assembly.oligomeric_count     4 
# 
_pdbx_struct_assembly_gen.assembly_id       1 
_pdbx_struct_assembly_gen.oper_expression   1 
_pdbx_struct_assembly_gen.asym_id_list      A,B,C,D,E,F,G 
# 
loop_
_pdbx_struct_assembly_prop.biol_id 
_pdbx_struct_assembly_prop.type 
_pdbx_struct_assembly_prop.value 
_pdbx_struct_assembly_prop.details 
1 'ABSA (A^2)' 2630 ? 
1 MORE         -19  ? 
1 'SSA (A^2)'  7960 ? 
# 
_pdbx_struct_oper_list.id                   1 
_pdbx_struct_oper_list.type                 'identity operation' 
_pdbx_struct_oper_list.name                 1_555 
_pdbx_struct_oper_list.symmetry_operation   x,y,z 
_pdbx_struct_oper_list.matrix[1][1]         1.0000000000 
_pdbx_struct_oper_list.matrix[1][2]         0.0000000000 
_pdbx_struct_oper_list.matrix[1][3]         0.0000000000 
_pdbx_struct_oper_list.vector[1]            0.0000000000 
_pdbx_struct_oper_list.matrix[2][1]         0.0000000000 
_pdbx_struct_oper_list.matrix[2][2]         1.0000000000 
_pdbx_struct_oper_list.matrix[2][3]         0.0000000000 
_pdbx_struct_oper_list.vector[2]            0.0000000000 
_pdbx_struct_oper_list.matrix[3][1]         0.0000000000 
_pdbx_struct_oper_list.matrix[3][2]         0.0000000000 
_pdbx_struct_oper_list.matrix[3][3]         1.0000000000 
_pdbx_struct_oper_list.vector[3]            0.0000000000 
# 
loop_
_pdbx_audit_revision_history.ordinal 
_pdbx_audit_revision_history.data_content_type 
_pdbx_audit_revision_history.major_revision 
_pdbx_audit_revision_history.minor_revision 
_pdbx_audit_revision_history.revision_date 
1 'Structure model' 1 0 2021-07-14 
2 'Structure model' 1 1 2022-07-06 
3 'Structure model' 1 2 2023-10-18 
# 
_pdbx_audit_revision_details.ordinal             1 
_pdbx_audit_revision_details.revision_ordinal    1 
_pdbx_audit_revision_details.data_content_type   'Structure model' 
_pdbx_audit_revision_details.provider            repository 
_pdbx_audit_revision_details.type                'Initial release' 
_pdbx_audit_revision_details.description         ? 
_pdbx_audit_revision_details.details             ? 
# 
loop_
_pdbx_audit_revision_group.ordinal 
_pdbx_audit_revision_group.revision_ordinal 
_pdbx_audit_revision_group.data_content_type 
_pdbx_audit_revision_group.group 
1 2 'Structure model' 'Database references'    
2 3 'Structure model' 'Data collection'        
3 3 'Structure model' 'Refinement description' 
# 
loop_
_pdbx_audit_revision_category.ordinal 
_pdbx_audit_revision_category.revision_ordinal 
_pdbx_audit_revision_category.data_content_type 
_pdbx_audit_revision_category.category 
1 2 'Structure model' citation                      
2 2 'Structure model' citation_author               
3 2 'Structure model' database_2                    
4 3 'Structure model' chem_comp_atom                
5 3 'Structure model' chem_comp_bond                
6 3 'Structure model' pdbx_initial_refinement_model 
# 
loop_
_pdbx_audit_revision_item.ordinal 
_pdbx_audit_revision_item.revision_ordinal 
_pdbx_audit_revision_item.data_content_type 
_pdbx_audit_revision_item.item 
1  2 'Structure model' '_citation.country'                   
2  2 'Structure model' '_citation.journal_abbrev'            
3  2 'Structure model' '_citation.journal_id_CSD'            
4  2 'Structure model' '_citation.journal_id_ISSN'           
5  2 'Structure model' '_citation.journal_volume'            
6  2 'Structure model' '_citation.page_first'                
7  2 'Structure model' '_citation.page_last'                 
8  2 'Structure model' '_citation.pdbx_database_id_DOI'      
9  2 'Structure model' '_citation.pdbx_database_id_PubMed'   
10 2 'Structure model' '_citation.title'                     
11 2 'Structure model' '_citation.year'                      
12 2 'Structure model' '_database_2.pdbx_DOI'                
13 2 'Structure model' '_database_2.pdbx_database_accession' 
# 
loop_
_software.citation_id 
_software.classification 
_software.compiler_name 
_software.compiler_version 
_software.contact_author 
_software.contact_author_email 
_software.date 
_software.description 
_software.dependencies 
_software.hardware 
_software.language 
_software.location 
_software.mods 
_software.name 
_software.os 
_software.os_version 
_software.type 
_software.version 
_software.pdbx_ordinal 
? refinement        ? ? ? ? ? ? ? ? ? ? ? PHENIX      ? ? ? 1.11.1_2575 1 
? 'data reduction'  ? ? ? ? ? ? ? ? ? ? ? HKL-2000    ? ? ? .           2 
? 'data scaling'    ? ? ? ? ? ? ? ? ? ? ? HKL-2000    ? ? ? .           3 
? 'data extraction' ? ? ? ? ? ? ? ? ? ? ? PDB_EXTRACT ? ? ? 3.25        4 
? phasing           ? ? ? ? ? ? ? ? ? ? ? PHASER      ? ? ? .           5 
# 
_pdbx_entry_details.entry_id                 6XGL 
_pdbx_entry_details.nonpolymer_details       ? 
_pdbx_entry_details.sequence_details         ? 
_pdbx_entry_details.compound_details         ? 
_pdbx_entry_details.source_details           ? 
_pdbx_entry_details.has_ligand_of_interest   N 
# 
_pdbx_validate_rmsd_angle.id                         1 
_pdbx_validate_rmsd_angle.PDB_model_num              1 
_pdbx_validate_rmsd_angle.auth_atom_id_1             "O4'" 
_pdbx_validate_rmsd_angle.auth_asym_id_1             D 
_pdbx_validate_rmsd_angle.auth_comp_id_1             DT 
_pdbx_validate_rmsd_angle.auth_seq_id_1              3 
_pdbx_validate_rmsd_angle.PDB_ins_code_1             ? 
_pdbx_validate_rmsd_angle.label_alt_id_1             ? 
_pdbx_validate_rmsd_angle.auth_atom_id_2             "C1'" 
_pdbx_validate_rmsd_angle.auth_asym_id_2             D 
_pdbx_validate_rmsd_angle.auth_comp_id_2             DT 
_pdbx_validate_rmsd_angle.auth_seq_id_2              3 
_pdbx_validate_rmsd_angle.PDB_ins_code_2             ? 
_pdbx_validate_rmsd_angle.label_alt_id_2             ? 
_pdbx_validate_rmsd_angle.auth_atom_id_3             N1 
_pdbx_validate_rmsd_angle.auth_asym_id_3             D 
_pdbx_validate_rmsd_angle.auth_comp_id_3             DT 
_pdbx_validate_rmsd_angle.auth_seq_id_3              3 
_pdbx_validate_rmsd_angle.PDB_ins_code_3             ? 
_pdbx_validate_rmsd_angle.label_alt_id_3             ? 
_pdbx_validate_rmsd_angle.angle_value                111.15 
_pdbx_validate_rmsd_angle.angle_target_value         108.30 
_pdbx_validate_rmsd_angle.angle_deviation            2.85 
_pdbx_validate_rmsd_angle.angle_standard_deviation   0.30 
_pdbx_validate_rmsd_angle.linker_flag                N 
# 
loop_
_pdbx_unobs_or_zero_occ_atoms.id 
_pdbx_unobs_or_zero_occ_atoms.PDB_model_num 
_pdbx_unobs_or_zero_occ_atoms.polymer_flag 
_pdbx_unobs_or_zero_occ_atoms.occupancy_flag 
_pdbx_unobs_or_zero_occ_atoms.auth_asym_id 
_pdbx_unobs_or_zero_occ_atoms.auth_comp_id 
_pdbx_unobs_or_zero_occ_atoms.auth_seq_id 
_pdbx_unobs_or_zero_occ_atoms.PDB_ins_code 
_pdbx_unobs_or_zero_occ_atoms.auth_atom_id 
_pdbx_unobs_or_zero_occ_atoms.label_alt_id 
_pdbx_unobs_or_zero_occ_atoms.label_asym_id 
_pdbx_unobs_or_zero_occ_atoms.label_comp_id 
_pdbx_unobs_or_zero_occ_atoms.label_seq_id 
_pdbx_unobs_or_zero_occ_atoms.label_atom_id 
1 1 N 1 C CAC 101 ? O1 ? E CAC 1 O1 
2 1 N 1 C CAC 101 ? O2 ? E CAC 1 O2 
3 1 N 1 C CAC 101 ? C1 ? E CAC 1 C1 
4 1 N 1 C CAC 101 ? C2 ? E CAC 1 C2 
5 1 N 1 D CAC 101 ? O1 ? F CAC 1 O1 
6 1 N 1 D CAC 101 ? O2 ? F CAC 1 O2 
7 1 N 1 D CAC 101 ? C1 ? F CAC 1 C1 
8 1 N 1 D CAC 101 ? C2 ? F CAC 1 C2 
# 
loop_
_chem_comp_atom.comp_id 
_chem_comp_atom.atom_id 
_chem_comp_atom.type_symbol 
_chem_comp_atom.pdbx_aromatic_flag 
_chem_comp_atom.pdbx_stereo_config 
_chem_comp_atom.pdbx_ordinal 
CAC AS     AS N N 1   
CAC O1     O  N N 2   
CAC O2     O  N N 3   
CAC C1     C  N N 4   
CAC C2     C  N N 5   
CAC H11    H  N N 6   
CAC H12    H  N N 7   
CAC H13    H  N N 8   
CAC H21    H  N N 9   
CAC H22    H  N N 10  
CAC H23    H  N N 11  
CO  CO     CO N N 12  
DA  OP3    O  N N 13  
DA  P      P  N N 14  
DA  OP1    O  N N 15  
DA  OP2    O  N N 16  
DA  "O5'"  O  N N 17  
DA  "C5'"  C  N N 18  
DA  "C4'"  C  N R 19  
DA  "O4'"  O  N N 20  
DA  "C3'"  C  N S 21  
DA  "O3'"  O  N N 22  
DA  "C2'"  C  N N 23  
DA  "C1'"  C  N R 24  
DA  N9     N  Y N 25  
DA  C8     C  Y N 26  
DA  N7     N  Y N 27  
DA  C5     C  Y N 28  
DA  C6     C  Y N 29  
DA  N6     N  N N 30  
DA  N1     N  Y N 31  
DA  C2     C  Y N 32  
DA  N3     N  Y N 33  
DA  C4     C  Y N 34  
DA  HOP3   H  N N 35  
DA  HOP2   H  N N 36  
DA  "H5'"  H  N N 37  
DA  "H5''" H  N N 38  
DA  "H4'"  H  N N 39  
DA  "H3'"  H  N N 40  
DA  "HO3'" H  N N 41  
DA  "H2'"  H  N N 42  
DA  "H2''" H  N N 43  
DA  "H1'"  H  N N 44  
DA  H8     H  N N 45  
DA  H61    H  N N 46  
DA  H62    H  N N 47  
DA  H2     H  N N 48  
DC  OP3    O  N N 49  
DC  P      P  N N 50  
DC  OP1    O  N N 51  
DC  OP2    O  N N 52  
DC  "O5'"  O  N N 53  
DC  "C5'"  C  N N 54  
DC  "C4'"  C  N R 55  
DC  "O4'"  O  N N 56  
DC  "C3'"  C  N S 57  
DC  "O3'"  O  N N 58  
DC  "C2'"  C  N N 59  
DC  "C1'"  C  N R 60  
DC  N1     N  N N 61  
DC  C2     C  N N 62  
DC  O2     O  N N 63  
DC  N3     N  N N 64  
DC  C4     C  N N 65  
DC  N4     N  N N 66  
DC  C5     C  N N 67  
DC  C6     C  N N 68  
DC  HOP3   H  N N 69  
DC  HOP2   H  N N 70  
DC  "H5'"  H  N N 71  
DC  "H5''" H  N N 72  
DC  "H4'"  H  N N 73  
DC  "H3'"  H  N N 74  
DC  "HO3'" H  N N 75  
DC  "H2'"  H  N N 76  
DC  "H2''" H  N N 77  
DC  "H1'"  H  N N 78  
DC  H41    H  N N 79  
DC  H42    H  N N 80  
DC  H5     H  N N 81  
DC  H6     H  N N 82  
DG  OP3    O  N N 83  
DG  P      P  N N 84  
DG  OP1    O  N N 85  
DG  OP2    O  N N 86  
DG  "O5'"  O  N N 87  
DG  "C5'"  C  N N 88  
DG  "C4'"  C  N R 89  
DG  "O4'"  O  N N 90  
DG  "C3'"  C  N S 91  
DG  "O3'"  O  N N 92  
DG  "C2'"  C  N N 93  
DG  "C1'"  C  N R 94  
DG  N9     N  Y N 95  
DG  C8     C  Y N 96  
DG  N7     N  Y N 97  
DG  C5     C  Y N 98  
DG  C6     C  N N 99  
DG  O6     O  N N 100 
DG  N1     N  N N 101 
DG  C2     C  N N 102 
DG  N2     N  N N 103 
DG  N3     N  N N 104 
DG  C4     C  Y N 105 
DG  HOP3   H  N N 106 
DG  HOP2   H  N N 107 
DG  "H5'"  H  N N 108 
DG  "H5''" H  N N 109 
DG  "H4'"  H  N N 110 
DG  "H3'"  H  N N 111 
DG  "HO3'" H  N N 112 
DG  "H2'"  H  N N 113 
DG  "H2''" H  N N 114 
DG  "H1'"  H  N N 115 
DG  H8     H  N N 116 
DG  H1     H  N N 117 
DG  H21    H  N N 118 
DG  H22    H  N N 119 
DT  OP3    O  N N 120 
DT  P      P  N N 121 
DT  OP1    O  N N 122 
DT  OP2    O  N N 123 
DT  "O5'"  O  N N 124 
DT  "C5'"  C  N N 125 
DT  "C4'"  C  N R 126 
DT  "O4'"  O  N N 127 
DT  "C3'"  C  N S 128 
DT  "O3'"  O  N N 129 
DT  "C2'"  C  N N 130 
DT  "C1'"  C  N R 131 
DT  N1     N  N N 132 
DT  C2     C  N N 133 
DT  O2     O  N N 134 
DT  N3     N  N N 135 
DT  C4     C  N N 136 
DT  O4     O  N N 137 
DT  C5     C  N N 138 
DT  C7     C  N N 139 
DT  C6     C  N N 140 
DT  HOP3   H  N N 141 
DT  HOP2   H  N N 142 
DT  "H5'"  H  N N 143 
DT  "H5''" H  N N 144 
DT  "H4'"  H  N N 145 
DT  "H3'"  H  N N 146 
DT  "HO3'" H  N N 147 
DT  "H2'"  H  N N 148 
DT  "H2''" H  N N 149 
DT  "H1'"  H  N N 150 
DT  H3     H  N N 151 
DT  H71    H  N N 152 
DT  H72    H  N N 153 
DT  H73    H  N N 154 
DT  H6     H  N N 155 
# 
loop_
_chem_comp_bond.comp_id 
_chem_comp_bond.atom_id_1 
_chem_comp_bond.atom_id_2 
_chem_comp_bond.value_order 
_chem_comp_bond.pdbx_aromatic_flag 
_chem_comp_bond.pdbx_stereo_config 
_chem_comp_bond.pdbx_ordinal 
CAC AS    O1     doub N N 1   
CAC AS    O2     sing N N 2   
CAC AS    C1     sing N N 3   
CAC AS    C2     sing N N 4   
CAC C1    H11    sing N N 5   
CAC C1    H12    sing N N 6   
CAC C1    H13    sing N N 7   
CAC C2    H21    sing N N 8   
CAC C2    H22    sing N N 9   
CAC C2    H23    sing N N 10  
DA  OP3   P      sing N N 11  
DA  OP3   HOP3   sing N N 12  
DA  P     OP1    doub N N 13  
DA  P     OP2    sing N N 14  
DA  P     "O5'"  sing N N 15  
DA  OP2   HOP2   sing N N 16  
DA  "O5'" "C5'"  sing N N 17  
DA  "C5'" "C4'"  sing N N 18  
DA  "C5'" "H5'"  sing N N 19  
DA  "C5'" "H5''" sing N N 20  
DA  "C4'" "O4'"  sing N N 21  
DA  "C4'" "C3'"  sing N N 22  
DA  "C4'" "H4'"  sing N N 23  
DA  "O4'" "C1'"  sing N N 24  
DA  "C3'" "O3'"  sing N N 25  
DA  "C3'" "C2'"  sing N N 26  
DA  "C3'" "H3'"  sing N N 27  
DA  "O3'" "HO3'" sing N N 28  
DA  "C2'" "C1'"  sing N N 29  
DA  "C2'" "H2'"  sing N N 30  
DA  "C2'" "H2''" sing N N 31  
DA  "C1'" N9     sing N N 32  
DA  "C1'" "H1'"  sing N N 33  
DA  N9    C8     sing Y N 34  
DA  N9    C4     sing Y N 35  
DA  C8    N7     doub Y N 36  
DA  C8    H8     sing N N 37  
DA  N7    C5     sing Y N 38  
DA  C5    C6     sing Y N 39  
DA  C5    C4     doub Y N 40  
DA  C6    N6     sing N N 41  
DA  C6    N1     doub Y N 42  
DA  N6    H61    sing N N 43  
DA  N6    H62    sing N N 44  
DA  N1    C2     sing Y N 45  
DA  C2    N3     doub Y N 46  
DA  C2    H2     sing N N 47  
DA  N3    C4     sing Y N 48  
DC  OP3   P      sing N N 49  
DC  OP3   HOP3   sing N N 50  
DC  P     OP1    doub N N 51  
DC  P     OP2    sing N N 52  
DC  P     "O5'"  sing N N 53  
DC  OP2   HOP2   sing N N 54  
DC  "O5'" "C5'"  sing N N 55  
DC  "C5'" "C4'"  sing N N 56  
DC  "C5'" "H5'"  sing N N 57  
DC  "C5'" "H5''" sing N N 58  
DC  "C4'" "O4'"  sing N N 59  
DC  "C4'" "C3'"  sing N N 60  
DC  "C4'" "H4'"  sing N N 61  
DC  "O4'" "C1'"  sing N N 62  
DC  "C3'" "O3'"  sing N N 63  
DC  "C3'" "C2'"  sing N N 64  
DC  "C3'" "H3'"  sing N N 65  
DC  "O3'" "HO3'" sing N N 66  
DC  "C2'" "C1'"  sing N N 67  
DC  "C2'" "H2'"  sing N N 68  
DC  "C2'" "H2''" sing N N 69  
DC  "C1'" N1     sing N N 70  
DC  "C1'" "H1'"  sing N N 71  
DC  N1    C2     sing N N 72  
DC  N1    C6     sing N N 73  
DC  C2    O2     doub N N 74  
DC  C2    N3     sing N N 75  
DC  N3    C4     doub N N 76  
DC  C4    N4     sing N N 77  
DC  C4    C5     sing N N 78  
DC  N4    H41    sing N N 79  
DC  N4    H42    sing N N 80  
DC  C5    C6     doub N N 81  
DC  C5    H5     sing N N 82  
DC  C6    H6     sing N N 83  
DG  OP3   P      sing N N 84  
DG  OP3   HOP3   sing N N 85  
DG  P     OP1    doub N N 86  
DG  P     OP2    sing N N 87  
DG  P     "O5'"  sing N N 88  
DG  OP2   HOP2   sing N N 89  
DG  "O5'" "C5'"  sing N N 90  
DG  "C5'" "C4'"  sing N N 91  
DG  "C5'" "H5'"  sing N N 92  
DG  "C5'" "H5''" sing N N 93  
DG  "C4'" "O4'"  sing N N 94  
DG  "C4'" "C3'"  sing N N 95  
DG  "C4'" "H4'"  sing N N 96  
DG  "O4'" "C1'"  sing N N 97  
DG  "C3'" "O3'"  sing N N 98  
DG  "C3'" "C2'"  sing N N 99  
DG  "C3'" "H3'"  sing N N 100 
DG  "O3'" "HO3'" sing N N 101 
DG  "C2'" "C1'"  sing N N 102 
DG  "C2'" "H2'"  sing N N 103 
DG  "C2'" "H2''" sing N N 104 
DG  "C1'" N9     sing N N 105 
DG  "C1'" "H1'"  sing N N 106 
DG  N9    C8     sing Y N 107 
DG  N9    C4     sing Y N 108 
DG  C8    N7     doub Y N 109 
DG  C8    H8     sing N N 110 
DG  N7    C5     sing Y N 111 
DG  C5    C6     sing N N 112 
DG  C5    C4     doub Y N 113 
DG  C6    O6     doub N N 114 
DG  C6    N1     sing N N 115 
DG  N1    C2     sing N N 116 
DG  N1    H1     sing N N 117 
DG  C2    N2     sing N N 118 
DG  C2    N3     doub N N 119 
DG  N2    H21    sing N N 120 
DG  N2    H22    sing N N 121 
DG  N3    C4     sing N N 122 
DT  OP3   P      sing N N 123 
DT  OP3   HOP3   sing N N 124 
DT  P     OP1    doub N N 125 
DT  P     OP2    sing N N 126 
DT  P     "O5'"  sing N N 127 
DT  OP2   HOP2   sing N N 128 
DT  "O5'" "C5'"  sing N N 129 
DT  "C5'" "C4'"  sing N N 130 
DT  "C5'" "H5'"  sing N N 131 
DT  "C5'" "H5''" sing N N 132 
DT  "C4'" "O4'"  sing N N 133 
DT  "C4'" "C3'"  sing N N 134 
DT  "C4'" "H4'"  sing N N 135 
DT  "O4'" "C1'"  sing N N 136 
DT  "C3'" "O3'"  sing N N 137 
DT  "C3'" "C2'"  sing N N 138 
DT  "C3'" "H3'"  sing N N 139 
DT  "O3'" "HO3'" sing N N 140 
DT  "C2'" "C1'"  sing N N 141 
DT  "C2'" "H2'"  sing N N 142 
DT  "C2'" "H2''" sing N N 143 
DT  "C1'" N1     sing N N 144 
DT  "C1'" "H1'"  sing N N 145 
DT  N1    C2     sing N N 146 
DT  N1    C6     sing N N 147 
DT  C2    O2     doub N N 148 
DT  C2    N3     sing N N 149 
DT  N3    C4     sing N N 150 
DT  N3    H3     sing N N 151 
DT  C4    O4     doub N N 152 
DT  C4    C5     sing N N 153 
DT  C5    C7     sing N N 154 
DT  C5    C6     doub N N 155 
DT  C7    H71    sing N N 156 
DT  C7    H72    sing N N 157 
DT  C7    H73    sing N N 158 
DT  C6    H6     sing N N 159 
# 
loop_
_ndb_struct_conf_na.entry_id 
_ndb_struct_conf_na.feature 
6XGL 'double helix'        
6XGL 'a-form double helix' 
6XGL 'b-form double helix' 
# 
loop_
_ndb_struct_na_base_pair.model_number 
_ndb_struct_na_base_pair.i_label_asym_id 
_ndb_struct_na_base_pair.i_label_comp_id 
_ndb_struct_na_base_pair.i_label_seq_id 
_ndb_struct_na_base_pair.i_symmetry 
_ndb_struct_na_base_pair.j_label_asym_id 
_ndb_struct_na_base_pair.j_label_comp_id 
_ndb_struct_na_base_pair.j_label_seq_id 
_ndb_struct_na_base_pair.j_symmetry 
_ndb_struct_na_base_pair.shear 
_ndb_struct_na_base_pair.stretch 
_ndb_struct_na_base_pair.stagger 
_ndb_struct_na_base_pair.buckle 
_ndb_struct_na_base_pair.propeller 
_ndb_struct_na_base_pair.opening 
_ndb_struct_na_base_pair.pair_number 
_ndb_struct_na_base_pair.pair_name 
_ndb_struct_na_base_pair.i_auth_asym_id 
_ndb_struct_na_base_pair.i_auth_seq_id 
_ndb_struct_na_base_pair.i_PDB_ins_code 
_ndb_struct_na_base_pair.j_auth_asym_id 
_ndb_struct_na_base_pair.j_auth_seq_id 
_ndb_struct_na_base_pair.j_PDB_ins_code 
_ndb_struct_na_base_pair.hbond_type_28 
_ndb_struct_na_base_pair.hbond_type_12 
1 A DG 3  1_555 D DC 16 1_555 1.921  0.295  0.201  8.038   -11.045 -10.464 1  A_DG3:DC16_D A 3  ? D 16 ? ?  1 
1 A DC 4  1_555 D DG 15 1_555 -0.646 0.025  -0.021 11.806  -14.438 1.081   2  A_DC4:DG15_D A 4  ? D 15 ? 19 1 
1 A DA 5  1_555 D DT 14 1_555 -0.171 0.111  0.511  0.258   -18.262 1.995   3  A_DA5:DT14_D A 5  ? D 14 ? 20 1 
1 A DG 6  1_555 D DC 13 1_555 0.104  0.171  -0.347 -6.825  -18.378 -3.302  4  A_DG6:DC13_D A 6  ? D 13 ? 19 1 
1 A DA 7  1_555 D DT 12 1_555 0.806  -0.008 -0.828 -10.940 -13.332 -14.714 5  A_DA7:DT12_D A 7  ? D 12 ? 20 1 
1 A DC 8  1_555 D DG 11 1_555 0.584  -0.230 0.051  -6.157  -5.312  -2.123  6  A_DC8:DG11_D A 8  ? D 11 ? 19 1 
1 A DG 9  1_555 D DC 10 1_555 -0.249 -0.385 0.536  -4.080  -11.644 -7.471  7  A_DG9:DC10_D A 9  ? D 10 ? 19 1 
1 A DT 10 1_555 C DA 2  1_555 -1.132 0.282  0.154  -7.156  -25.994 4.013   8  A_DT10:DA2_C A 10 ? C 2  ? 20 1 
1 A DG 11 1_555 C DC 1  1_555 0.553  -0.271 -0.204 -8.940  -21.222 -2.736  9  A_DG11:DC1_C A 11 ? C 1  ? 19 1 
1 B DA 1  1_555 C DT 5  1_555 0.925  0.009  0.135  -0.321  -1.912  -7.500  10 B_DA12:DT5_C B 12 ? C 5  ? 20 1 
1 B DC 2  1_555 C DG 4  1_555 0.137  -0.191 0.381  4.899   -3.868  -8.731  11 B_DC13:DG4_C B 13 ? C 4  ? 19 1 
1 B DA 3  1_555 C DT 3  1_555 0.881  0.254  -0.146 2.091   -7.378  -19.055 12 B_DA14:DT3_C B 14 ? C 3  ? 20 1 
1 B DC 4  1_555 D DG 9  1_555 -0.016 -0.011 -0.470 4.936   -0.533  8.543   13 B_DC15:DG9_D B 15 ? D 9  ? 19 1 
1 B DC 5  1_555 D DG 8  1_555 0.327  -0.366 -0.060 13.302  -3.312  -0.696  14 B_DC16:DG8_D B 16 ? D 8  ? 19 1 
1 B DA 6  1_555 D DT 7  1_555 1.255  0.388  -0.075 10.977  -12.835 -8.409  15 B_DA17:DT7_D B 17 ? D 7  ? 20 1 
1 B DC 7  1_555 D DG 6  1_555 -0.115 0.128  -1.003 16.744  -9.409  -3.289  16 B_DC18:DG6_D B 18 ? D 6  ? 19 1 
1 B DT 8  1_555 D DA 5  1_555 -0.244 0.470  -1.558 23.062  -15.773 -11.498 17 B_DT19:DA5_D B 19 ? D 5  ? 20 1 
1 B DC 9  1_555 D DG 4  1_555 -0.229 0.632  -0.275 19.156  -20.281 11.424  18 B_DC20:DG4_D B 20 ? D 4  ? ?  1 
1 B DA 10 1_555 D DT 3  1_555 1.637  0.194  -0.217 -1.246  -23.613 6.261   19 B_DA21:DT3_D B 21 ? D 3  ? 20 1 
# 
loop_
_ndb_struct_na_base_pair_step.model_number 
_ndb_struct_na_base_pair_step.i_label_asym_id_1 
_ndb_struct_na_base_pair_step.i_label_comp_id_1 
_ndb_struct_na_base_pair_step.i_label_seq_id_1 
_ndb_struct_na_base_pair_step.i_symmetry_1 
_ndb_struct_na_base_pair_step.j_label_asym_id_1 
_ndb_struct_na_base_pair_step.j_label_comp_id_1 
_ndb_struct_na_base_pair_step.j_label_seq_id_1 
_ndb_struct_na_base_pair_step.j_symmetry_1 
_ndb_struct_na_base_pair_step.i_label_asym_id_2 
_ndb_struct_na_base_pair_step.i_label_comp_id_2 
_ndb_struct_na_base_pair_step.i_label_seq_id_2 
_ndb_struct_na_base_pair_step.i_symmetry_2 
_ndb_struct_na_base_pair_step.j_label_asym_id_2 
_ndb_struct_na_base_pair_step.j_label_comp_id_2 
_ndb_struct_na_base_pair_step.j_label_seq_id_2 
_ndb_struct_na_base_pair_step.j_symmetry_2 
_ndb_struct_na_base_pair_step.shift 
_ndb_struct_na_base_pair_step.slide 
_ndb_struct_na_base_pair_step.rise 
_ndb_struct_na_base_pair_step.tilt 
_ndb_struct_na_base_pair_step.roll 
_ndb_struct_na_base_pair_step.twist 
_ndb_struct_na_base_pair_step.x_displacement 
_ndb_struct_na_base_pair_step.y_displacement 
_ndb_struct_na_base_pair_step.helical_rise 
_ndb_struct_na_base_pair_step.inclination 
_ndb_struct_na_base_pair_step.tip 
_ndb_struct_na_base_pair_step.helical_twist 
_ndb_struct_na_base_pair_step.step_number 
_ndb_struct_na_base_pair_step.step_name 
_ndb_struct_na_base_pair_step.i_auth_asym_id_1 
_ndb_struct_na_base_pair_step.i_auth_seq_id_1 
_ndb_struct_na_base_pair_step.i_PDB_ins_code_1 
_ndb_struct_na_base_pair_step.j_auth_asym_id_1 
_ndb_struct_na_base_pair_step.j_auth_seq_id_1 
_ndb_struct_na_base_pair_step.j_PDB_ins_code_1 
_ndb_struct_na_base_pair_step.i_auth_asym_id_2 
_ndb_struct_na_base_pair_step.i_auth_seq_id_2 
_ndb_struct_na_base_pair_step.i_PDB_ins_code_2 
_ndb_struct_na_base_pair_step.j_auth_asym_id_2 
_ndb_struct_na_base_pair_step.j_auth_seq_id_2 
_ndb_struct_na_base_pair_step.j_PDB_ins_code_2 
1 A DG 3  1_555 D DC 16 1_555 A DC 4  1_555 D DG 15 1_555 0.668  -1.035 3.037 2.484  0.333  23.865 -2.589 -0.854 3.075 0.803  
-5.987  23.994 1  AA_DG3DC4:DG15DC16_DD A 3  ? D 16 ? A 4  ? D 15 ? 
1 A DC 4  1_555 D DG 15 1_555 A DA 5  1_555 D DT 14 1_555 -0.259 1.517  3.805 -0.781 -0.455 40.615 2.244  0.273  3.792 -0.655 
1.125   40.625 2  AA_DC4DA5:DT14DG15_DD A 4  ? D 15 ? A 5  ? D 14 ? 
1 A DA 5  1_555 D DT 14 1_555 A DG 6  1_555 D DC 13 1_555 -0.116 -0.549 3.772 -2.205 0.814  30.397 -1.231 -0.285 3.755 1.550  
4.198   30.486 3  AA_DA5DG6:DC13DT14_DD A 5  ? D 14 ? A 6  ? D 13 ? 
1 A DG 6  1_555 D DC 13 1_555 A DA 7  1_555 D DT 12 1_555 -0.712 -0.656 3.354 2.873  1.085  39.545 -1.096 1.389  3.278 1.601  
-4.238  39.659 4  AA_DG6DA7:DT12DC13_DD A 6  ? D 13 ? A 7  ? D 12 ? 
1 A DA 7  1_555 D DT 12 1_555 A DC 8  1_555 D DG 11 1_555 1.283  -0.978 3.135 -6.452 -0.806 32.807 -1.577 -3.217 2.860 -1.410 
11.286  33.428 5  AA_DA7DC8:DG11DT12_DD A 7  ? D 12 ? A 8  ? D 11 ? 
1 A DC 8  1_555 D DG 11 1_555 A DG 9  1_555 D DC 10 1_555 -0.577 -1.294 3.018 -2.493 -0.190 30.782 -2.395 0.634  3.062 -0.356 
4.688   30.881 6  AA_DC8DG9:DC10DG11_DD A 8  ? D 11 ? A 9  ? D 10 ? 
1 A DG 9  1_555 D DC 10 1_555 A DT 10 1_555 C DA 2  1_555 -0.539 -1.978 3.135 1.237  8.611  20.672 -7.759 1.769  2.114 22.740 
-3.268  22.409 7  AA_DG9DT10:DA2DC10_CD A 9  ? D 10 ? A 10 ? C 2  ? 
1 A DT 10 1_555 C DA 2  1_555 A DG 11 1_555 C DC 1  1_555 -0.808 1.106  3.648 -0.293 4.917  42.231 0.960  1.081  3.753 6.797  
0.405   42.504 8  AA_DT10DG11:DC1DA2_CC A 10 ? C 2  ? A 11 ? C 1  ? 
1 B DA 1  1_555 C DT 5  1_555 B DC 2  1_555 C DG 4  1_555 0.969  -1.451 3.107 -3.435 0.141  30.916 -2.731 -2.420 2.978 0.263  
6.419   31.102 9  BB_DA12DC13:DG4DT5_CC B 12 ? C 5  ? B 13 ? C 4  ? 
1 B DC 2  1_555 C DG 4  1_555 B DA 3  1_555 C DT 3  1_555 -1.115 -1.645 3.039 1.611  5.033  40.479 -2.854 1.758  2.779 7.236  
-2.317  40.808 10 BB_DC13DA14:DT3DG4_CC B 13 ? C 4  ? B 14 ? C 3  ? 
1 B DA 3  1_555 C DT 3  1_555 B DC 4  1_555 D DG 9  1_555 0.078  -1.418 3.102 1.561  -0.188 21.012 -3.802 0.410  3.112 -0.514 
-4.272  21.070 11 BB_DA14DC15:DG9DT3_DC B 14 ? C 3  ? B 15 ? D 9  ? 
1 B DC 4  1_555 D DG 9  1_555 B DC 5  1_555 D DG 8  1_555 -0.403 0.426  3.284 1.548  2.818  32.341 0.264  0.992  3.286 5.044  
-2.770  32.496 12 BB_DC15DC16:DG8DG9_DD B 15 ? D 9  ? B 16 ? D 8  ? 
1 B DC 5  1_555 D DG 8  1_555 B DA 6  1_555 D DT 7  1_555 -0.110 1.136  3.320 0.941  1.910  46.915 1.265  0.217  3.359 2.397  
-1.182  46.961 13 BB_DC16DA17:DT7DG8_DD B 16 ? D 8  ? B 17 ? D 7  ? 
1 B DA 6  1_555 D DT 7  1_555 B DC 7  1_555 D DG 6  1_555 0.527  -0.885 3.099 4.793  2.395  23.582 -2.838 0.192  3.041 5.766  
-11.537 24.175 14 BB_DA17DC18:DG6DT7_DD B 17 ? D 7  ? B 18 ? D 6  ? 
1 B DC 7  1_555 D DG 6  1_555 B DT 8  1_555 D DA 5  1_555 -0.321 -0.353 3.138 5.091  3.040  34.765 -1.010 1.246  3.022 5.043  
-8.444  35.252 15 BB_DC18DT19:DA5DG6_DD B 18 ? D 6  ? B 19 ? D 5  ? 
1 B DT 8  1_555 D DA 5  1_555 B DC 9  1_555 D DG 4  1_555 1.826  1.688  3.509 4.786  4.940  37.967 1.860  -2.091 3.883 7.517  
-7.284  38.562 16 BB_DT19DC20:DG4DA5_DD B 19 ? D 5  ? B 20 ? D 4  ? 
1 B DC 9  1_555 D DG 4  1_555 B DA 10 1_555 D DT 3  1_555 -0.035 1.809  4.126 2.081  0.087  46.104 2.299  0.269  4.124 0.111  
-2.655  46.149 17 BB_DC20DA21:DT3DG4_DD B 20 ? D 4  ? B 21 ? D 3  ? 
# 
loop_
_pdbx_audit_support.funding_organization 
_pdbx_audit_support.country 
_pdbx_audit_support.grant_number 
_pdbx_audit_support.ordinal 
'National Science Foundation (NSF, United States)'                                         'United States' 1360635     1 
'National Institutes of Health/National Institute of General Medical Sciences (NIH/NIGMS)' 'United States' R01GM104960 2 
'National Science Foundation (NSF, United States)'                                         'United States' NSF2004250  3 
# 
loop_
_pdbx_entity_nonpoly.entity_id 
_pdbx_entity_nonpoly.name 
_pdbx_entity_nonpoly.comp_id 
5 'CACODYLATE ION'  CAC 
6 'COBALT (II) ION' CO  
# 
_pdbx_initial_refinement_model.id               1 
_pdbx_initial_refinement_model.entity_id_list   ? 
_pdbx_initial_refinement_model.type             'experimental model' 
_pdbx_initial_refinement_model.source_name      PDB 
_pdbx_initial_refinement_model.accession_code   6X8C 
_pdbx_initial_refinement_model.details          ? 
# 
_pdbx_struct_assembly_auth_evidence.id                     1 
_pdbx_struct_assembly_auth_evidence.assembly_id            1 
_pdbx_struct_assembly_auth_evidence.experimental_support   none 
_pdbx_struct_assembly_auth_evidence.details                ? 
# 
